data_5J1R
# 
_entry.id   5J1R 
# 
_audit_conform.dict_name       mmcif_pdbx.dic 
_audit_conform.dict_version    5.383 
_audit_conform.dict_location   http://mmcif.pdb.org/dictionaries/ascii/mmcif_pdbx.dic 
# 
loop_
_database_2.database_id 
_database_2.database_code 
_database_2.pdbx_database_accession 
_database_2.pdbx_DOI 
PDB   5J1R         pdb_00005j1r 10.2210/pdb5j1r/pdb 
WWPDB D_1000219814 ?            ?                   
# 
loop_
_pdbx_audit_revision_history.ordinal 
_pdbx_audit_revision_history.data_content_type 
_pdbx_audit_revision_history.major_revision 
_pdbx_audit_revision_history.minor_revision 
_pdbx_audit_revision_history.revision_date 
1 'Structure model' 1 0 2017-03-29 
2 'Structure model' 1 1 2017-05-31 
3 'Structure model' 1 2 2017-09-13 
4 'Structure model' 1 3 2024-01-10 
# 
_pdbx_audit_revision_details.ordinal             1 
_pdbx_audit_revision_details.revision_ordinal    1 
_pdbx_audit_revision_details.data_content_type   'Structure model' 
_pdbx_audit_revision_details.provider            repository 
_pdbx_audit_revision_details.type                'Initial release' 
_pdbx_audit_revision_details.description         ? 
_pdbx_audit_revision_details.details             ? 
# 
loop_
_pdbx_audit_revision_group.ordinal 
_pdbx_audit_revision_group.revision_ordinal 
_pdbx_audit_revision_group.data_content_type 
_pdbx_audit_revision_group.group 
1 2 'Structure model' 'Database references'        
2 3 'Structure model' 'Author supporting evidence' 
3 4 'Structure model' 'Data collection'            
4 4 'Structure model' 'Database references'        
5 4 'Structure model' 'Refinement description'     
# 
loop_
_pdbx_audit_revision_category.ordinal 
_pdbx_audit_revision_category.revision_ordinal 
_pdbx_audit_revision_category.data_content_type 
_pdbx_audit_revision_category.category 
1 3 'Structure model' pdbx_audit_support            
2 4 'Structure model' chem_comp_atom                
3 4 'Structure model' chem_comp_bond                
4 4 'Structure model' database_2                    
5 4 'Structure model' pdbx_initial_refinement_model 
# 
loop_
_pdbx_audit_revision_item.ordinal 
_pdbx_audit_revision_item.revision_ordinal 
_pdbx_audit_revision_item.data_content_type 
_pdbx_audit_revision_item.item 
1 3 'Structure model' '_pdbx_audit_support.funding_organization' 
2 4 'Structure model' '_database_2.pdbx_DOI'                     
3 4 'Structure model' '_database_2.pdbx_database_accession'      
# 
_pdbx_database_status.status_code                     REL 
_pdbx_database_status.status_code_sf                  REL 
_pdbx_database_status.status_code_mr                  ? 
_pdbx_database_status.entry_id                        5J1R 
_pdbx_database_status.recvd_initial_deposition_date   2016-03-29 
_pdbx_database_status.SG_entry                        N 
_pdbx_database_status.deposit_site                    RCSB 
_pdbx_database_status.process_site                    PDBE 
_pdbx_database_status.status_code_cs                  ? 
_pdbx_database_status.methods_development_category    ? 
_pdbx_database_status.pdb_format_compatible           Y 
_pdbx_database_status.status_code_nmr_data            ? 
# 
loop_
_audit_author.name 
_audit_author.pdbx_ordinal 
'Blaszczyk, M.'   1 
'Surade, S.'      2 
'Nikiforov, P.O.' 3 
'Abell, C.'       4 
'Blundell, T.L.'  5 
# 
_citation.abstract                  ? 
_citation.abstract_id_CAS           ? 
_citation.book_id_ISBN              ? 
_citation.book_publisher            ? 
_citation.book_publisher_city       ? 
_citation.book_title                ? 
_citation.coordinate_linkage        ? 
_citation.country                   US 
_citation.database_id_Medline       ? 
_citation.details                   ? 
_citation.id                        primary 
_citation.journal_abbrev            'ACS Chem. Biol.' 
_citation.journal_id_ASTM           ? 
_citation.journal_id_CSD            ? 
_citation.journal_id_ISSN           1554-8937 
_citation.journal_full              ? 
_citation.journal_issue             ? 
_citation.journal_volume            12 
_citation.language                  ? 
_citation.page_first                1390 
_citation.page_last                 1396 
_citation.title                     
;Fragment-Sized EthR Inhibitors Exhibit Exceptionally Strong Ethionamide Boosting Effect in Whole-Cell Mycobacterium tuberculosis Assays.
;
_citation.year                      2017 
_citation.database_id_CSD           ? 
_citation.pdbx_database_id_DOI      10.1021/acschembio.7b00091 
_citation.pdbx_database_id_PubMed   28314097 
_citation.unpublished_flag          ? 
# 
loop_
_citation_author.citation_id 
_citation_author.name 
_citation_author.ordinal 
_citation_author.identifier_ORCID 
primary 'Nikiforov, P.O.' 1  ? 
primary 'Blaszczyk, M.'   2  ? 
primary 'Surade, S.'      3  ? 
primary 'Boshoff, H.I.'   4  ? 
primary 'Sajid, A.'       5  ? 
primary 'Delorme, V.'     6  ? 
primary 'Deboosere, N.'   7  ? 
primary 'Brodin, P.'      8  ? 
primary 'Baulard, A.R.'   9  ? 
primary 'Barry, C.E.'     10 ? 
primary 'Blundell, T.L.'  11 ? 
primary 'Abell, C.'       12 ? 
# 
loop_
_entity.id 
_entity.type 
_entity.src_method 
_entity.pdbx_description 
_entity.formula_weight 
_entity.pdbx_number_of_molecules 
_entity.pdbx_ec 
_entity.pdbx_mutation 
_entity.pdbx_fragment 
_entity.details 
1 polymer     man EthR                                             23781.705 1  ? ? ? ? 
2 non-polymer syn '3-(furan-3-yl)-1-(pyrrolidin-1-yl)propan-1-one' 193.242   1  ? ? ? ? 
3 water       nat water                                            18.015    40 ? ? ? ? 
# 
_entity_name_com.entity_id   1 
_entity_name_com.name        'Mutant monooxygenase EthR,TetR family transcriptional regulator' 
# 
_entity_poly.entity_id                      1 
_entity_poly.type                           'polypeptide(L)' 
_entity_poly.nstd_linkage                   no 
_entity_poly.nstd_monomer                   no 
_entity_poly.pdbx_seq_one_letter_code       
;MTTSAASQASLPRGRRTARPSGDDRELAILATAENLLEDRPLADISVDDLAKGAGISRPTFYFYFPSKEAVLLTLLDRVV
NQADMALQTLAENPADTDRENMWRTGINVFFETFGSHKAVTRAGQAARATSVEVAELWSTFMQKWIAYTAAVIDAERDRG
AAPRTLPAHELATALNLMNERTLFASFAGEQPSVPEARVLDTLVHIWVTSIYGENR
;
_entity_poly.pdbx_seq_one_letter_code_can   
;MTTSAASQASLPRGRRTARPSGDDRELAILATAENLLEDRPLADISVDDLAKGAGISRPTFYFYFPSKEAVLLTLLDRVV
NQADMALQTLAENPADTDRENMWRTGINVFFETFGSHKAVTRAGQAARATSVEVAELWSTFMQKWIAYTAAVIDAERDRG
AAPRTLPAHELATALNLMNERTLFASFAGEQPSVPEARVLDTLVHIWVTSIYGENR
;
_entity_poly.pdbx_strand_id                 A 
_entity_poly.pdbx_target_identifier         ? 
# 
loop_
_pdbx_entity_nonpoly.entity_id 
_pdbx_entity_nonpoly.name 
_pdbx_entity_nonpoly.comp_id 
2 '3-(furan-3-yl)-1-(pyrrolidin-1-yl)propan-1-one' 6FG 
3 water                                            HOH 
# 
loop_
_entity_poly_seq.entity_id 
_entity_poly_seq.num 
_entity_poly_seq.mon_id 
_entity_poly_seq.hetero 
1 1   MET n 
1 2   THR n 
1 3   THR n 
1 4   SER n 
1 5   ALA n 
1 6   ALA n 
1 7   SER n 
1 8   GLN n 
1 9   ALA n 
1 10  SER n 
1 11  LEU n 
1 12  PRO n 
1 13  ARG n 
1 14  GLY n 
1 15  ARG n 
1 16  ARG n 
1 17  THR n 
1 18  ALA n 
1 19  ARG n 
1 20  PRO n 
1 21  SER n 
1 22  GLY n 
1 23  ASP n 
1 24  ASP n 
1 25  ARG n 
1 26  GLU n 
1 27  LEU n 
1 28  ALA n 
1 29  ILE n 
1 30  LEU n 
1 31  ALA n 
1 32  THR n 
1 33  ALA n 
1 34  GLU n 
1 35  ASN n 
1 36  LEU n 
1 37  LEU n 
1 38  GLU n 
1 39  ASP n 
1 40  ARG n 
1 41  PRO n 
1 42  LEU n 
1 43  ALA n 
1 44  ASP n 
1 45  ILE n 
1 46  SER n 
1 47  VAL n 
1 48  ASP n 
1 49  ASP n 
1 50  LEU n 
1 51  ALA n 
1 52  LYS n 
1 53  GLY n 
1 54  ALA n 
1 55  GLY n 
1 56  ILE n 
1 57  SER n 
1 58  ARG n 
1 59  PRO n 
1 60  THR n 
1 61  PHE n 
1 62  TYR n 
1 63  PHE n 
1 64  TYR n 
1 65  PHE n 
1 66  PRO n 
1 67  SER n 
1 68  LYS n 
1 69  GLU n 
1 70  ALA n 
1 71  VAL n 
1 72  LEU n 
1 73  LEU n 
1 74  THR n 
1 75  LEU n 
1 76  LEU n 
1 77  ASP n 
1 78  ARG n 
1 79  VAL n 
1 80  VAL n 
1 81  ASN n 
1 82  GLN n 
1 83  ALA n 
1 84  ASP n 
1 85  MET n 
1 86  ALA n 
1 87  LEU n 
1 88  GLN n 
1 89  THR n 
1 90  LEU n 
1 91  ALA n 
1 92  GLU n 
1 93  ASN n 
1 94  PRO n 
1 95  ALA n 
1 96  ASP n 
1 97  THR n 
1 98  ASP n 
1 99  ARG n 
1 100 GLU n 
1 101 ASN n 
1 102 MET n 
1 103 TRP n 
1 104 ARG n 
1 105 THR n 
1 106 GLY n 
1 107 ILE n 
1 108 ASN n 
1 109 VAL n 
1 110 PHE n 
1 111 PHE n 
1 112 GLU n 
1 113 THR n 
1 114 PHE n 
1 115 GLY n 
1 116 SER n 
1 117 HIS n 
1 118 LYS n 
1 119 ALA n 
1 120 VAL n 
1 121 THR n 
1 122 ARG n 
1 123 ALA n 
1 124 GLY n 
1 125 GLN n 
1 126 ALA n 
1 127 ALA n 
1 128 ARG n 
1 129 ALA n 
1 130 THR n 
1 131 SER n 
1 132 VAL n 
1 133 GLU n 
1 134 VAL n 
1 135 ALA n 
1 136 GLU n 
1 137 LEU n 
1 138 TRP n 
1 139 SER n 
1 140 THR n 
1 141 PHE n 
1 142 MET n 
1 143 GLN n 
1 144 LYS n 
1 145 TRP n 
1 146 ILE n 
1 147 ALA n 
1 148 TYR n 
1 149 THR n 
1 150 ALA n 
1 151 ALA n 
1 152 VAL n 
1 153 ILE n 
1 154 ASP n 
1 155 ALA n 
1 156 GLU n 
1 157 ARG n 
1 158 ASP n 
1 159 ARG n 
1 160 GLY n 
1 161 ALA n 
1 162 ALA n 
1 163 PRO n 
1 164 ARG n 
1 165 THR n 
1 166 LEU n 
1 167 PRO n 
1 168 ALA n 
1 169 HIS n 
1 170 GLU n 
1 171 LEU n 
1 172 ALA n 
1 173 THR n 
1 174 ALA n 
1 175 LEU n 
1 176 ASN n 
1 177 LEU n 
1 178 MET n 
1 179 ASN n 
1 180 GLU n 
1 181 ARG n 
1 182 THR n 
1 183 LEU n 
1 184 PHE n 
1 185 ALA n 
1 186 SER n 
1 187 PHE n 
1 188 ALA n 
1 189 GLY n 
1 190 GLU n 
1 191 GLN n 
1 192 PRO n 
1 193 SER n 
1 194 VAL n 
1 195 PRO n 
1 196 GLU n 
1 197 ALA n 
1 198 ARG n 
1 199 VAL n 
1 200 LEU n 
1 201 ASP n 
1 202 THR n 
1 203 LEU n 
1 204 VAL n 
1 205 HIS n 
1 206 ILE n 
1 207 TRP n 
1 208 VAL n 
1 209 THR n 
1 210 SER n 
1 211 ILE n 
1 212 TYR n 
1 213 GLY n 
1 214 GLU n 
1 215 ASN n 
1 216 ARG n 
# 
_entity_src_gen.entity_id                          1 
_entity_src_gen.pdbx_src_id                        1 
_entity_src_gen.pdbx_alt_source_flag               sample 
_entity_src_gen.pdbx_seq_type                      'Biological sequence' 
_entity_src_gen.pdbx_beg_seq_num                   1 
_entity_src_gen.pdbx_end_seq_num                   216 
_entity_src_gen.gene_src_common_name               ? 
_entity_src_gen.gene_src_genus                     ? 
_entity_src_gen.pdbx_gene_src_gene                 
;ethR_2, ethR, ethR_1, AFL40_4013, BN1213_00375, BN1303_02839, ERS007657_00006, ERS007665_03402, ERS007670_00101, ERS007672_00126, ERS007679_01009, ERS007681_01169, ERS007688_00760, ERS007703_00420, ERS007722_01164, ERS007741_02569, ERS013447_02283, ERS013471_02551, ERS023446_02032, ERS024213_01441, ERS024276_01130, ERS027644_00684, ERS027646_02322, ERS027654_00374, ERS027656_00876, ERS031537_01716, ERS075357_02728, ERS075361_00362, ERS075387_01097, ERS124361_02860, IQ38_20160, IQ40_19545, IQ45_19480, IQ47_19420, IU13_19735, IU16_19625
;
_entity_src_gen.gene_src_species                   ? 
_entity_src_gen.gene_src_strain                    ? 
_entity_src_gen.gene_src_tissue                    ? 
_entity_src_gen.gene_src_tissue_fraction           ? 
_entity_src_gen.gene_src_details                   ? 
_entity_src_gen.pdbx_gene_src_fragment             ? 
_entity_src_gen.pdbx_gene_src_scientific_name      'Mycobacterium tuberculosis' 
_entity_src_gen.pdbx_gene_src_ncbi_taxonomy_id     1773 
_entity_src_gen.pdbx_gene_src_variant              ? 
_entity_src_gen.pdbx_gene_src_cell_line            ? 
_entity_src_gen.pdbx_gene_src_atcc                 ? 
_entity_src_gen.pdbx_gene_src_organ                ? 
_entity_src_gen.pdbx_gene_src_organelle            ? 
_entity_src_gen.pdbx_gene_src_cell                 ? 
_entity_src_gen.pdbx_gene_src_cellular_location    ? 
_entity_src_gen.host_org_common_name               ? 
_entity_src_gen.pdbx_host_org_scientific_name      'Escherichia coli' 
_entity_src_gen.pdbx_host_org_ncbi_taxonomy_id     562 
_entity_src_gen.host_org_genus                     ? 
_entity_src_gen.pdbx_host_org_gene                 ? 
_entity_src_gen.pdbx_host_org_organ                ? 
_entity_src_gen.host_org_species                   ? 
_entity_src_gen.pdbx_host_org_tissue               ? 
_entity_src_gen.pdbx_host_org_tissue_fraction      ? 
_entity_src_gen.pdbx_host_org_strain               ? 
_entity_src_gen.pdbx_host_org_variant              ? 
_entity_src_gen.pdbx_host_org_cell_line            ? 
_entity_src_gen.pdbx_host_org_atcc                 ? 
_entity_src_gen.pdbx_host_org_culture_collection   ? 
_entity_src_gen.pdbx_host_org_cell                 ? 
_entity_src_gen.pdbx_host_org_organelle            ? 
_entity_src_gen.pdbx_host_org_cellular_location    ? 
_entity_src_gen.pdbx_host_org_vector_type          ? 
_entity_src_gen.pdbx_host_org_vector               ? 
_entity_src_gen.host_org_details                   ? 
_entity_src_gen.expression_system_id               ? 
_entity_src_gen.plasmid_name                       ? 
_entity_src_gen.plasmid_details                    ? 
_entity_src_gen.pdbx_description                   ? 
# 
loop_
_chem_comp.id 
_chem_comp.type 
_chem_comp.mon_nstd_flag 
_chem_comp.name 
_chem_comp.pdbx_synonyms 
_chem_comp.formula 
_chem_comp.formula_weight 
6FG non-polymer         . '3-(furan-3-yl)-1-(pyrrolidin-1-yl)propan-1-one' ? 'C11 H15 N O2'   193.242 
ALA 'L-peptide linking' y ALANINE                                          ? 'C3 H7 N O2'     89.093  
ARG 'L-peptide linking' y ARGININE                                         ? 'C6 H15 N4 O2 1' 175.209 
ASN 'L-peptide linking' y ASPARAGINE                                       ? 'C4 H8 N2 O3'    132.118 
ASP 'L-peptide linking' y 'ASPARTIC ACID'                                  ? 'C4 H7 N O4'     133.103 
GLN 'L-peptide linking' y GLUTAMINE                                        ? 'C5 H10 N2 O3'   146.144 
GLU 'L-peptide linking' y 'GLUTAMIC ACID'                                  ? 'C5 H9 N O4'     147.129 
GLY 'peptide linking'   y GLYCINE                                          ? 'C2 H5 N O2'     75.067  
HIS 'L-peptide linking' y HISTIDINE                                        ? 'C6 H10 N3 O2 1' 156.162 
HOH non-polymer         . WATER                                            ? 'H2 O'           18.015  
ILE 'L-peptide linking' y ISOLEUCINE                                       ? 'C6 H13 N O2'    131.173 
LEU 'L-peptide linking' y LEUCINE                                          ? 'C6 H13 N O2'    131.173 
LYS 'L-peptide linking' y LYSINE                                           ? 'C6 H15 N2 O2 1' 147.195 
MET 'L-peptide linking' y METHIONINE                                       ? 'C5 H11 N O2 S'  149.211 
PHE 'L-peptide linking' y PHENYLALANINE                                    ? 'C9 H11 N O2'    165.189 
PRO 'L-peptide linking' y PROLINE                                          ? 'C5 H9 N O2'     115.130 
SER 'L-peptide linking' y SERINE                                           ? 'C3 H7 N O3'     105.093 
THR 'L-peptide linking' y THREONINE                                        ? 'C4 H9 N O3'     119.119 
TRP 'L-peptide linking' y TRYPTOPHAN                                       ? 'C11 H12 N2 O2'  204.225 
TYR 'L-peptide linking' y TYROSINE                                         ? 'C9 H11 N O3'    181.189 
VAL 'L-peptide linking' y VALINE                                           ? 'C5 H11 N O2'    117.146 
# 
loop_
_pdbx_poly_seq_scheme.asym_id 
_pdbx_poly_seq_scheme.entity_id 
_pdbx_poly_seq_scheme.seq_id 
_pdbx_poly_seq_scheme.mon_id 
_pdbx_poly_seq_scheme.ndb_seq_num 
_pdbx_poly_seq_scheme.pdb_seq_num 
_pdbx_poly_seq_scheme.auth_seq_num 
_pdbx_poly_seq_scheme.pdb_mon_id 
_pdbx_poly_seq_scheme.auth_mon_id 
_pdbx_poly_seq_scheme.pdb_strand_id 
_pdbx_poly_seq_scheme.pdb_ins_code 
_pdbx_poly_seq_scheme.hetero 
A 1 1   MET 1   1   ?   ?   ?   A . n 
A 1 2   THR 2   2   ?   ?   ?   A . n 
A 1 3   THR 3   3   ?   ?   ?   A . n 
A 1 4   SER 4   4   ?   ?   ?   A . n 
A 1 5   ALA 5   5   ?   ?   ?   A . n 
A 1 6   ALA 6   6   ?   ?   ?   A . n 
A 1 7   SER 7   7   ?   ?   ?   A . n 
A 1 8   GLN 8   8   ?   ?   ?   A . n 
A 1 9   ALA 9   9   ?   ?   ?   A . n 
A 1 10  SER 10  10  ?   ?   ?   A . n 
A 1 11  LEU 11  11  ?   ?   ?   A . n 
A 1 12  PRO 12  12  ?   ?   ?   A . n 
A 1 13  ARG 13  13  ?   ?   ?   A . n 
A 1 14  GLY 14  14  ?   ?   ?   A . n 
A 1 15  ARG 15  15  ?   ?   ?   A . n 
A 1 16  ARG 16  16  ?   ?   ?   A . n 
A 1 17  THR 17  17  ?   ?   ?   A . n 
A 1 18  ALA 18  18  ?   ?   ?   A . n 
A 1 19  ARG 19  19  ?   ?   ?   A . n 
A 1 20  PRO 20  20  ?   ?   ?   A . n 
A 1 21  SER 21  21  ?   ?   ?   A . n 
A 1 22  GLY 22  22  22  GLY GLY A . n 
A 1 23  ASP 23  23  23  ASP ASP A . n 
A 1 24  ASP 24  24  24  ASP ASP A . n 
A 1 25  ARG 25  25  25  ARG ARG A . n 
A 1 26  GLU 26  26  26  GLU GLU A . n 
A 1 27  LEU 27  27  27  LEU LEU A . n 
A 1 28  ALA 28  28  28  ALA ALA A . n 
A 1 29  ILE 29  29  29  ILE ILE A . n 
A 1 30  LEU 30  30  30  LEU LEU A . n 
A 1 31  ALA 31  31  31  ALA ALA A . n 
A 1 32  THR 32  32  32  THR THR A . n 
A 1 33  ALA 33  33  33  ALA ALA A . n 
A 1 34  GLU 34  34  34  GLU GLU A . n 
A 1 35  ASN 35  35  35  ASN ASN A . n 
A 1 36  LEU 36  36  36  LEU LEU A . n 
A 1 37  LEU 37  37  37  LEU LEU A . n 
A 1 38  GLU 38  38  38  GLU GLU A . n 
A 1 39  ASP 39  39  39  ASP ASP A . n 
A 1 40  ARG 40  40  40  ARG ARG A . n 
A 1 41  PRO 41  41  41  PRO PRO A . n 
A 1 42  LEU 42  42  42  LEU LEU A . n 
A 1 43  ALA 43  43  43  ALA ALA A . n 
A 1 44  ASP 44  44  44  ASP ASP A . n 
A 1 45  ILE 45  45  45  ILE ILE A . n 
A 1 46  SER 46  46  46  SER SER A . n 
A 1 47  VAL 47  47  47  VAL VAL A . n 
A 1 48  ASP 48  48  48  ASP ASP A . n 
A 1 49  ASP 49  49  49  ASP ASP A . n 
A 1 50  LEU 50  50  50  LEU LEU A . n 
A 1 51  ALA 51  51  51  ALA ALA A . n 
A 1 52  LYS 52  52  52  LYS LYS A . n 
A 1 53  GLY 53  53  53  GLY GLY A . n 
A 1 54  ALA 54  54  54  ALA ALA A . n 
A 1 55  GLY 55  55  55  GLY GLY A . n 
A 1 56  ILE 56  56  56  ILE ILE A . n 
A 1 57  SER 57  57  57  SER SER A . n 
A 1 58  ARG 58  58  58  ARG ARG A . n 
A 1 59  PRO 59  59  59  PRO PRO A . n 
A 1 60  THR 60  60  60  THR THR A . n 
A 1 61  PHE 61  61  61  PHE PHE A . n 
A 1 62  TYR 62  62  62  TYR TYR A . n 
A 1 63  PHE 63  63  63  PHE PHE A . n 
A 1 64  TYR 64  64  64  TYR TYR A . n 
A 1 65  PHE 65  65  65  PHE PHE A . n 
A 1 66  PRO 66  66  66  PRO PRO A . n 
A 1 67  SER 67  67  67  SER SER A . n 
A 1 68  LYS 68  68  68  LYS LYS A . n 
A 1 69  GLU 69  69  69  GLU GLU A . n 
A 1 70  ALA 70  70  70  ALA ALA A . n 
A 1 71  VAL 71  71  71  VAL VAL A . n 
A 1 72  LEU 72  72  72  LEU LEU A . n 
A 1 73  LEU 73  73  73  LEU LEU A . n 
A 1 74  THR 74  74  74  THR THR A . n 
A 1 75  LEU 75  75  75  LEU LEU A . n 
A 1 76  LEU 76  76  76  LEU LEU A . n 
A 1 77  ASP 77  77  77  ASP ASP A . n 
A 1 78  ARG 78  78  78  ARG ARG A . n 
A 1 79  VAL 79  79  79  VAL VAL A . n 
A 1 80  VAL 80  80  80  VAL VAL A . n 
A 1 81  ASN 81  81  81  ASN ASN A . n 
A 1 82  GLN 82  82  82  GLN GLN A . n 
A 1 83  ALA 83  83  83  ALA ALA A . n 
A 1 84  ASP 84  84  84  ASP ASP A . n 
A 1 85  MET 85  85  85  MET MET A . n 
A 1 86  ALA 86  86  86  ALA ALA A . n 
A 1 87  LEU 87  87  87  LEU LEU A . n 
A 1 88  GLN 88  88  88  GLN GLN A . n 
A 1 89  THR 89  89  89  THR THR A . n 
A 1 90  LEU 90  90  90  LEU LEU A . n 
A 1 91  ALA 91  91  91  ALA ALA A . n 
A 1 92  GLU 92  92  92  GLU GLU A . n 
A 1 93  ASN 93  93  93  ASN ASN A . n 
A 1 94  PRO 94  94  94  PRO PRO A . n 
A 1 95  ALA 95  95  95  ALA ALA A . n 
A 1 96  ASP 96  96  96  ASP ASP A . n 
A 1 97  THR 97  97  97  THR THR A . n 
A 1 98  ASP 98  98  98  ASP ASP A . n 
A 1 99  ARG 99  99  99  ARG ARG A . n 
A 1 100 GLU 100 100 100 GLU GLU A . n 
A 1 101 ASN 101 101 101 ASN ASN A . n 
A 1 102 MET 102 102 102 MET MET A . n 
A 1 103 TRP 103 103 103 TRP TRP A . n 
A 1 104 ARG 104 104 104 ARG ARG A . n 
A 1 105 THR 105 105 105 THR THR A . n 
A 1 106 GLY 106 106 106 GLY GLY A . n 
A 1 107 ILE 107 107 107 ILE ILE A . n 
A 1 108 ASN 108 108 108 ASN ASN A . n 
A 1 109 VAL 109 109 109 VAL VAL A . n 
A 1 110 PHE 110 110 110 PHE PHE A . n 
A 1 111 PHE 111 111 111 PHE PHE A . n 
A 1 112 GLU 112 112 112 GLU GLU A . n 
A 1 113 THR 113 113 113 THR THR A . n 
A 1 114 PHE 114 114 114 PHE PHE A . n 
A 1 115 GLY 115 115 115 GLY GLY A . n 
A 1 116 SER 116 116 116 SER SER A . n 
A 1 117 HIS 117 117 117 HIS HIS A . n 
A 1 118 LYS 118 118 118 LYS LYS A . n 
A 1 119 ALA 119 119 119 ALA ALA A . n 
A 1 120 VAL 120 120 120 VAL VAL A . n 
A 1 121 THR 121 121 121 THR THR A . n 
A 1 122 ARG 122 122 122 ARG ARG A . n 
A 1 123 ALA 123 123 123 ALA ALA A . n 
A 1 124 GLY 124 124 124 GLY GLY A . n 
A 1 125 GLN 125 125 125 GLN GLN A . n 
A 1 126 ALA 126 126 126 ALA ALA A . n 
A 1 127 ALA 127 127 127 ALA ALA A . n 
A 1 128 ARG 128 128 128 ARG ARG A . n 
A 1 129 ALA 129 129 129 ALA ALA A . n 
A 1 130 THR 130 130 130 THR THR A . n 
A 1 131 SER 131 131 131 SER SER A . n 
A 1 132 VAL 132 132 132 VAL VAL A . n 
A 1 133 GLU 133 133 133 GLU GLU A . n 
A 1 134 VAL 134 134 134 VAL VAL A . n 
A 1 135 ALA 135 135 135 ALA ALA A . n 
A 1 136 GLU 136 136 136 GLU GLU A . n 
A 1 137 LEU 137 137 137 LEU LEU A . n 
A 1 138 TRP 138 138 138 TRP TRP A . n 
A 1 139 SER 139 139 139 SER SER A . n 
A 1 140 THR 140 140 140 THR THR A . n 
A 1 141 PHE 141 141 141 PHE PHE A . n 
A 1 142 MET 142 142 142 MET MET A . n 
A 1 143 GLN 143 143 143 GLN GLN A . n 
A 1 144 LYS 144 144 144 LYS LYS A . n 
A 1 145 TRP 145 145 145 TRP TRP A . n 
A 1 146 ILE 146 146 146 ILE ILE A . n 
A 1 147 ALA 147 147 147 ALA ALA A . n 
A 1 148 TYR 148 148 148 TYR TYR A . n 
A 1 149 THR 149 149 149 THR THR A . n 
A 1 150 ALA 150 150 150 ALA ALA A . n 
A 1 151 ALA 151 151 151 ALA ALA A . n 
A 1 152 VAL 152 152 152 VAL VAL A . n 
A 1 153 ILE 153 153 153 ILE ILE A . n 
A 1 154 ASP 154 154 154 ASP ASP A . n 
A 1 155 ALA 155 155 155 ALA ALA A . n 
A 1 156 GLU 156 156 156 GLU GLU A . n 
A 1 157 ARG 157 157 157 ARG ARG A . n 
A 1 158 ASP 158 158 158 ASP ASP A . n 
A 1 159 ARG 159 159 159 ARG ARG A . n 
A 1 160 GLY 160 160 160 GLY GLY A . n 
A 1 161 ALA 161 161 161 ALA ALA A . n 
A 1 162 ALA 162 162 162 ALA ALA A . n 
A 1 163 PRO 163 163 163 PRO PRO A . n 
A 1 164 ARG 164 164 164 ARG ARG A . n 
A 1 165 THR 165 165 165 THR THR A . n 
A 1 166 LEU 166 166 166 LEU LEU A . n 
A 1 167 PRO 167 167 167 PRO PRO A . n 
A 1 168 ALA 168 168 168 ALA ALA A . n 
A 1 169 HIS 169 169 169 HIS HIS A . n 
A 1 170 GLU 170 170 170 GLU GLU A . n 
A 1 171 LEU 171 171 171 LEU LEU A . n 
A 1 172 ALA 172 172 172 ALA ALA A . n 
A 1 173 THR 173 173 173 THR THR A . n 
A 1 174 ALA 174 174 174 ALA ALA A . n 
A 1 175 LEU 175 175 175 LEU LEU A . n 
A 1 176 ASN 176 176 176 ASN ASN A . n 
A 1 177 LEU 177 177 177 LEU LEU A . n 
A 1 178 MET 178 178 178 MET MET A . n 
A 1 179 ASN 179 179 179 ASN ASN A . n 
A 1 180 GLU 180 180 180 GLU GLU A . n 
A 1 181 ARG 181 181 181 ARG ARG A . n 
A 1 182 THR 182 182 182 THR THR A . n 
A 1 183 LEU 183 183 183 LEU LEU A . n 
A 1 184 PHE 184 184 184 PHE PHE A . n 
A 1 185 ALA 185 185 185 ALA ALA A . n 
A 1 186 SER 186 186 186 SER SER A . n 
A 1 187 PHE 187 187 187 PHE PHE A . n 
A 1 188 ALA 188 188 188 ALA ALA A . n 
A 1 189 GLY 189 189 189 GLY GLY A . n 
A 1 190 GLU 190 190 190 GLU GLU A . n 
A 1 191 GLN 191 191 191 GLN GLN A . n 
A 1 192 PRO 192 192 192 PRO PRO A . n 
A 1 193 SER 193 193 193 SER SER A . n 
A 1 194 VAL 194 194 194 VAL VAL A . n 
A 1 195 PRO 195 195 195 PRO PRO A . n 
A 1 196 GLU 196 196 196 GLU GLU A . n 
A 1 197 ALA 197 197 197 ALA ALA A . n 
A 1 198 ARG 198 198 198 ARG ARG A . n 
A 1 199 VAL 199 199 199 VAL VAL A . n 
A 1 200 LEU 200 200 200 LEU LEU A . n 
A 1 201 ASP 201 201 201 ASP ASP A . n 
A 1 202 THR 202 202 202 THR THR A . n 
A 1 203 LEU 203 203 203 LEU LEU A . n 
A 1 204 VAL 204 204 204 VAL VAL A . n 
A 1 205 HIS 205 205 205 HIS HIS A . n 
A 1 206 ILE 206 206 206 ILE ILE A . n 
A 1 207 TRP 207 207 207 TRP TRP A . n 
A 1 208 VAL 208 208 208 VAL VAL A . n 
A 1 209 THR 209 209 209 THR THR A . n 
A 1 210 SER 210 210 210 SER SER A . n 
A 1 211 ILE 211 211 211 ILE ILE A . n 
A 1 212 TYR 212 212 212 TYR TYR A . n 
A 1 213 GLY 213 213 213 GLY GLY A . n 
A 1 214 GLU 214 214 214 GLU GLU A . n 
A 1 215 ASN 215 215 ?   ?   ?   A . n 
A 1 216 ARG 216 216 ?   ?   ?   A . n 
# 
loop_
_pdbx_nonpoly_scheme.asym_id 
_pdbx_nonpoly_scheme.entity_id 
_pdbx_nonpoly_scheme.mon_id 
_pdbx_nonpoly_scheme.ndb_seq_num 
_pdbx_nonpoly_scheme.pdb_seq_num 
_pdbx_nonpoly_scheme.auth_seq_num 
_pdbx_nonpoly_scheme.pdb_mon_id 
_pdbx_nonpoly_scheme.auth_mon_id 
_pdbx_nonpoly_scheme.pdb_strand_id 
_pdbx_nonpoly_scheme.pdb_ins_code 
B 2 6FG 1  301 1  6FG p88 A . 
C 3 HOH 1  401 9  HOH HOH A . 
C 3 HOH 2  402 13 HOH HOH A . 
C 3 HOH 3  403 12 HOH HOH A . 
C 3 HOH 4  404 37 HOH HOH A . 
C 3 HOH 5  405 36 HOH HOH A . 
C 3 HOH 6  406 10 HOH HOH A . 
C 3 HOH 7  407 20 HOH HOH A . 
C 3 HOH 8  408 18 HOH HOH A . 
C 3 HOH 9  409 31 HOH HOH A . 
C 3 HOH 10 410 39 HOH HOH A . 
C 3 HOH 11 411 17 HOH HOH A . 
C 3 HOH 12 412 33 HOH HOH A . 
C 3 HOH 13 413 7  HOH HOH A . 
C 3 HOH 14 414 16 HOH HOH A . 
C 3 HOH 15 415 30 HOH HOH A . 
C 3 HOH 16 416 27 HOH HOH A . 
C 3 HOH 17 417 11 HOH HOH A . 
C 3 HOH 18 418 21 HOH HOH A . 
C 3 HOH 19 419 3  HOH HOH A . 
C 3 HOH 20 420 6  HOH HOH A . 
C 3 HOH 21 421 28 HOH HOH A . 
C 3 HOH 22 422 5  HOH HOH A . 
C 3 HOH 23 423 15 HOH HOH A . 
C 3 HOH 24 424 14 HOH HOH A . 
C 3 HOH 25 425 38 HOH HOH A . 
C 3 HOH 26 426 19 HOH HOH A . 
C 3 HOH 27 427 25 HOH HOH A . 
C 3 HOH 28 428 1  HOH HOH A . 
C 3 HOH 29 429 8  HOH HOH A . 
C 3 HOH 30 430 32 HOH HOH A . 
C 3 HOH 31 431 2  HOH HOH A . 
C 3 HOH 32 432 4  HOH HOH A . 
C 3 HOH 33 433 35 HOH HOH A . 
C 3 HOH 34 434 23 HOH HOH A . 
C 3 HOH 35 435 22 HOH HOH A . 
C 3 HOH 36 436 34 HOH HOH A . 
C 3 HOH 37 437 40 HOH HOH A . 
C 3 HOH 38 438 26 HOH HOH A . 
C 3 HOH 39 439 29 HOH HOH A . 
C 3 HOH 40 440 24 HOH HOH A . 
# 
loop_
_pdbx_unobs_or_zero_occ_atoms.id 
_pdbx_unobs_or_zero_occ_atoms.PDB_model_num 
_pdbx_unobs_or_zero_occ_atoms.polymer_flag 
_pdbx_unobs_or_zero_occ_atoms.occupancy_flag 
_pdbx_unobs_or_zero_occ_atoms.auth_asym_id 
_pdbx_unobs_or_zero_occ_atoms.auth_comp_id 
_pdbx_unobs_or_zero_occ_atoms.auth_seq_id 
_pdbx_unobs_or_zero_occ_atoms.PDB_ins_code 
_pdbx_unobs_or_zero_occ_atoms.auth_atom_id 
_pdbx_unobs_or_zero_occ_atoms.label_alt_id 
_pdbx_unobs_or_zero_occ_atoms.label_asym_id 
_pdbx_unobs_or_zero_occ_atoms.label_comp_id 
_pdbx_unobs_or_zero_occ_atoms.label_seq_id 
_pdbx_unobs_or_zero_occ_atoms.label_atom_id 
1  1 Y 1 A ASP 23  ? CG  ? A ASP 23  CG  
2  1 Y 1 A ASP 23  ? OD1 ? A ASP 23  OD1 
3  1 Y 1 A ASP 23  ? OD2 ? A ASP 23  OD2 
4  1 Y 1 A ARG 25  ? CD  ? A ARG 25  CD  
5  1 Y 1 A ARG 25  ? NE  ? A ARG 25  NE  
6  1 Y 1 A ARG 25  ? CZ  ? A ARG 25  CZ  
7  1 Y 1 A ARG 25  ? NH1 ? A ARG 25  NH1 
8  1 Y 1 A ARG 25  ? NH2 ? A ARG 25  NH2 
9  1 Y 1 A LYS 52  ? CG  ? A LYS 52  CG  
10 1 Y 1 A LYS 52  ? CD  ? A LYS 52  CD  
11 1 Y 1 A LYS 52  ? CE  ? A LYS 52  CE  
12 1 Y 1 A LYS 52  ? NZ  ? A LYS 52  NZ  
13 1 Y 1 A GLU 214 ? CD  ? A GLU 214 CD  
14 1 Y 1 A GLU 214 ? OE1 ? A GLU 214 OE1 
15 1 Y 1 A GLU 214 ? OE2 ? A GLU 214 OE2 
# 
loop_
_software.citation_id 
_software.classification 
_software.compiler_name 
_software.compiler_version 
_software.contact_author 
_software.contact_author_email 
_software.date 
_software.description 
_software.dependencies 
_software.hardware 
_software.language 
_software.location 
_software.mods 
_software.name 
_software.os 
_software.os_version 
_software.type 
_software.version 
_software.pdbx_ordinal 
? 'data scaling'    ? ? ? ? ? ? ? ? ? ? ? Aimless     ? ? ? 0.1.27   1 
? refinement        ? ? ? ? ? ? ? ? ? ? ? REFMAC      ? ? ? 5.6.0117 2 
? 'data extraction' ? ? ? ? ? ? ? ? ? ? ? PDB_EXTRACT ? ? ? 3.20     3 
? 'data reduction'  ? ? ? ? ? ? ? ? ? ? ? xia2        ? ? ? .        4 
? phasing           ? ? ? ? ? ? ? ? ? ? ? PHASER      ? ? ? .        5 
# 
_cell.angle_alpha                  90.000 
_cell.angle_alpha_esd              ? 
_cell.angle_beta                   90.000 
_cell.angle_beta_esd               ? 
_cell.angle_gamma                  90.000 
_cell.angle_gamma_esd              ? 
_cell.entry_id                     5J1R 
_cell.details                      ? 
_cell.formula_units_Z              ? 
_cell.length_a                     122.400 
_cell.length_a_esd                 ? 
_cell.length_b                     122.400 
_cell.length_b_esd                 ? 
_cell.length_c                     33.676 
_cell.length_c_esd                 ? 
_cell.volume                       ? 
_cell.volume_esd                   ? 
_cell.Z_PDB                        8 
_cell.reciprocal_angle_alpha       ? 
_cell.reciprocal_angle_beta        ? 
_cell.reciprocal_angle_gamma       ? 
_cell.reciprocal_angle_alpha_esd   ? 
_cell.reciprocal_angle_beta_esd    ? 
_cell.reciprocal_angle_gamma_esd   ? 
_cell.reciprocal_length_a          ? 
_cell.reciprocal_length_b          ? 
_cell.reciprocal_length_c          ? 
_cell.reciprocal_length_a_esd      ? 
_cell.reciprocal_length_b_esd      ? 
_cell.reciprocal_length_c_esd      ? 
_cell.pdbx_unique_axis             ? 
# 
_symmetry.entry_id                         5J1R 
_symmetry.cell_setting                     ? 
_symmetry.Int_Tables_number                92 
_symmetry.space_group_name_Hall            ? 
_symmetry.space_group_name_H-M             'P 41 21 2' 
_symmetry.pdbx_full_space_group_name_H-M   ? 
# 
_exptl.absorpt_coefficient_mu     ? 
_exptl.absorpt_correction_T_max   ? 
_exptl.absorpt_correction_T_min   ? 
_exptl.absorpt_correction_type    ? 
_exptl.absorpt_process_details    ? 
_exptl.entry_id                   5J1R 
_exptl.crystals_number            1 
_exptl.details                    ? 
_exptl.method                     'X-RAY DIFFRACTION' 
_exptl.method_details             ? 
# 
_exptl_crystal.colour                      ? 
_exptl_crystal.density_diffrn              ? 
_exptl_crystal.density_Matthews            2.65 
_exptl_crystal.density_method              ? 
_exptl_crystal.density_percent_sol         53.62 
_exptl_crystal.description                 ? 
_exptl_crystal.F_000                       ? 
_exptl_crystal.id                          1 
_exptl_crystal.preparation                 ? 
_exptl_crystal.size_max                    ? 
_exptl_crystal.size_mid                    ? 
_exptl_crystal.size_min                    ? 
_exptl_crystal.size_rad                    ? 
_exptl_crystal.colour_lustre               ? 
_exptl_crystal.colour_modifier             ? 
_exptl_crystal.colour_primary              ? 
_exptl_crystal.density_meas                ? 
_exptl_crystal.density_meas_esd            ? 
_exptl_crystal.density_meas_gt             ? 
_exptl_crystal.density_meas_lt             ? 
_exptl_crystal.density_meas_temp           ? 
_exptl_crystal.density_meas_temp_esd       ? 
_exptl_crystal.density_meas_temp_gt        ? 
_exptl_crystal.density_meas_temp_lt        ? 
_exptl_crystal.pdbx_crystal_image_url      ? 
_exptl_crystal.pdbx_crystal_image_format   ? 
_exptl_crystal.pdbx_mosaicity              ? 
_exptl_crystal.pdbx_mosaicity_esd          ? 
# 
_exptl_crystal_grow.apparatus       ? 
_exptl_crystal_grow.atmosphere      ? 
_exptl_crystal_grow.crystal_id      1 
_exptl_crystal_grow.details         ? 
_exptl_crystal_grow.method          'VAPOR DIFFUSION, SITTING DROP' 
_exptl_crystal_grow.method_ref      ? 
_exptl_crystal_grow.pH              6.5 
_exptl_crystal_grow.pressure        ? 
_exptl_crystal_grow.pressure_esd    ? 
_exptl_crystal_grow.seeding         ? 
_exptl_crystal_grow.seeding_ref     ? 
_exptl_crystal_grow.temp            298 
_exptl_crystal_grow.temp_details    ? 
_exptl_crystal_grow.temp_esd        ? 
_exptl_crystal_grow.time            ? 
_exptl_crystal_grow.pdbx_details    'Ammonium sulphate, Glycerol, MES' 
_exptl_crystal_grow.pdbx_pH_range   '6.3 - 6.5' 
# 
_diffrn.ambient_environment    ? 
_diffrn.ambient_temp           100 
_diffrn.ambient_temp_details   ? 
_diffrn.ambient_temp_esd       ? 
_diffrn.crystal_id             1 
_diffrn.crystal_support        ? 
_diffrn.crystal_treatment      ? 
_diffrn.details                ? 
_diffrn.id                     1 
_diffrn.ambient_pressure       ? 
_diffrn.ambient_pressure_esd   ? 
_diffrn.ambient_pressure_gt    ? 
_diffrn.ambient_pressure_lt    ? 
_diffrn.ambient_temp_gt        ? 
_diffrn.ambient_temp_lt        ? 
# 
_diffrn_detector.details                      ? 
_diffrn_detector.detector                     CCD 
_diffrn_detector.diffrn_id                    1 
_diffrn_detector.type                         'ADSC QUANTUM 315' 
_diffrn_detector.area_resol_mean              ? 
_diffrn_detector.dtime                        ? 
_diffrn_detector.pdbx_frames_total            ? 
_diffrn_detector.pdbx_collection_time_total   ? 
_diffrn_detector.pdbx_collection_date         2013-02-09 
# 
_diffrn_radiation.collimation                      ? 
_diffrn_radiation.diffrn_id                        1 
_diffrn_radiation.filter_edge                      ? 
_diffrn_radiation.inhomogeneity                    ? 
_diffrn_radiation.monochromator                    ? 
_diffrn_radiation.polarisn_norm                    ? 
_diffrn_radiation.polarisn_ratio                   ? 
_diffrn_radiation.probe                            ? 
_diffrn_radiation.type                             ? 
_diffrn_radiation.xray_symbol                      ? 
_diffrn_radiation.wavelength_id                    1 
_diffrn_radiation.pdbx_monochromatic_or_laue_m_l   M 
_diffrn_radiation.pdbx_wavelength_list             ? 
_diffrn_radiation.pdbx_wavelength                  ? 
_diffrn_radiation.pdbx_diffrn_protocol             'SINGLE WAVELENGTH' 
_diffrn_radiation.pdbx_analyzer                    ? 
_diffrn_radiation.pdbx_scattering_type             x-ray 
# 
_diffrn_radiation_wavelength.id           1 
_diffrn_radiation_wavelength.wavelength   0.9830 
_diffrn_radiation_wavelength.wt           1.0 
# 
_diffrn_source.current                     ? 
_diffrn_source.details                     ? 
_diffrn_source.diffrn_id                   1 
_diffrn_source.power                       ? 
_diffrn_source.size                        ? 
_diffrn_source.source                      SYNCHROTRON 
_diffrn_source.target                      ? 
_diffrn_source.type                        'DIAMOND BEAMLINE I03' 
_diffrn_source.voltage                     ? 
_diffrn_source.take-off_angle              ? 
_diffrn_source.pdbx_wavelength_list        0.9830 
_diffrn_source.pdbx_wavelength             ? 
_diffrn_source.pdbx_synchrotron_beamline   I03 
_diffrn_source.pdbx_synchrotron_site       Diamond 
# 
_reflns.B_iso_Wilson_estimate            ? 
_reflns.entry_id                         5J1R 
_reflns.data_reduction_details           ? 
_reflns.data_reduction_method            ? 
_reflns.d_resolution_high                1.840 
_reflns.d_resolution_low                 122.290 
_reflns.details                          ? 
_reflns.limit_h_max                      ? 
_reflns.limit_h_min                      ? 
_reflns.limit_k_max                      ? 
_reflns.limit_k_min                      ? 
_reflns.limit_l_max                      ? 
_reflns.limit_l_min                      ? 
_reflns.number_all                       ? 
_reflns.number_obs                       45143 
_reflns.observed_criterion               ? 
_reflns.observed_criterion_F_max         ? 
_reflns.observed_criterion_F_min         ? 
_reflns.observed_criterion_I_max         ? 
_reflns.observed_criterion_I_min         ? 
_reflns.observed_criterion_sigma_F       ? 
_reflns.observed_criterion_sigma_I       ? 
_reflns.percent_possible_obs             100.000 
_reflns.R_free_details                   ? 
_reflns.Rmerge_F_all                     ? 
_reflns.Rmerge_F_obs                     ? 
_reflns.Friedel_coverage                 ? 
_reflns.number_gt                        ? 
_reflns.threshold_expression             ? 
_reflns.pdbx_redundancy                  6.200 
_reflns.pdbx_Rmerge_I_obs                0.112 
_reflns.pdbx_Rmerge_I_all                ? 
_reflns.pdbx_Rsym_value                  ? 
_reflns.pdbx_netI_over_av_sigmaI         ? 
_reflns.pdbx_netI_over_sigmaI            13.800 
_reflns.pdbx_res_netI_over_av_sigmaI_2   ? 
_reflns.pdbx_res_netI_over_sigmaI_2      ? 
_reflns.pdbx_chi_squared                 ? 
_reflns.pdbx_scaling_rejects             ? 
_reflns.pdbx_d_res_high_opt              ? 
_reflns.pdbx_d_res_low_opt               ? 
_reflns.pdbx_d_res_opt_method            ? 
_reflns.phase_calculation_details        ? 
_reflns.pdbx_Rrim_I_all                  0.122 
_reflns.pdbx_Rpim_I_all                  0.049 
_reflns.pdbx_d_opt                       ? 
_reflns.pdbx_number_measured_all         280831 
_reflns.pdbx_diffrn_id                   1 
_reflns.pdbx_ordinal                     1 
_reflns.pdbx_CC_half                     0.997 
_reflns.pdbx_R_split                     ? 
# 
loop_
_reflns_shell.d_res_high 
_reflns_shell.d_res_low 
_reflns_shell.meanI_over_sigI_all 
_reflns_shell.meanI_over_sigI_obs 
_reflns_shell.number_measured_all 
_reflns_shell.number_measured_obs 
_reflns_shell.number_possible 
_reflns_shell.number_unique_all 
_reflns_shell.number_unique_obs 
_reflns_shell.percent_possible_all 
_reflns_shell.percent_possible_obs 
_reflns_shell.Rmerge_F_all 
_reflns_shell.Rmerge_F_obs 
_reflns_shell.Rmerge_I_all 
_reflns_shell.Rmerge_I_obs 
_reflns_shell.meanI_over_sigI_gt 
_reflns_shell.meanI_over_uI_all 
_reflns_shell.meanI_over_uI_gt 
_reflns_shell.number_measured_gt 
_reflns_shell.number_unique_gt 
_reflns_shell.percent_possible_gt 
_reflns_shell.Rmerge_F_gt 
_reflns_shell.Rmerge_I_gt 
_reflns_shell.pdbx_redundancy 
_reflns_shell.pdbx_Rsym_value 
_reflns_shell.pdbx_chi_squared 
_reflns_shell.pdbx_netI_over_sigmaI_all 
_reflns_shell.pdbx_netI_over_sigmaI_obs 
_reflns_shell.pdbx_Rrim_I_all 
_reflns_shell.pdbx_Rpim_I_all 
_reflns_shell.pdbx_rejects 
_reflns_shell.pdbx_ordinal 
_reflns_shell.pdbx_diffrn_id 
_reflns_shell.pdbx_CC_half 
_reflns_shell.pdbx_R_split 
1.840 1.890   ? ? ? ? ? ? ? 100.000 ? ? ? ? 0.949 ? ? ? ? ? ? ? ? 6.700 ? ? ? ? ? ? ? 1 1 ? ? 
8.230 122.290 ? ? ? ? ? ? ? 99.100  ? ? ? ? 0.036 ? ? ? ? ? ? ? ? 4.600 ? ? ? ? ? ? ? 2 1 ? ? 
# 
_refine.aniso_B[1][1]                            0.0100 
_refine.aniso_B[1][2]                            0.0000 
_refine.aniso_B[1][3]                            0.0000 
_refine.aniso_B[2][2]                            0.0100 
_refine.aniso_B[2][3]                            0.0000 
_refine.aniso_B[3][3]                            -0.0200 
_refine.B_iso_max                                83.510 
_refine.B_iso_mean                               24.9720 
_refine.B_iso_min                                9.340 
_refine.correlation_coeff_Fo_to_Fc               0.9490 
_refine.correlation_coeff_Fo_to_Fc_free          0.9380 
_refine.details                                  
'HYDROGENS HAVE BEEN USED IF PRESENT IN THE INPUT U VALUES      : REFINED INDIVIDUALLY' 
_refine.diff_density_max                         ? 
_refine.diff_density_max_esd                     ? 
_refine.diff_density_min                         ? 
_refine.diff_density_min_esd                     ? 
_refine.diff_density_rms                         ? 
_refine.diff_density_rms_esd                     ? 
_refine.entry_id                                 5J1R 
_refine.pdbx_refine_id                           'X-RAY DIFFRACTION' 
_refine.ls_abs_structure_details                 ? 
_refine.ls_abs_structure_Flack                   ? 
_refine.ls_abs_structure_Flack_esd               ? 
_refine.ls_abs_structure_Rogers                  ? 
_refine.ls_abs_structure_Rogers_esd              ? 
_refine.ls_d_res_high                            1.9200 
_refine.ls_d_res_low                             29.6900 
_refine.ls_extinction_coef                       ? 
_refine.ls_extinction_coef_esd                   ? 
_refine.ls_extinction_expression                 ? 
_refine.ls_extinction_method                     ? 
_refine.ls_goodness_of_fit_all                   ? 
_refine.ls_goodness_of_fit_all_esd               ? 
_refine.ls_goodness_of_fit_obs                   ? 
_refine.ls_goodness_of_fit_obs_esd               ? 
_refine.ls_hydrogen_treatment                    ? 
_refine.ls_matrix_type                           ? 
_refine.ls_number_constraints                    ? 
_refine.ls_number_parameters                     ? 
_refine.ls_number_reflns_all                     ? 
_refine.ls_number_reflns_obs                     19181 
_refine.ls_number_reflns_R_free                  1037 
_refine.ls_number_reflns_R_work                  ? 
_refine.ls_number_restraints                     ? 
_refine.ls_percent_reflns_obs                    99.7700 
_refine.ls_percent_reflns_R_free                 5.1000 
_refine.ls_R_factor_all                          ? 
_refine.ls_R_factor_obs                          0.1915 
_refine.ls_R_factor_R_free                       0.2183 
_refine.ls_R_factor_R_free_error                 ? 
_refine.ls_R_factor_R_free_error_details         ? 
_refine.ls_R_factor_R_work                       0.1900 
_refine.ls_R_Fsqd_factor_obs                     ? 
_refine.ls_R_I_factor_obs                        ? 
_refine.ls_redundancy_reflns_all                 ? 
_refine.ls_redundancy_reflns_obs                 ? 
_refine.ls_restrained_S_all                      ? 
_refine.ls_restrained_S_obs                      ? 
_refine.ls_shift_over_esd_max                    ? 
_refine.ls_shift_over_esd_mean                   ? 
_refine.ls_structure_factor_coef                 ? 
_refine.ls_weighting_details                     ? 
_refine.ls_weighting_scheme                      ? 
_refine.ls_wR_factor_all                         ? 
_refine.ls_wR_factor_obs                         ? 
_refine.ls_wR_factor_R_free                      ? 
_refine.ls_wR_factor_R_work                      ? 
_refine.occupancy_max                            ? 
_refine.occupancy_min                            ? 
_refine.solvent_model_details                    ? 
_refine.solvent_model_param_bsol                 ? 
_refine.solvent_model_param_ksol                 ? 
_refine.ls_R_factor_gt                           ? 
_refine.ls_goodness_of_fit_gt                    ? 
_refine.ls_goodness_of_fit_ref                   ? 
_refine.ls_shift_over_su_max                     ? 
_refine.ls_shift_over_su_max_lt                  ? 
_refine.ls_shift_over_su_mean                    ? 
_refine.ls_shift_over_su_mean_lt                 ? 
_refine.pdbx_ls_sigma_I                          ? 
_refine.pdbx_ls_sigma_F                          0.000 
_refine.pdbx_ls_sigma_Fsqd                       ? 
_refine.pdbx_data_cutoff_high_absF               ? 
_refine.pdbx_data_cutoff_high_rms_absF           ? 
_refine.pdbx_data_cutoff_low_absF                ? 
_refine.pdbx_isotropic_thermal_model             ? 
_refine.pdbx_ls_cross_valid_method               THROUGHOUT 
_refine.pdbx_method_to_determine_struct          'MOLECULAR REPLACEMENT' 
_refine.pdbx_starting_model                      1T56 
_refine.pdbx_stereochemistry_target_values       ? 
_refine.pdbx_R_Free_selection_details            RANDOM 
_refine.pdbx_stereochem_target_val_spec_case     ? 
_refine.pdbx_overall_ESU_R                       0.1280 
_refine.pdbx_overall_ESU_R_Free                  0.1210 
_refine.pdbx_solvent_vdw_probe_radii             1.2000 
_refine.pdbx_solvent_ion_probe_radii             0.8000 
_refine.pdbx_solvent_shrinkage_radii             0.8000 
_refine.pdbx_real_space_R                        ? 
_refine.pdbx_density_correlation                 ? 
_refine.pdbx_pd_number_of_powder_patterns        ? 
_refine.pdbx_pd_number_of_points                 ? 
_refine.pdbx_pd_meas_number_of_points            ? 
_refine.pdbx_pd_proc_ls_prof_R_factor            ? 
_refine.pdbx_pd_proc_ls_prof_wR_factor           ? 
_refine.pdbx_pd_Marquardt_correlation_coeff      ? 
_refine.pdbx_pd_Fsqrd_R_factor                   ? 
_refine.pdbx_pd_ls_matrix_band_width             ? 
_refine.pdbx_overall_phase_error                 ? 
_refine.pdbx_overall_SU_R_free_Cruickshank_DPI   ? 
_refine.pdbx_overall_SU_R_free_Blow_DPI          ? 
_refine.pdbx_overall_SU_R_Blow_DPI               ? 
_refine.pdbx_TLS_residual_ADP_flag               ? 
_refine.pdbx_diffrn_id                           1 
_refine.overall_SU_B                             2.5990 
_refine.overall_SU_ML                            0.0770 
_refine.overall_SU_R_Cruickshank_DPI             0.1277 
_refine.overall_SU_R_free                        ? 
_refine.overall_FOM_free_R_set                   ? 
_refine.overall_FOM_work_R_set                   ? 
_refine.pdbx_average_fsc_overall                 ? 
_refine.pdbx_average_fsc_work                    ? 
_refine.pdbx_average_fsc_free                    ? 
# 
_refine_hist.cycle_id                         final 
_refine_hist.pdbx_refine_id                   'X-RAY DIFFRACTION' 
_refine_hist.d_res_high                       1.9200 
_refine_hist.d_res_low                        29.6900 
_refine_hist.pdbx_number_atoms_ligand         14 
_refine_hist.number_atoms_solvent             40 
_refine_hist.number_atoms_total               1541 
_refine_hist.pdbx_number_residues_total       193 
_refine_hist.pdbx_B_iso_mean_ligand           30.05 
_refine_hist.pdbx_B_iso_mean_solvent          26.54 
_refine_hist.pdbx_number_atoms_protein        1487 
_refine_hist.pdbx_number_atoms_nucleic_acid   0 
# 
loop_
_refine_ls_restr.pdbx_refine_id 
_refine_ls_restr.criterion 
_refine_ls_restr.dev_ideal 
_refine_ls_restr.dev_ideal_target 
_refine_ls_restr.number 
_refine_ls_restr.rejects 
_refine_ls_restr.type 
_refine_ls_restr.weight 
_refine_ls_restr.pdbx_restraint_function 
'X-RAY DIFFRACTION' ? 0.023  0.020  1533 ? r_bond_refined_d       ? ? 
'X-RAY DIFFRACTION' ? 2.010  1.955  2091 ? r_angle_refined_deg    ? ? 
'X-RAY DIFFRACTION' ? 4.799  5.000  192  ? r_dihedral_angle_1_deg ? ? 
'X-RAY DIFFRACTION' ? 37.316 23.714 70   ? r_dihedral_angle_2_deg ? ? 
'X-RAY DIFFRACTION' ? 13.163 15.000 233  ? r_dihedral_angle_3_deg ? ? 
'X-RAY DIFFRACTION' ? 20.423 15.000 12   ? r_dihedral_angle_4_deg ? ? 
'X-RAY DIFFRACTION' ? 0.161  0.200  241  ? r_chiral_restr         ? ? 
'X-RAY DIFFRACTION' ? 0.012  0.021  1179 ? r_gen_planes_refined   ? ? 
# 
_refine_ls_shell.pdbx_refine_id                   'X-RAY DIFFRACTION' 
_refine_ls_shell.d_res_high                       1.9180 
_refine_ls_shell.d_res_low                        1.9680 
_refine_ls_shell.number_reflns_all                1280 
_refine_ls_shell.number_reflns_obs                ? 
_refine_ls_shell.number_reflns_R_free             70 
_refine_ls_shell.number_reflns_R_work             1210 
_refine_ls_shell.percent_reflns_obs               97.3400 
_refine_ls_shell.percent_reflns_R_free            ? 
_refine_ls_shell.R_factor_all                     ? 
_refine_ls_shell.R_factor_obs                     ? 
_refine_ls_shell.R_factor_R_free                  0.3570 
_refine_ls_shell.R_factor_R_free_error            ? 
_refine_ls_shell.R_factor_R_work                  0.2780 
_refine_ls_shell.redundancy_reflns_all            ? 
_refine_ls_shell.redundancy_reflns_obs            ? 
_refine_ls_shell.wR_factor_all                    ? 
_refine_ls_shell.wR_factor_obs                    ? 
_refine_ls_shell.wR_factor_R_free                 ? 
_refine_ls_shell.wR_factor_R_work                 ? 
_refine_ls_shell.pdbx_total_number_of_bins_used   20 
_refine_ls_shell.pdbx_phase_error                 ? 
_refine_ls_shell.pdbx_fsc_work                    ? 
_refine_ls_shell.pdbx_fsc_free                    ? 
# 
_struct.entry_id                     5J1R 
_struct.title                        
;Structure of Transcriptional Regulatory Repressor Protein - EthR from Mycobacterium Tuberculosis in complex with 3-(furan-3-yl)-1-(pyrrolidin-1-yl)propan-1-one at 1.92A resolution
;
_struct.pdbx_model_details           ? 
_struct.pdbx_formula_weight          ? 
_struct.pdbx_formula_weight_method   ? 
_struct.pdbx_model_type_details      ? 
_struct.pdbx_CASP_flag               ? 
# 
_struct_keywords.entry_id        5J1R 
_struct_keywords.text            'EthR, transcription, represor, boosting effect' 
_struct_keywords.pdbx_keywords   TRANSCRIPTION 
# 
loop_
_struct_asym.id 
_struct_asym.pdbx_blank_PDB_chainid_flag 
_struct_asym.pdbx_modified 
_struct_asym.entity_id 
_struct_asym.details 
A N N 1 ? 
B N N 2 ? 
C N N 3 ? 
# 
_struct_ref.id                         1 
_struct_ref.db_name                    UNP 
_struct_ref.db_code                    A0A045KCS8_MYCTX 
_struct_ref.pdbx_db_accession          A0A045KCS8 
_struct_ref.pdbx_db_isoform            ? 
_struct_ref.entity_id                  1 
_struct_ref.pdbx_seq_one_letter_code   
;MTTSAASQASLPRGRRTARPSGDDRELAILATAENLLEDRPLADISVDDLAKGAGISRPTFYFYFPSKEAVLLTLLDRVV
NQADMALQTLAENPADTDRENMWRTGINVFFETFGSHKAVTRAGQAARATSVEVAELWSTFMQKWIAYTAAVIDAERDRG
AAPRTLPAHELATALNLMNERTLFASFAGEQPSVPEARVLDTLVHIWVTSIYGENR
;
_struct_ref.pdbx_align_begin           1 
# 
_struct_ref_seq.align_id                      1 
_struct_ref_seq.ref_id                        1 
_struct_ref_seq.pdbx_PDB_id_code              5J1R 
_struct_ref_seq.pdbx_strand_id                A 
_struct_ref_seq.seq_align_beg                 1 
_struct_ref_seq.pdbx_seq_align_beg_ins_code   ? 
_struct_ref_seq.seq_align_end                 216 
_struct_ref_seq.pdbx_seq_align_end_ins_code   ? 
_struct_ref_seq.pdbx_db_accession             A0A045KCS8 
_struct_ref_seq.db_align_beg                  1 
_struct_ref_seq.pdbx_db_align_beg_ins_code    ? 
_struct_ref_seq.db_align_end                  216 
_struct_ref_seq.pdbx_db_align_end_ins_code    ? 
_struct_ref_seq.pdbx_auth_seq_align_beg       1 
_struct_ref_seq.pdbx_auth_seq_align_end       216 
# 
_pdbx_struct_assembly.id                   1 
_pdbx_struct_assembly.details              software_defined_assembly 
_pdbx_struct_assembly.method_details       PISA 
_pdbx_struct_assembly.oligomeric_details   dimeric 
_pdbx_struct_assembly.oligomeric_count     2 
# 
loop_
_pdbx_struct_assembly_prop.biol_id 
_pdbx_struct_assembly_prop.type 
_pdbx_struct_assembly_prop.value 
_pdbx_struct_assembly_prop.details 
1 'ABSA (A^2)' 2730  ? 
1 MORE         -21   ? 
1 'SSA (A^2)'  17300 ? 
# 
_pdbx_struct_assembly_gen.assembly_id       1 
_pdbx_struct_assembly_gen.oper_expression   1,2 
_pdbx_struct_assembly_gen.asym_id_list      A,B,C 
# 
loop_
_pdbx_struct_oper_list.id 
_pdbx_struct_oper_list.type 
_pdbx_struct_oper_list.name 
_pdbx_struct_oper_list.symmetry_operation 
_pdbx_struct_oper_list.matrix[1][1] 
_pdbx_struct_oper_list.matrix[1][2] 
_pdbx_struct_oper_list.matrix[1][3] 
_pdbx_struct_oper_list.vector[1] 
_pdbx_struct_oper_list.matrix[2][1] 
_pdbx_struct_oper_list.matrix[2][2] 
_pdbx_struct_oper_list.matrix[2][3] 
_pdbx_struct_oper_list.vector[2] 
_pdbx_struct_oper_list.matrix[3][1] 
_pdbx_struct_oper_list.matrix[3][2] 
_pdbx_struct_oper_list.matrix[3][3] 
_pdbx_struct_oper_list.vector[3] 
1 'identity operation'         1_555 x,y,z    1.0000000000  0.0000000000 0.0000000000 0.0000000000   0.0000000000 1.0000000000  0.0000000000 0.0000000000 0.0000000000 0.0000000000 1.0000000000  0.0000000000  
2 'crystal symmetry operation' 7_556 y,x,-z+1 -0.5729509951 0.5550509017 0.6030303920 -22.6615282338 0.5550509017 -0.2785804439 0.7837802197 6.0217650252 0.6030303920 0.7837802197 -0.1484685609 10.5056014720 
# 
loop_
_struct_conf.conf_type_id 
_struct_conf.id 
_struct_conf.pdbx_PDB_helix_id 
_struct_conf.beg_label_comp_id 
_struct_conf.beg_label_asym_id 
_struct_conf.beg_label_seq_id 
_struct_conf.pdbx_beg_PDB_ins_code 
_struct_conf.end_label_comp_id 
_struct_conf.end_label_asym_id 
_struct_conf.end_label_seq_id 
_struct_conf.pdbx_end_PDB_ins_code 
_struct_conf.beg_auth_comp_id 
_struct_conf.beg_auth_asym_id 
_struct_conf.beg_auth_seq_id 
_struct_conf.end_auth_comp_id 
_struct_conf.end_auth_asym_id 
_struct_conf.end_auth_seq_id 
_struct_conf.pdbx_PDB_helix_class 
_struct_conf.details 
_struct_conf.pdbx_PDB_helix_length 
HELX_P HELX_P1  AA1 GLY A 22  ? ARG A 40  ? GLY A 22  ARG A 40  1 ? 19 
HELX_P HELX_P2  AA2 PRO A 41  ? ILE A 45  ? PRO A 41  ILE A 45  5 ? 5  
HELX_P HELX_P3  AA3 SER A 46  ? GLY A 55  ? SER A 46  GLY A 55  1 ? 10 
HELX_P HELX_P4  AA4 SER A 57  ? PHE A 65  ? SER A 57  PHE A 65  1 ? 9  
HELX_P HELX_P5  AA5 SER A 67  ? ASN A 93  ? SER A 67  ASN A 93  1 ? 27 
HELX_P HELX_P6  AA6 ASP A 98  ? SER A 116 ? ASP A 98  SER A 116 1 ? 19 
HELX_P HELX_P7  AA7 HIS A 117 ? ARG A 128 ? HIS A 117 ARG A 128 1 ? 12 
HELX_P HELX_P8  AA8 SER A 131 ? ARG A 159 ? SER A 131 ARG A 159 1 ? 29 
HELX_P HELX_P9  AA9 PRO A 167 ? ALA A 188 ? PRO A 167 ALA A 188 1 ? 22 
HELX_P HELX_P10 AB1 PRO A 195 ? GLY A 213 ? PRO A 195 GLY A 213 1 ? 19 
# 
_struct_conf_type.id          HELX_P 
_struct_conf_type.criteria    ? 
_struct_conf_type.reference   ? 
# 
_struct_mon_prot_cis.pdbx_id                1 
_struct_mon_prot_cis.label_comp_id          GLN 
_struct_mon_prot_cis.label_seq_id           191 
_struct_mon_prot_cis.label_asym_id          A 
_struct_mon_prot_cis.label_alt_id           . 
_struct_mon_prot_cis.pdbx_PDB_ins_code      ? 
_struct_mon_prot_cis.auth_comp_id           GLN 
_struct_mon_prot_cis.auth_seq_id            191 
_struct_mon_prot_cis.auth_asym_id           A 
_struct_mon_prot_cis.pdbx_label_comp_id_2   PRO 
_struct_mon_prot_cis.pdbx_label_seq_id_2    192 
_struct_mon_prot_cis.pdbx_label_asym_id_2   A 
_struct_mon_prot_cis.pdbx_PDB_ins_code_2    ? 
_struct_mon_prot_cis.pdbx_auth_comp_id_2    PRO 
_struct_mon_prot_cis.pdbx_auth_seq_id_2     192 
_struct_mon_prot_cis.pdbx_auth_asym_id_2    A 
_struct_mon_prot_cis.pdbx_PDB_model_num     1 
_struct_mon_prot_cis.pdbx_omega_angle       5.92 
# 
_struct_site.id                   AC1 
_struct_site.pdbx_evidence_code   Software 
_struct_site.pdbx_auth_asym_id    A 
_struct_site.pdbx_auth_comp_id    6FG 
_struct_site.pdbx_auth_seq_id     301 
_struct_site.pdbx_auth_ins_code   ? 
_struct_site.pdbx_num_residues    5 
_struct_site.details              'binding site for residue 6FG A 301' 
# 
loop_
_struct_site_gen.id 
_struct_site_gen.site_id 
_struct_site_gen.pdbx_num_res 
_struct_site_gen.label_comp_id 
_struct_site_gen.label_asym_id 
_struct_site_gen.label_seq_id 
_struct_site_gen.pdbx_auth_ins_code 
_struct_site_gen.auth_comp_id 
_struct_site_gen.auth_asym_id 
_struct_site_gen.auth_seq_id 
_struct_site_gen.label_atom_id 
_struct_site_gen.label_alt_id 
_struct_site_gen.symmetry 
_struct_site_gen.details 
1 AC1 5 PHE A 110 ? PHE A 110 . ? 1_555 ? 
2 AC1 5 MET A 142 ? MET A 142 . ? 1_555 ? 
3 AC1 5 THR A 149 ? THR A 149 . ? 1_555 ? 
4 AC1 5 ASN A 176 ? ASN A 176 . ? 1_555 ? 
5 AC1 5 ASN A 179 ? ASN A 179 . ? 1_555 ? 
# 
loop_
_pdbx_validate_rmsd_bond.id 
_pdbx_validate_rmsd_bond.PDB_model_num 
_pdbx_validate_rmsd_bond.auth_atom_id_1 
_pdbx_validate_rmsd_bond.auth_asym_id_1 
_pdbx_validate_rmsd_bond.auth_comp_id_1 
_pdbx_validate_rmsd_bond.auth_seq_id_1 
_pdbx_validate_rmsd_bond.PDB_ins_code_1 
_pdbx_validate_rmsd_bond.label_alt_id_1 
_pdbx_validate_rmsd_bond.auth_atom_id_2 
_pdbx_validate_rmsd_bond.auth_asym_id_2 
_pdbx_validate_rmsd_bond.auth_comp_id_2 
_pdbx_validate_rmsd_bond.auth_seq_id_2 
_pdbx_validate_rmsd_bond.PDB_ins_code_2 
_pdbx_validate_rmsd_bond.label_alt_id_2 
_pdbx_validate_rmsd_bond.bond_value 
_pdbx_validate_rmsd_bond.bond_target_value 
_pdbx_validate_rmsd_bond.bond_deviation 
_pdbx_validate_rmsd_bond.bond_standard_deviation 
_pdbx_validate_rmsd_bond.linker_flag 
1 1 CE2 A TRP 103 ? ? CD2 A TRP 103 ? ? 1.489 1.409 0.080 0.012 N 
2 1 CE2 A TRP 138 ? ? CD2 A TRP 138 ? ? 1.495 1.409 0.086 0.012 N 
# 
_pdbx_validate_rmsd_angle.id                         1 
_pdbx_validate_rmsd_angle.PDB_model_num              1 
_pdbx_validate_rmsd_angle.auth_atom_id_1             NE 
_pdbx_validate_rmsd_angle.auth_asym_id_1             A 
_pdbx_validate_rmsd_angle.auth_comp_id_1             ARG 
_pdbx_validate_rmsd_angle.auth_seq_id_1              104 
_pdbx_validate_rmsd_angle.PDB_ins_code_1             ? 
_pdbx_validate_rmsd_angle.label_alt_id_1             ? 
_pdbx_validate_rmsd_angle.auth_atom_id_2             CZ 
_pdbx_validate_rmsd_angle.auth_asym_id_2             A 
_pdbx_validate_rmsd_angle.auth_comp_id_2             ARG 
_pdbx_validate_rmsd_angle.auth_seq_id_2              104 
_pdbx_validate_rmsd_angle.PDB_ins_code_2             ? 
_pdbx_validate_rmsd_angle.label_alt_id_2             ? 
_pdbx_validate_rmsd_angle.auth_atom_id_3             NH2 
_pdbx_validate_rmsd_angle.auth_asym_id_3             A 
_pdbx_validate_rmsd_angle.auth_comp_id_3             ARG 
_pdbx_validate_rmsd_angle.auth_seq_id_3              104 
_pdbx_validate_rmsd_angle.PDB_ins_code_3             ? 
_pdbx_validate_rmsd_angle.label_alt_id_3             ? 
_pdbx_validate_rmsd_angle.angle_value                116.72 
_pdbx_validate_rmsd_angle.angle_target_value         120.30 
_pdbx_validate_rmsd_angle.angle_deviation            -3.58 
_pdbx_validate_rmsd_angle.angle_standard_deviation   0.50 
_pdbx_validate_rmsd_angle.linker_flag                N 
# 
_pdbx_validate_torsion.id              1 
_pdbx_validate_torsion.PDB_model_num   1 
_pdbx_validate_torsion.auth_comp_id    THR 
_pdbx_validate_torsion.auth_asym_id    A 
_pdbx_validate_torsion.auth_seq_id     165 
_pdbx_validate_torsion.PDB_ins_code    ? 
_pdbx_validate_torsion.label_alt_id    ? 
_pdbx_validate_torsion.phi             -105.87 
_pdbx_validate_torsion.psi             -106.16 
# 
_pdbx_struct_special_symmetry.id              1 
_pdbx_struct_special_symmetry.PDB_model_num   1 
_pdbx_struct_special_symmetry.auth_asym_id    A 
_pdbx_struct_special_symmetry.auth_comp_id    HOH 
_pdbx_struct_special_symmetry.auth_seq_id     405 
_pdbx_struct_special_symmetry.PDB_ins_code    ? 
_pdbx_struct_special_symmetry.label_asym_id   C 
_pdbx_struct_special_symmetry.label_comp_id   HOH 
_pdbx_struct_special_symmetry.label_seq_id    . 
# 
loop_
_pdbx_unobs_or_zero_occ_residues.id 
_pdbx_unobs_or_zero_occ_residues.PDB_model_num 
_pdbx_unobs_or_zero_occ_residues.polymer_flag 
_pdbx_unobs_or_zero_occ_residues.occupancy_flag 
_pdbx_unobs_or_zero_occ_residues.auth_asym_id 
_pdbx_unobs_or_zero_occ_residues.auth_comp_id 
_pdbx_unobs_or_zero_occ_residues.auth_seq_id 
_pdbx_unobs_or_zero_occ_residues.PDB_ins_code 
_pdbx_unobs_or_zero_occ_residues.label_asym_id 
_pdbx_unobs_or_zero_occ_residues.label_comp_id 
_pdbx_unobs_or_zero_occ_residues.label_seq_id 
1  1 Y 1 A MET 1   ? A MET 1   
2  1 Y 1 A THR 2   ? A THR 2   
3  1 Y 1 A THR 3   ? A THR 3   
4  1 Y 1 A SER 4   ? A SER 4   
5  1 Y 1 A ALA 5   ? A ALA 5   
6  1 Y 1 A ALA 6   ? A ALA 6   
7  1 Y 1 A SER 7   ? A SER 7   
8  1 Y 1 A GLN 8   ? A GLN 8   
9  1 Y 1 A ALA 9   ? A ALA 9   
10 1 Y 1 A SER 10  ? A SER 10  
11 1 Y 1 A LEU 11  ? A LEU 11  
12 1 Y 1 A PRO 12  ? A PRO 12  
13 1 Y 1 A ARG 13  ? A ARG 13  
14 1 Y 1 A GLY 14  ? A GLY 14  
15 1 Y 1 A ARG 15  ? A ARG 15  
16 1 Y 1 A ARG 16  ? A ARG 16  
17 1 Y 1 A THR 17  ? A THR 17  
18 1 Y 1 A ALA 18  ? A ALA 18  
19 1 Y 1 A ARG 19  ? A ARG 19  
20 1 Y 1 A PRO 20  ? A PRO 20  
21 1 Y 1 A SER 21  ? A SER 21  
22 1 Y 1 A ASN 215 ? A ASN 215 
23 1 Y 1 A ARG 216 ? A ARG 216 
# 
loop_
_chem_comp_atom.comp_id 
_chem_comp_atom.atom_id 
_chem_comp_atom.type_symbol 
_chem_comp_atom.pdbx_aromatic_flag 
_chem_comp_atom.pdbx_stereo_config 
_chem_comp_atom.pdbx_ordinal 
6FG O1   O N N 1   
6FG C6   C N N 2   
6FG N    N N N 3   
6FG C10  C N N 4   
6FG C9   C N N 5   
6FG C8   C N N 6   
6FG C7   C N N 7   
6FG C5   C N N 8   
6FG C4   C N N 9   
6FG C3   C Y N 10  
6FG C    C Y N 11  
6FG C2   C Y N 12  
6FG O    O Y N 13  
6FG C1   C Y N 14  
6FG H1   H N N 15  
6FG H2   H N N 16  
6FG H3   H N N 17  
6FG H4   H N N 18  
6FG H5   H N N 19  
6FG H6   H N N 20  
6FG H7   H N N 21  
6FG H8   H N N 22  
6FG H9   H N N 23  
6FG H10  H N N 24  
6FG H11  H N N 25  
6FG H12  H N N 26  
6FG H13  H N N 27  
6FG H14  H N N 28  
6FG H15  H N N 29  
ALA N    N N N 30  
ALA CA   C N S 31  
ALA C    C N N 32  
ALA O    O N N 33  
ALA CB   C N N 34  
ALA OXT  O N N 35  
ALA H    H N N 36  
ALA H2   H N N 37  
ALA HA   H N N 38  
ALA HB1  H N N 39  
ALA HB2  H N N 40  
ALA HB3  H N N 41  
ALA HXT  H N N 42  
ARG N    N N N 43  
ARG CA   C N S 44  
ARG C    C N N 45  
ARG O    O N N 46  
ARG CB   C N N 47  
ARG CG   C N N 48  
ARG CD   C N N 49  
ARG NE   N N N 50  
ARG CZ   C N N 51  
ARG NH1  N N N 52  
ARG NH2  N N N 53  
ARG OXT  O N N 54  
ARG H    H N N 55  
ARG H2   H N N 56  
ARG HA   H N N 57  
ARG HB2  H N N 58  
ARG HB3  H N N 59  
ARG HG2  H N N 60  
ARG HG3  H N N 61  
ARG HD2  H N N 62  
ARG HD3  H N N 63  
ARG HE   H N N 64  
ARG HH11 H N N 65  
ARG HH12 H N N 66  
ARG HH21 H N N 67  
ARG HH22 H N N 68  
ARG HXT  H N N 69  
ASN N    N N N 70  
ASN CA   C N S 71  
ASN C    C N N 72  
ASN O    O N N 73  
ASN CB   C N N 74  
ASN CG   C N N 75  
ASN OD1  O N N 76  
ASN ND2  N N N 77  
ASN OXT  O N N 78  
ASN H    H N N 79  
ASN H2   H N N 80  
ASN HA   H N N 81  
ASN HB2  H N N 82  
ASN HB3  H N N 83  
ASN HD21 H N N 84  
ASN HD22 H N N 85  
ASN HXT  H N N 86  
ASP N    N N N 87  
ASP CA   C N S 88  
ASP C    C N N 89  
ASP O    O N N 90  
ASP CB   C N N 91  
ASP CG   C N N 92  
ASP OD1  O N N 93  
ASP OD2  O N N 94  
ASP OXT  O N N 95  
ASP H    H N N 96  
ASP H2   H N N 97  
ASP HA   H N N 98  
ASP HB2  H N N 99  
ASP HB3  H N N 100 
ASP HD2  H N N 101 
ASP HXT  H N N 102 
GLN N    N N N 103 
GLN CA   C N S 104 
GLN C    C N N 105 
GLN O    O N N 106 
GLN CB   C N N 107 
GLN CG   C N N 108 
GLN CD   C N N 109 
GLN OE1  O N N 110 
GLN NE2  N N N 111 
GLN OXT  O N N 112 
GLN H    H N N 113 
GLN H2   H N N 114 
GLN HA   H N N 115 
GLN HB2  H N N 116 
GLN HB3  H N N 117 
GLN HG2  H N N 118 
GLN HG3  H N N 119 
GLN HE21 H N N 120 
GLN HE22 H N N 121 
GLN HXT  H N N 122 
GLU N    N N N 123 
GLU CA   C N S 124 
GLU C    C N N 125 
GLU O    O N N 126 
GLU CB   C N N 127 
GLU CG   C N N 128 
GLU CD   C N N 129 
GLU OE1  O N N 130 
GLU OE2  O N N 131 
GLU OXT  O N N 132 
GLU H    H N N 133 
GLU H2   H N N 134 
GLU HA   H N N 135 
GLU HB2  H N N 136 
GLU HB3  H N N 137 
GLU HG2  H N N 138 
GLU HG3  H N N 139 
GLU HE2  H N N 140 
GLU HXT  H N N 141 
GLY N    N N N 142 
GLY CA   C N N 143 
GLY C    C N N 144 
GLY O    O N N 145 
GLY OXT  O N N 146 
GLY H    H N N 147 
GLY H2   H N N 148 
GLY HA2  H N N 149 
GLY HA3  H N N 150 
GLY HXT  H N N 151 
HIS N    N N N 152 
HIS CA   C N S 153 
HIS C    C N N 154 
HIS O    O N N 155 
HIS CB   C N N 156 
HIS CG   C Y N 157 
HIS ND1  N Y N 158 
HIS CD2  C Y N 159 
HIS CE1  C Y N 160 
HIS NE2  N Y N 161 
HIS OXT  O N N 162 
HIS H    H N N 163 
HIS H2   H N N 164 
HIS HA   H N N 165 
HIS HB2  H N N 166 
HIS HB3  H N N 167 
HIS HD1  H N N 168 
HIS HD2  H N N 169 
HIS HE1  H N N 170 
HIS HE2  H N N 171 
HIS HXT  H N N 172 
HOH O    O N N 173 
HOH H1   H N N 174 
HOH H2   H N N 175 
ILE N    N N N 176 
ILE CA   C N S 177 
ILE C    C N N 178 
ILE O    O N N 179 
ILE CB   C N S 180 
ILE CG1  C N N 181 
ILE CG2  C N N 182 
ILE CD1  C N N 183 
ILE OXT  O N N 184 
ILE H    H N N 185 
ILE H2   H N N 186 
ILE HA   H N N 187 
ILE HB   H N N 188 
ILE HG12 H N N 189 
ILE HG13 H N N 190 
ILE HG21 H N N 191 
ILE HG22 H N N 192 
ILE HG23 H N N 193 
ILE HD11 H N N 194 
ILE HD12 H N N 195 
ILE HD13 H N N 196 
ILE HXT  H N N 197 
LEU N    N N N 198 
LEU CA   C N S 199 
LEU C    C N N 200 
LEU O    O N N 201 
LEU CB   C N N 202 
LEU CG   C N N 203 
LEU CD1  C N N 204 
LEU CD2  C N N 205 
LEU OXT  O N N 206 
LEU H    H N N 207 
LEU H2   H N N 208 
LEU HA   H N N 209 
LEU HB2  H N N 210 
LEU HB3  H N N 211 
LEU HG   H N N 212 
LEU HD11 H N N 213 
LEU HD12 H N N 214 
LEU HD13 H N N 215 
LEU HD21 H N N 216 
LEU HD22 H N N 217 
LEU HD23 H N N 218 
LEU HXT  H N N 219 
LYS N    N N N 220 
LYS CA   C N S 221 
LYS C    C N N 222 
LYS O    O N N 223 
LYS CB   C N N 224 
LYS CG   C N N 225 
LYS CD   C N N 226 
LYS CE   C N N 227 
LYS NZ   N N N 228 
LYS OXT  O N N 229 
LYS H    H N N 230 
LYS H2   H N N 231 
LYS HA   H N N 232 
LYS HB2  H N N 233 
LYS HB3  H N N 234 
LYS HG2  H N N 235 
LYS HG3  H N N 236 
LYS HD2  H N N 237 
LYS HD3  H N N 238 
LYS HE2  H N N 239 
LYS HE3  H N N 240 
LYS HZ1  H N N 241 
LYS HZ2  H N N 242 
LYS HZ3  H N N 243 
LYS HXT  H N N 244 
MET N    N N N 245 
MET CA   C N S 246 
MET C    C N N 247 
MET O    O N N 248 
MET CB   C N N 249 
MET CG   C N N 250 
MET SD   S N N 251 
MET CE   C N N 252 
MET OXT  O N N 253 
MET H    H N N 254 
MET H2   H N N 255 
MET HA   H N N 256 
MET HB2  H N N 257 
MET HB3  H N N 258 
MET HG2  H N N 259 
MET HG3  H N N 260 
MET HE1  H N N 261 
MET HE2  H N N 262 
MET HE3  H N N 263 
MET HXT  H N N 264 
PHE N    N N N 265 
PHE CA   C N S 266 
PHE C    C N N 267 
PHE O    O N N 268 
PHE CB   C N N 269 
PHE CG   C Y N 270 
PHE CD1  C Y N 271 
PHE CD2  C Y N 272 
PHE CE1  C Y N 273 
PHE CE2  C Y N 274 
PHE CZ   C Y N 275 
PHE OXT  O N N 276 
PHE H    H N N 277 
PHE H2   H N N 278 
PHE HA   H N N 279 
PHE HB2  H N N 280 
PHE HB3  H N N 281 
PHE HD1  H N N 282 
PHE HD2  H N N 283 
PHE HE1  H N N 284 
PHE HE2  H N N 285 
PHE HZ   H N N 286 
PHE HXT  H N N 287 
PRO N    N N N 288 
PRO CA   C N S 289 
PRO C    C N N 290 
PRO O    O N N 291 
PRO CB   C N N 292 
PRO CG   C N N 293 
PRO CD   C N N 294 
PRO OXT  O N N 295 
PRO H    H N N 296 
PRO HA   H N N 297 
PRO HB2  H N N 298 
PRO HB3  H N N 299 
PRO HG2  H N N 300 
PRO HG3  H N N 301 
PRO HD2  H N N 302 
PRO HD3  H N N 303 
PRO HXT  H N N 304 
SER N    N N N 305 
SER CA   C N S 306 
SER C    C N N 307 
SER O    O N N 308 
SER CB   C N N 309 
SER OG   O N N 310 
SER OXT  O N N 311 
SER H    H N N 312 
SER H2   H N N 313 
SER HA   H N N 314 
SER HB2  H N N 315 
SER HB3  H N N 316 
SER HG   H N N 317 
SER HXT  H N N 318 
THR N    N N N 319 
THR CA   C N S 320 
THR C    C N N 321 
THR O    O N N 322 
THR CB   C N R 323 
THR OG1  O N N 324 
THR CG2  C N N 325 
THR OXT  O N N 326 
THR H    H N N 327 
THR H2   H N N 328 
THR HA   H N N 329 
THR HB   H N N 330 
THR HG1  H N N 331 
THR HG21 H N N 332 
THR HG22 H N N 333 
THR HG23 H N N 334 
THR HXT  H N N 335 
TRP N    N N N 336 
TRP CA   C N S 337 
TRP C    C N N 338 
TRP O    O N N 339 
TRP CB   C N N 340 
TRP CG   C Y N 341 
TRP CD1  C Y N 342 
TRP CD2  C Y N 343 
TRP NE1  N Y N 344 
TRP CE2  C Y N 345 
TRP CE3  C Y N 346 
TRP CZ2  C Y N 347 
TRP CZ3  C Y N 348 
TRP CH2  C Y N 349 
TRP OXT  O N N 350 
TRP H    H N N 351 
TRP H2   H N N 352 
TRP HA   H N N 353 
TRP HB2  H N N 354 
TRP HB3  H N N 355 
TRP HD1  H N N 356 
TRP HE1  H N N 357 
TRP HE3  H N N 358 
TRP HZ2  H N N 359 
TRP HZ3  H N N 360 
TRP HH2  H N N 361 
TRP HXT  H N N 362 
TYR N    N N N 363 
TYR CA   C N S 364 
TYR C    C N N 365 
TYR O    O N N 366 
TYR CB   C N N 367 
TYR CG   C Y N 368 
TYR CD1  C Y N 369 
TYR CD2  C Y N 370 
TYR CE1  C Y N 371 
TYR CE2  C Y N 372 
TYR CZ   C Y N 373 
TYR OH   O N N 374 
TYR OXT  O N N 375 
TYR H    H N N 376 
TYR H2   H N N 377 
TYR HA   H N N 378 
TYR HB2  H N N 379 
TYR HB3  H N N 380 
TYR HD1  H N N 381 
TYR HD2  H N N 382 
TYR HE1  H N N 383 
TYR HE2  H N N 384 
TYR HH   H N N 385 
TYR HXT  H N N 386 
VAL N    N N N 387 
VAL CA   C N S 388 
VAL C    C N N 389 
VAL O    O N N 390 
VAL CB   C N N 391 
VAL CG1  C N N 392 
VAL CG2  C N N 393 
VAL OXT  O N N 394 
VAL H    H N N 395 
VAL H2   H N N 396 
VAL HA   H N N 397 
VAL HB   H N N 398 
VAL HG11 H N N 399 
VAL HG12 H N N 400 
VAL HG13 H N N 401 
VAL HG21 H N N 402 
VAL HG22 H N N 403 
VAL HG23 H N N 404 
VAL HXT  H N N 405 
# 
loop_
_chem_comp_bond.comp_id 
_chem_comp_bond.atom_id_1 
_chem_comp_bond.atom_id_2 
_chem_comp_bond.value_order 
_chem_comp_bond.pdbx_aromatic_flag 
_chem_comp_bond.pdbx_stereo_config 
_chem_comp_bond.pdbx_ordinal 
6FG O   C2   sing Y N 1   
6FG O   C1   sing Y N 2   
6FG C2  C3   doub Y N 3   
6FG C1  C    doub Y N 4   
6FG C7  C8   sing N N 5   
6FG C7  N    sing N N 6   
6FG C3  C    sing Y N 7   
6FG C3  C4   sing N N 8   
6FG C8  C9   sing N N 9   
6FG C5  C4   sing N N 10  
6FG C5  C6   sing N N 11  
6FG N   C6   sing N N 12  
6FG N   C10  sing N N 13  
6FG C6  O1   doub N N 14  
6FG C9  C10  sing N N 15  
6FG C10 H1   sing N N 16  
6FG C9  H2   sing N N 17  
6FG C8  H3   sing N N 18  
6FG C7  H4   sing N N 19  
6FG C5  H5   sing N N 20  
6FG C5  H6   sing N N 21  
6FG C4  H7   sing N N 22  
6FG C4  H8   sing N N 23  
6FG C   H9   sing N N 24  
6FG C2  H10  sing N N 25  
6FG C1  H11  sing N N 26  
6FG C10 H12  sing N N 27  
6FG C9  H13  sing N N 28  
6FG C8  H14  sing N N 29  
6FG C7  H15  sing N N 30  
ALA N   CA   sing N N 31  
ALA N   H    sing N N 32  
ALA N   H2   sing N N 33  
ALA CA  C    sing N N 34  
ALA CA  CB   sing N N 35  
ALA CA  HA   sing N N 36  
ALA C   O    doub N N 37  
ALA C   OXT  sing N N 38  
ALA CB  HB1  sing N N 39  
ALA CB  HB2  sing N N 40  
ALA CB  HB3  sing N N 41  
ALA OXT HXT  sing N N 42  
ARG N   CA   sing N N 43  
ARG N   H    sing N N 44  
ARG N   H2   sing N N 45  
ARG CA  C    sing N N 46  
ARG CA  CB   sing N N 47  
ARG CA  HA   sing N N 48  
ARG C   O    doub N N 49  
ARG C   OXT  sing N N 50  
ARG CB  CG   sing N N 51  
ARG CB  HB2  sing N N 52  
ARG CB  HB3  sing N N 53  
ARG CG  CD   sing N N 54  
ARG CG  HG2  sing N N 55  
ARG CG  HG3  sing N N 56  
ARG CD  NE   sing N N 57  
ARG CD  HD2  sing N N 58  
ARG CD  HD3  sing N N 59  
ARG NE  CZ   sing N N 60  
ARG NE  HE   sing N N 61  
ARG CZ  NH1  sing N N 62  
ARG CZ  NH2  doub N N 63  
ARG NH1 HH11 sing N N 64  
ARG NH1 HH12 sing N N 65  
ARG NH2 HH21 sing N N 66  
ARG NH2 HH22 sing N N 67  
ARG OXT HXT  sing N N 68  
ASN N   CA   sing N N 69  
ASN N   H    sing N N 70  
ASN N   H2   sing N N 71  
ASN CA  C    sing N N 72  
ASN CA  CB   sing N N 73  
ASN CA  HA   sing N N 74  
ASN C   O    doub N N 75  
ASN C   OXT  sing N N 76  
ASN CB  CG   sing N N 77  
ASN CB  HB2  sing N N 78  
ASN CB  HB3  sing N N 79  
ASN CG  OD1  doub N N 80  
ASN CG  ND2  sing N N 81  
ASN ND2 HD21 sing N N 82  
ASN ND2 HD22 sing N N 83  
ASN OXT HXT  sing N N 84  
ASP N   CA   sing N N 85  
ASP N   H    sing N N 86  
ASP N   H2   sing N N 87  
ASP CA  C    sing N N 88  
ASP CA  CB   sing N N 89  
ASP CA  HA   sing N N 90  
ASP C   O    doub N N 91  
ASP C   OXT  sing N N 92  
ASP CB  CG   sing N N 93  
ASP CB  HB2  sing N N 94  
ASP CB  HB3  sing N N 95  
ASP CG  OD1  doub N N 96  
ASP CG  OD2  sing N N 97  
ASP OD2 HD2  sing N N 98  
ASP OXT HXT  sing N N 99  
GLN N   CA   sing N N 100 
GLN N   H    sing N N 101 
GLN N   H2   sing N N 102 
GLN CA  C    sing N N 103 
GLN CA  CB   sing N N 104 
GLN CA  HA   sing N N 105 
GLN C   O    doub N N 106 
GLN C   OXT  sing N N 107 
GLN CB  CG   sing N N 108 
GLN CB  HB2  sing N N 109 
GLN CB  HB3  sing N N 110 
GLN CG  CD   sing N N 111 
GLN CG  HG2  sing N N 112 
GLN CG  HG3  sing N N 113 
GLN CD  OE1  doub N N 114 
GLN CD  NE2  sing N N 115 
GLN NE2 HE21 sing N N 116 
GLN NE2 HE22 sing N N 117 
GLN OXT HXT  sing N N 118 
GLU N   CA   sing N N 119 
GLU N   H    sing N N 120 
GLU N   H2   sing N N 121 
GLU CA  C    sing N N 122 
GLU CA  CB   sing N N 123 
GLU CA  HA   sing N N 124 
GLU C   O    doub N N 125 
GLU C   OXT  sing N N 126 
GLU CB  CG   sing N N 127 
GLU CB  HB2  sing N N 128 
GLU CB  HB3  sing N N 129 
GLU CG  CD   sing N N 130 
GLU CG  HG2  sing N N 131 
GLU CG  HG3  sing N N 132 
GLU CD  OE1  doub N N 133 
GLU CD  OE2  sing N N 134 
GLU OE2 HE2  sing N N 135 
GLU OXT HXT  sing N N 136 
GLY N   CA   sing N N 137 
GLY N   H    sing N N 138 
GLY N   H2   sing N N 139 
GLY CA  C    sing N N 140 
GLY CA  HA2  sing N N 141 
GLY CA  HA3  sing N N 142 
GLY C   O    doub N N 143 
GLY C   OXT  sing N N 144 
GLY OXT HXT  sing N N 145 
HIS N   CA   sing N N 146 
HIS N   H    sing N N 147 
HIS N   H2   sing N N 148 
HIS CA  C    sing N N 149 
HIS CA  CB   sing N N 150 
HIS CA  HA   sing N N 151 
HIS C   O    doub N N 152 
HIS C   OXT  sing N N 153 
HIS CB  CG   sing N N 154 
HIS CB  HB2  sing N N 155 
HIS CB  HB3  sing N N 156 
HIS CG  ND1  sing Y N 157 
HIS CG  CD2  doub Y N 158 
HIS ND1 CE1  doub Y N 159 
HIS ND1 HD1  sing N N 160 
HIS CD2 NE2  sing Y N 161 
HIS CD2 HD2  sing N N 162 
HIS CE1 NE2  sing Y N 163 
HIS CE1 HE1  sing N N 164 
HIS NE2 HE2  sing N N 165 
HIS OXT HXT  sing N N 166 
HOH O   H1   sing N N 167 
HOH O   H2   sing N N 168 
ILE N   CA   sing N N 169 
ILE N   H    sing N N 170 
ILE N   H2   sing N N 171 
ILE CA  C    sing N N 172 
ILE CA  CB   sing N N 173 
ILE CA  HA   sing N N 174 
ILE C   O    doub N N 175 
ILE C   OXT  sing N N 176 
ILE CB  CG1  sing N N 177 
ILE CB  CG2  sing N N 178 
ILE CB  HB   sing N N 179 
ILE CG1 CD1  sing N N 180 
ILE CG1 HG12 sing N N 181 
ILE CG1 HG13 sing N N 182 
ILE CG2 HG21 sing N N 183 
ILE CG2 HG22 sing N N 184 
ILE CG2 HG23 sing N N 185 
ILE CD1 HD11 sing N N 186 
ILE CD1 HD12 sing N N 187 
ILE CD1 HD13 sing N N 188 
ILE OXT HXT  sing N N 189 
LEU N   CA   sing N N 190 
LEU N   H    sing N N 191 
LEU N   H2   sing N N 192 
LEU CA  C    sing N N 193 
LEU CA  CB   sing N N 194 
LEU CA  HA   sing N N 195 
LEU C   O    doub N N 196 
LEU C   OXT  sing N N 197 
LEU CB  CG   sing N N 198 
LEU CB  HB2  sing N N 199 
LEU CB  HB3  sing N N 200 
LEU CG  CD1  sing N N 201 
LEU CG  CD2  sing N N 202 
LEU CG  HG   sing N N 203 
LEU CD1 HD11 sing N N 204 
LEU CD1 HD12 sing N N 205 
LEU CD1 HD13 sing N N 206 
LEU CD2 HD21 sing N N 207 
LEU CD2 HD22 sing N N 208 
LEU CD2 HD23 sing N N 209 
LEU OXT HXT  sing N N 210 
LYS N   CA   sing N N 211 
LYS N   H    sing N N 212 
LYS N   H2   sing N N 213 
LYS CA  C    sing N N 214 
LYS CA  CB   sing N N 215 
LYS CA  HA   sing N N 216 
LYS C   O    doub N N 217 
LYS C   OXT  sing N N 218 
LYS CB  CG   sing N N 219 
LYS CB  HB2  sing N N 220 
LYS CB  HB3  sing N N 221 
LYS CG  CD   sing N N 222 
LYS CG  HG2  sing N N 223 
LYS CG  HG3  sing N N 224 
LYS CD  CE   sing N N 225 
LYS CD  HD2  sing N N 226 
LYS CD  HD3  sing N N 227 
LYS CE  NZ   sing N N 228 
LYS CE  HE2  sing N N 229 
LYS CE  HE3  sing N N 230 
LYS NZ  HZ1  sing N N 231 
LYS NZ  HZ2  sing N N 232 
LYS NZ  HZ3  sing N N 233 
LYS OXT HXT  sing N N 234 
MET N   CA   sing N N 235 
MET N   H    sing N N 236 
MET N   H2   sing N N 237 
MET CA  C    sing N N 238 
MET CA  CB   sing N N 239 
MET CA  HA   sing N N 240 
MET C   O    doub N N 241 
MET C   OXT  sing N N 242 
MET CB  CG   sing N N 243 
MET CB  HB2  sing N N 244 
MET CB  HB3  sing N N 245 
MET CG  SD   sing N N 246 
MET CG  HG2  sing N N 247 
MET CG  HG3  sing N N 248 
MET SD  CE   sing N N 249 
MET CE  HE1  sing N N 250 
MET CE  HE2  sing N N 251 
MET CE  HE3  sing N N 252 
MET OXT HXT  sing N N 253 
PHE N   CA   sing N N 254 
PHE N   H    sing N N 255 
PHE N   H2   sing N N 256 
PHE CA  C    sing N N 257 
PHE CA  CB   sing N N 258 
PHE CA  HA   sing N N 259 
PHE C   O    doub N N 260 
PHE C   OXT  sing N N 261 
PHE CB  CG   sing N N 262 
PHE CB  HB2  sing N N 263 
PHE CB  HB3  sing N N 264 
PHE CG  CD1  doub Y N 265 
PHE CG  CD2  sing Y N 266 
PHE CD1 CE1  sing Y N 267 
PHE CD1 HD1  sing N N 268 
PHE CD2 CE2  doub Y N 269 
PHE CD2 HD2  sing N N 270 
PHE CE1 CZ   doub Y N 271 
PHE CE1 HE1  sing N N 272 
PHE CE2 CZ   sing Y N 273 
PHE CE2 HE2  sing N N 274 
PHE CZ  HZ   sing N N 275 
PHE OXT HXT  sing N N 276 
PRO N   CA   sing N N 277 
PRO N   CD   sing N N 278 
PRO N   H    sing N N 279 
PRO CA  C    sing N N 280 
PRO CA  CB   sing N N 281 
PRO CA  HA   sing N N 282 
PRO C   O    doub N N 283 
PRO C   OXT  sing N N 284 
PRO CB  CG   sing N N 285 
PRO CB  HB2  sing N N 286 
PRO CB  HB3  sing N N 287 
PRO CG  CD   sing N N 288 
PRO CG  HG2  sing N N 289 
PRO CG  HG3  sing N N 290 
PRO CD  HD2  sing N N 291 
PRO CD  HD3  sing N N 292 
PRO OXT HXT  sing N N 293 
SER N   CA   sing N N 294 
SER N   H    sing N N 295 
SER N   H2   sing N N 296 
SER CA  C    sing N N 297 
SER CA  CB   sing N N 298 
SER CA  HA   sing N N 299 
SER C   O    doub N N 300 
SER C   OXT  sing N N 301 
SER CB  OG   sing N N 302 
SER CB  HB2  sing N N 303 
SER CB  HB3  sing N N 304 
SER OG  HG   sing N N 305 
SER OXT HXT  sing N N 306 
THR N   CA   sing N N 307 
THR N   H    sing N N 308 
THR N   H2   sing N N 309 
THR CA  C    sing N N 310 
THR CA  CB   sing N N 311 
THR CA  HA   sing N N 312 
THR C   O    doub N N 313 
THR C   OXT  sing N N 314 
THR CB  OG1  sing N N 315 
THR CB  CG2  sing N N 316 
THR CB  HB   sing N N 317 
THR OG1 HG1  sing N N 318 
THR CG2 HG21 sing N N 319 
THR CG2 HG22 sing N N 320 
THR CG2 HG23 sing N N 321 
THR OXT HXT  sing N N 322 
TRP N   CA   sing N N 323 
TRP N   H    sing N N 324 
TRP N   H2   sing N N 325 
TRP CA  C    sing N N 326 
TRP CA  CB   sing N N 327 
TRP CA  HA   sing N N 328 
TRP C   O    doub N N 329 
TRP C   OXT  sing N N 330 
TRP CB  CG   sing N N 331 
TRP CB  HB2  sing N N 332 
TRP CB  HB3  sing N N 333 
TRP CG  CD1  doub Y N 334 
TRP CG  CD2  sing Y N 335 
TRP CD1 NE1  sing Y N 336 
TRP CD1 HD1  sing N N 337 
TRP CD2 CE2  doub Y N 338 
TRP CD2 CE3  sing Y N 339 
TRP NE1 CE2  sing Y N 340 
TRP NE1 HE1  sing N N 341 
TRP CE2 CZ2  sing Y N 342 
TRP CE3 CZ3  doub Y N 343 
TRP CE3 HE3  sing N N 344 
TRP CZ2 CH2  doub Y N 345 
TRP CZ2 HZ2  sing N N 346 
TRP CZ3 CH2  sing Y N 347 
TRP CZ3 HZ3  sing N N 348 
TRP CH2 HH2  sing N N 349 
TRP OXT HXT  sing N N 350 
TYR N   CA   sing N N 351 
TYR N   H    sing N N 352 
TYR N   H2   sing N N 353 
TYR CA  C    sing N N 354 
TYR CA  CB   sing N N 355 
TYR CA  HA   sing N N 356 
TYR C   O    doub N N 357 
TYR C   OXT  sing N N 358 
TYR CB  CG   sing N N 359 
TYR CB  HB2  sing N N 360 
TYR CB  HB3  sing N N 361 
TYR CG  CD1  doub Y N 362 
TYR CG  CD2  sing Y N 363 
TYR CD1 CE1  sing Y N 364 
TYR CD1 HD1  sing N N 365 
TYR CD2 CE2  doub Y N 366 
TYR CD2 HD2  sing N N 367 
TYR CE1 CZ   doub Y N 368 
TYR CE1 HE1  sing N N 369 
TYR CE2 CZ   sing Y N 370 
TYR CE2 HE2  sing N N 371 
TYR CZ  OH   sing N N 372 
TYR OH  HH   sing N N 373 
TYR OXT HXT  sing N N 374 
VAL N   CA   sing N N 375 
VAL N   H    sing N N 376 
VAL N   H2   sing N N 377 
VAL CA  C    sing N N 378 
VAL CA  CB   sing N N 379 
VAL CA  HA   sing N N 380 
VAL C   O    doub N N 381 
VAL C   OXT  sing N N 382 
VAL CB  CG1  sing N N 383 
VAL CB  CG2  sing N N 384 
VAL CB  HB   sing N N 385 
VAL CG1 HG11 sing N N 386 
VAL CG1 HG12 sing N N 387 
VAL CG1 HG13 sing N N 388 
VAL CG2 HG21 sing N N 389 
VAL CG2 HG22 sing N N 390 
VAL CG2 HG23 sing N N 391 
VAL OXT HXT  sing N N 392 
# 
loop_
_pdbx_audit_support.funding_organization 
_pdbx_audit_support.country 
_pdbx_audit_support.grant_number 
_pdbx_audit_support.ordinal 
'Engineering and Physical Sciences Research Council' 'United Kingdom' ? 1 
'Bill & Melinda Gates Foundation'                    'United States'  ? 2 
'European Union'                                     ?                ? 3 
# 
_pdbx_initial_refinement_model.id               1 
_pdbx_initial_refinement_model.entity_id_list   ? 
_pdbx_initial_refinement_model.type             'experimental model' 
_pdbx_initial_refinement_model.source_name      PDB 
_pdbx_initial_refinement_model.accession_code   1T56 
_pdbx_initial_refinement_model.details          ? 
# 
_atom_sites.entry_id                    5J1R 
_atom_sites.fract_transf_matrix[1][1]   0.00241437 
_atom_sites.fract_transf_matrix[1][2]   -0.00473736 
_atom_sites.fract_transf_matrix[1][3]   -0.00620299 
_atom_sites.fract_transf_matrix[2][1]   -0.00775339 
_atom_sites.fract_transf_matrix[2][2]   -0.00220195 
_atom_sites.fract_transf_matrix[2][3]   -0.00133616 
_atom_sites.fract_transf_matrix[3][1]   -0.00326042 
_atom_sites.fract_transf_matrix[3][2]   0.02283114 
_atom_sites.fract_transf_matrix[3][3]   -0.01870567 
_atom_sites.fract_transf_vector[1]      0.290832 
_atom_sites.fract_transf_vector[2]      0.142426 
_atom_sites.fract_transf_vector[3]      0.492577 
# 
loop_
_atom_type.symbol 
C 
N 
O 
S 
# 
loop_
_atom_site.group_PDB 
_atom_site.id 
_atom_site.type_symbol 
_atom_site.label_atom_id 
_atom_site.label_alt_id 
_atom_site.label_comp_id 
_atom_site.label_asym_id 
_atom_site.label_entity_id 
_atom_site.label_seq_id 
_atom_site.pdbx_PDB_ins_code 
_atom_site.Cartn_x 
_atom_site.Cartn_y 
_atom_site.Cartn_z 
_atom_site.occupancy 
_atom_site.B_iso_or_equiv 
_atom_site.pdbx_formal_charge 
_atom_site.auth_seq_id 
_atom_site.auth_comp_id 
_atom_site.auth_asym_id 
_atom_site.auth_atom_id 
_atom_site.pdbx_PDB_model_num 
ATOM   1    N N   . GLY A 1 22  ? 8.485   -16.871 -20.692 1.00 43.82 ? 22  GLY A N   1 
ATOM   2    C CA  . GLY A 1 22  ? 9.183   -17.079 -19.411 1.00 50.38 ? 22  GLY A CA  1 
ATOM   3    C C   . GLY A 1 22  ? 8.778   -15.941 -18.487 1.00 59.42 ? 22  GLY A C   1 
ATOM   4    O O   . GLY A 1 22  ? 7.582   -15.607 -18.399 1.00 48.46 ? 22  GLY A O   1 
ATOM   5    N N   . ASP A 1 23  ? 9.765   -15.350 -17.794 1.00 60.96 ? 23  ASP A N   1 
ATOM   6    C CA  . ASP A 1 23  ? 9.556   -14.122 -17.023 1.00 62.96 ? 23  ASP A CA  1 
ATOM   7    C C   . ASP A 1 23  ? 9.179   -12.958 -18.004 1.00 65.41 ? 23  ASP A C   1 
ATOM   8    O O   . ASP A 1 23  ? 8.632   -11.942 -17.589 1.00 67.17 ? 23  ASP A O   1 
ATOM   9    C CB  . ASP A 1 23  ? 10.778  -13.802 -16.120 1.00 56.43 ? 23  ASP A CB  1 
ATOM   10   N N   . ASP A 1 24  ? 9.431   -13.158 -19.304 1.00 62.55 ? 24  ASP A N   1 
ATOM   11   C CA  . ASP A 1 24  ? 9.076   -12.220 -20.377 1.00 53.55 ? 24  ASP A CA  1 
ATOM   12   C C   . ASP A 1 24  ? 7.553   -12.196 -20.676 1.00 45.60 ? 24  ASP A C   1 
ATOM   13   O O   . ASP A 1 24  ? 6.937   -11.124 -20.706 1.00 38.72 ? 24  ASP A O   1 
ATOM   14   C CB  . ASP A 1 24  ? 9.829   -12.589 -21.669 1.00 63.83 ? 24  ASP A CB  1 
ATOM   15   C CG  . ASP A 1 24  ? 10.902  -13.729 -21.465 1.00 80.35 ? 24  ASP A CG  1 
ATOM   16   O OD1 . ASP A 1 24  ? 12.095  -13.389 -21.257 1.00 74.09 ? 24  ASP A OD1 1 
ATOM   17   O OD2 . ASP A 1 24  ? 10.558  -14.952 -21.525 1.00 73.49 ? 24  ASP A OD2 1 
ATOM   18   N N   . ARG A 1 25  ? 6.968   -13.366 -20.947 1.00 38.79 ? 25  ARG A N   1 
ATOM   19   C CA  . ARG A 1 25  ? 5.542   -13.479 -21.171 1.00 37.16 ? 25  ARG A CA  1 
ATOM   20   C C   . ARG A 1 25  ? 4.729   -13.140 -19.874 1.00 33.35 ? 25  ARG A C   1 
ATOM   21   O O   . ARG A 1 25  ? 3.714   -12.424 -19.933 1.00 30.81 ? 25  ARG A O   1 
ATOM   22   C CB  . ARG A 1 25  ? 5.192   -14.842 -21.783 1.00 40.86 ? 25  ARG A CB  1 
ATOM   23   C CG  . ARG A 1 25  ? 5.491   -14.954 -23.281 1.00 37.69 ? 25  ARG A CG  1 
ATOM   24   N N   . GLU A 1 26  ? 5.197   -13.639 -18.732 1.00 32.56 ? 26  GLU A N   1 
ATOM   25   C CA  . GLU A 1 26  ? 4.678   -13.236 -17.414 1.00 34.21 ? 26  GLU A CA  1 
ATOM   26   C C   . GLU A 1 26  ? 4.668   -11.717 -17.197 1.00 29.87 ? 26  GLU A C   1 
ATOM   27   O O   . GLU A 1 26  ? 3.623   -11.170 -16.932 1.00 26.04 ? 26  GLU A O   1 
ATOM   28   C CB  . GLU A 1 26  ? 5.419   -13.889 -16.311 1.00 31.39 ? 26  GLU A CB  1 
ATOM   29   C CG  . GLU A 1 26  ? 4.483   -14.292 -15.221 1.00 43.95 ? 26  GLU A CG  1 
ATOM   30   C CD  . GLU A 1 26  ? 5.128   -15.261 -14.262 1.00 55.56 ? 26  GLU A CD  1 
ATOM   31   O OE1 . GLU A 1 26  ? 6.025   -14.827 -13.520 1.00 57.80 ? 26  GLU A OE1 1 
ATOM   32   O OE2 . GLU A 1 26  ? 4.736   -16.446 -14.254 1.00 64.99 ? 26  GLU A OE2 1 
ATOM   33   N N   . LEU A 1 27  ? 5.807   -11.040 -17.379 1.00 27.19 ? 27  LEU A N   1 
ATOM   34   C CA  . LEU A 1 27  ? 5.862   -9.587  -17.261 1.00 28.72 ? 27  LEU A CA  1 
ATOM   35   C C   . LEU A 1 27  ? 4.916   -8.876  -18.217 1.00 29.42 ? 27  LEU A C   1 
ATOM   36   O O   . LEU A 1 27  ? 4.199   -7.932  -17.816 1.00 27.96 ? 27  LEU A O   1 
ATOM   37   C CB  . LEU A 1 27  ? 7.315   -9.053  -17.391 1.00 33.11 ? 27  LEU A CB  1 
ATOM   38   C CG  . LEU A 1 27  ? 8.176   -9.501  -16.191 1.00 37.17 ? 27  LEU A CG  1 
ATOM   39   C CD1 . LEU A 1 27  ? 9.683   -9.259  -16.370 1.00 41.71 ? 27  LEU A CD1 1 
ATOM   40   C CD2 . LEU A 1 27  ? 7.668   -8.832  -14.920 1.00 39.24 ? 27  LEU A CD2 1 
ATOM   41   N N   . ALA A 1 28  ? 4.891   -9.316  -19.488 1.00 27.75 ? 28  ALA A N   1 
ATOM   42   C CA  . ALA A 1 28  ? 3.969   -8.795  -20.473 1.00 26.72 ? 28  ALA A CA  1 
ATOM   43   C C   . ALA A 1 28  ? 2.530   -8.891  -19.983 1.00 25.36 ? 28  ALA A C   1 
ATOM   44   O O   . ALA A 1 28  ? 1.750   -7.948  -20.177 1.00 24.11 ? 28  ALA A O   1 
ATOM   45   C CB  . ALA A 1 28  ? 4.087   -9.569  -21.817 1.00 27.81 ? 28  ALA A CB  1 
ATOM   46   N N   . ILE A 1 29  ? 2.145   -10.041 -19.407 1.00 19.94 ? 29  ILE A N   1 
ATOM   47   C CA  . ILE A 1 29  ? 0.782   -10.181 -18.914 1.00 18.62 ? 29  ILE A CA  1 
ATOM   48   C C   . ILE A 1 29  ? 0.514   -9.152  -17.754 1.00 19.28 ? 29  ILE A C   1 
ATOM   49   O O   . ILE A 1 29  ? -0.526  -8.502  -17.711 1.00 17.71 ? 29  ILE A O   1 
ATOM   50   C CB  . ILE A 1 29  ? 0.593   -11.604 -18.380 1.00 19.68 ? 29  ILE A CB  1 
ATOM   51   C CG1 . ILE A 1 29  ? 0.520   -12.570 -19.585 1.00 20.24 ? 29  ILE A CG1 1 
ATOM   52   C CG2 . ILE A 1 29  ? -0.726  -11.723 -17.586 1.00 18.19 ? 29  ILE A CG2 1 
ATOM   53   C CD1 . ILE A 1 29  ? 0.407   -14.045 -19.206 1.00 23.55 ? 29  ILE A CD1 1 
ATOM   54   N N   . LEU A 1 30  ? 1.462   -9.073  -16.828 1.00 19.83 ? 30  LEU A N   1 
ATOM   55   C CA  . LEU A 1 30  ? 1.327   -8.146  -15.659 1.00 23.56 ? 30  LEU A CA  1 
ATOM   56   C C   . LEU A 1 30  ? 1.244   -6.681  -16.158 1.00 22.59 ? 30  LEU A C   1 
ATOM   57   O O   . LEU A 1 30  ? 0.356   -5.939  -15.753 1.00 25.38 ? 30  LEU A O   1 
ATOM   58   C CB  . LEU A 1 30  ? 2.536   -8.332  -14.734 1.00 21.37 ? 30  LEU A CB  1 
ATOM   59   C CG  . LEU A 1 30  ? 2.567   -9.673  -13.985 1.00 23.18 ? 30  LEU A CG  1 
ATOM   60   C CD1 . LEU A 1 30  ? 3.912   -10.046 -13.371 1.00 25.78 ? 30  LEU A CD1 1 
ATOM   61   C CD2 . LEU A 1 30  ? 1.406   -9.757  -12.965 1.00 25.57 ? 30  LEU A CD2 1 
ATOM   62   N N   . ALA A 1 31  ? 2.172   -6.276  -17.032 1.00 23.21 ? 31  ALA A N   1 
ATOM   63   C CA  . ALA A 1 31  ? 2.112   -4.903  -17.592 1.00 23.34 ? 31  ALA A CA  1 
ATOM   64   C C   . ALA A 1 31  ? 0.812   -4.608  -18.335 1.00 23.76 ? 31  ALA A C   1 
ATOM   65   O O   . ALA A 1 31  ? 0.197   -3.540  -18.169 1.00 22.17 ? 31  ALA A O   1 
ATOM   66   C CB  . ALA A 1 31  ? 3.313   -4.645  -18.485 1.00 27.33 ? 31  ALA A CB  1 
ATOM   67   N N   . THR A 1 32  ? 0.329   -5.554  -19.128 1.00 20.21 ? 32  THR A N   1 
ATOM   68   C CA  . THR A 1 32  ? -0.944  -5.379  -19.815 1.00 21.93 ? 32  THR A CA  1 
ATOM   69   C C   . THR A 1 32  ? -2.066  -5.137  -18.852 1.00 20.49 ? 32  THR A C   1 
ATOM   70   O O   . THR A 1 32  ? -2.882  -4.237  -19.076 1.00 23.13 ? 32  THR A O   1 
ATOM   71   C CB  . THR A 1 32  ? -1.343  -6.624  -20.687 1.00 22.26 ? 32  THR A CB  1 
ATOM   72   O OG1 . THR A 1 32  ? -0.353  -6.792  -21.688 1.00 27.40 ? 32  THR A OG1 1 
ATOM   73   C CG2 . THR A 1 32  ? -2.657  -6.387  -21.406 1.00 22.81 ? 32  THR A CG2 1 
ATOM   74   N N   . ALA A 1 33  ? -2.141  -5.961  -17.803 1.00 21.87 ? 33  ALA A N   1 
ATOM   75   C CA  . ALA A 1 33  ? -3.257  -5.897  -16.832 1.00 21.05 ? 33  ALA A CA  1 
ATOM   76   C C   . ALA A 1 33  ? -3.151  -4.530  -16.084 1.00 21.07 ? 33  ALA A C   1 
ATOM   77   O O   . ALA A 1 33  ? -4.138  -3.843  -15.913 1.00 22.50 ? 33  ALA A O   1 
ATOM   78   C CB  . ALA A 1 33  ? -3.123  -7.035  -15.842 1.00 19.60 ? 33  ALA A CB  1 
ATOM   79   N N   . GLU A 1 34  ? -1.952  -4.121  -15.752 1.00 21.85 ? 34  GLU A N   1 
ATOM   80   C CA  . GLU A 1 34  ? -1.808  -2.816  -15.036 1.00 24.83 ? 34  GLU A CA  1 
ATOM   81   C C   . GLU A 1 34  ? -2.223  -1.657  -15.968 1.00 29.16 ? 34  GLU A C   1 
ATOM   82   O O   . GLU A 1 34  ? -2.912  -0.722  -15.541 1.00 23.86 ? 34  GLU A O   1 
ATOM   83   C CB  . GLU A 1 34  ? -0.374  -2.611  -14.459 1.00 26.00 ? 34  GLU A CB  1 
ATOM   84   C CG  . GLU A 1 34  ? -0.266  -1.274  -13.668 1.00 32.12 ? 34  GLU A CG  1 
ATOM   85   C CD  . GLU A 1 34  ? 0.960   -1.176  -12.765 1.00 34.43 ? 34  GLU A CD  1 
ATOM   86   O OE1 . GLU A 1 34  ? 1.956   -1.861  -13.052 1.00 33.69 ? 34  GLU A OE1 1 
ATOM   87   O OE2 . GLU A 1 34  ? 0.946   -0.441  -11.742 1.00 32.15 ? 34  GLU A OE2 1 
ATOM   88   N N   . ASN A 1 35  ? -1.856  -1.734  -17.261 1.00 27.06 ? 35  ASN A N   1 
ATOM   89   C CA  . ASN A 1 35  ? -2.368  -0.733  -18.217 1.00 30.31 ? 35  ASN A CA  1 
ATOM   90   C C   . ASN A 1 35  ? -3.842  -0.710  -18.375 1.00 29.77 ? 35  ASN A C   1 
ATOM   91   O O   . ASN A 1 35  ? -4.419  0.376   -18.333 1.00 30.87 ? 35  ASN A O   1 
ATOM   92   C CB  . ASN A 1 35  ? -1.743  -0.844  -19.587 1.00 34.38 ? 35  ASN A CB  1 
ATOM   93   C CG  . ASN A 1 35  ? -0.308  -0.505  -19.562 1.00 43.20 ? 35  ASN A CG  1 
ATOM   94   O OD1 . ASN A 1 35  ? 0.139   0.280   -18.738 1.00 57.80 ? 35  ASN A OD1 1 
ATOM   95   N ND2 . ASN A 1 35  ? 0.451   -1.112  -20.456 1.00 57.52 ? 35  ASN A ND2 1 
ATOM   96   N N   . LEU A 1 36  ? -4.470  -1.870  -18.611 1.00 25.17 ? 36  LEU A N   1 
ATOM   97   C CA  . LEU A 1 36  ? -5.901  -1.904  -18.739 1.00 28.33 ? 36  LEU A CA  1 
ATOM   98   C C   . LEU A 1 36  ? -6.655  -1.433  -17.488 1.00 30.02 ? 36  LEU A C   1 
ATOM   99   O O   . LEU A 1 36  ? -7.741  -0.858  -17.597 1.00 29.48 ? 36  LEU A O   1 
ATOM   100  C CB  . LEU A 1 36  ? -6.387  -3.303  -19.168 1.00 28.12 ? 36  LEU A CB  1 
ATOM   101  C CG  . LEU A 1 36  ? -5.826  -3.651  -20.575 1.00 30.29 ? 36  LEU A CG  1 
ATOM   102  C CD1 . LEU A 1 36  ? -6.166  -5.098  -20.898 1.00 33.97 ? 36  LEU A CD1 1 
ATOM   103  C CD2 . LEU A 1 36  ? -6.351  -2.710  -21.667 1.00 31.97 ? 36  LEU A CD2 1 
ATOM   104  N N   . LEU A 1 37  ? -6.103  -1.725  -16.305 1.00 24.97 ? 37  LEU A N   1 
ATOM   105  C CA  . LEU A 1 37  ? -6.757  -1.341  -15.074 1.00 25.92 ? 37  LEU A CA  1 
ATOM   106  C C   . LEU A 1 37  ? -6.783  0.183   -14.893 1.00 24.82 ? 37  LEU A C   1 
ATOM   107  O O   . LEU A 1 37  ? -7.628  0.664   -14.135 1.00 24.97 ? 37  LEU A O   1 
ATOM   108  C CB  . LEU A 1 37  ? -6.092  -1.991  -13.857 1.00 27.66 ? 37  LEU A CB  1 
ATOM   109  C CG  . LEU A 1 37  ? -6.497  -3.465  -13.641 1.00 23.14 ? 37  LEU A CG  1 
ATOM   110  C CD1 . LEU A 1 37  ? -5.526  -4.160  -12.636 1.00 21.58 ? 37  LEU A CD1 1 
ATOM   111  C CD2 . LEU A 1 37  ? -7.946  -3.617  -13.248 1.00 24.45 ? 37  LEU A CD2 1 
ATOM   112  N N   . GLU A 1 38  ? -5.912  0.916   -15.567 1.00 28.03 ? 38  GLU A N   1 
ATOM   113  C CA  . GLU A 1 38  ? -6.012  2.398   -15.620 1.00 33.18 ? 38  GLU A CA  1 
ATOM   114  C C   . GLU A 1 38  ? -7.366  2.880   -16.154 1.00 40.46 ? 38  GLU A C   1 
ATOM   115  O O   . GLU A 1 38  ? -7.939  3.803   -15.626 1.00 41.03 ? 38  GLU A O   1 
ATOM   116  C CB  . GLU A 1 38  ? -4.844  3.021   -16.389 1.00 39.00 ? 38  GLU A CB  1 
ATOM   117  C CG  . GLU A 1 38  ? -3.727  3.508   -15.477 1.00 57.25 ? 38  GLU A CG  1 
ATOM   118  C CD  . GLU A 1 38  ? -2.624  2.459   -15.294 1.00 71.33 ? 38  GLU A CD  1 
ATOM   119  O OE1 . GLU A 1 38  ? -1.803  2.301   -16.230 1.00 78.95 ? 38  GLU A OE1 1 
ATOM   120  O OE2 . GLU A 1 38  ? -2.546  1.792   -14.228 1.00 70.02 ? 38  GLU A OE2 1 
ATOM   121  N N   . ASP A 1 39  ? -7.930  2.144   -17.113 1.00 42.11 ? 39  ASP A N   1 
ATOM   122  C CA  . ASP A 1 39  ? -9.172  2.483   -17.796 1.00 43.88 ? 39  ASP A CA  1 
ATOM   123  C C   . ASP A 1 39  ? -10.466 1.848   -17.325 1.00 40.11 ? 39  ASP A C   1 
ATOM   124  O O   . ASP A 1 39  ? -11.478 2.448   -17.448 1.00 40.83 ? 39  ASP A O   1 
ATOM   125  C CB  . ASP A 1 39  ? -9.001  2.193   -19.268 1.00 47.36 ? 39  ASP A CB  1 
ATOM   126  C CG  . ASP A 1 39  ? -8.200  3.260   -19.945 1.00 58.28 ? 39  ASP A CG  1 
ATOM   127  O OD1 . ASP A 1 39  ? -7.522  4.023   -19.225 1.00 65.12 ? 39  ASP A OD1 1 
ATOM   128  O OD2 . ASP A 1 39  ? -8.257  3.359   -21.188 1.00 68.71 ? 39  ASP A OD2 1 
ATOM   129  N N   . ARG A 1 40  ? -10.473 0.612   -16.880 1.00 38.09 ? 40  ARG A N   1 
ATOM   130  C CA  . ARG A 1 40  ? -11.712 -0.005  -16.428 1.00 37.56 ? 40  ARG A CA  1 
ATOM   131  C C   . ARG A 1 40  ? -11.402 -0.957  -15.324 1.00 35.10 ? 40  ARG A C   1 
ATOM   132  O O   . ARG A 1 40  ? -10.217 -1.247  -15.100 1.00 33.90 ? 40  ARG A O   1 
ATOM   133  C CB  . ARG A 1 40  ? -12.452 -0.721  -17.560 1.00 44.74 ? 40  ARG A CB  1 
ATOM   134  C CG  . ARG A 1 40  ? -11.553 -1.283  -18.628 1.00 47.90 ? 40  ARG A CG  1 
ATOM   135  C CD  . ARG A 1 40  ? -12.371 -1.726  -19.846 1.00 52.09 ? 40  ARG A CD  1 
ATOM   136  N NE  . ARG A 1 40  ? -11.746 -2.893  -20.458 1.00 51.17 ? 40  ARG A NE  1 
ATOM   137  C CZ  . ARG A 1 40  ? -10.638 -2.863  -21.199 1.00 50.51 ? 40  ARG A CZ  1 
ATOM   138  N NH1 . ARG A 1 40  ? -10.023 -1.717  -21.445 1.00 53.83 ? 40  ARG A NH1 1 
ATOM   139  N NH2 . ARG A 1 40  ? -10.140 -3.993  -21.674 1.00 44.54 ? 40  ARG A NH2 1 
ATOM   140  N N   . PRO A 1 41  ? -12.440 -1.404  -14.597 1.00 33.39 ? 41  PRO A N   1 
ATOM   141  C CA  . PRO A 1 41  ? -12.321 -2.361  -13.513 1.00 33.67 ? 41  PRO A CA  1 
ATOM   142  C C   . PRO A 1 41  ? -11.976 -3.757  -14.030 1.00 36.34 ? 41  PRO A C   1 
ATOM   143  O O   . PRO A 1 41  ? -12.181 -4.027  -15.228 1.00 38.39 ? 41  PRO A O   1 
ATOM   144  C CB  . PRO A 1 41  ? -13.722 -2.373  -12.887 1.00 36.97 ? 41  PRO A CB  1 
ATOM   145  C CG  . PRO A 1 41  ? -14.631 -1.865  -13.965 1.00 34.89 ? 41  PRO A CG  1 
ATOM   146  C CD  . PRO A 1 41  ? -13.824 -0.854  -14.702 1.00 36.83 ? 41  PRO A CD  1 
ATOM   147  N N   . LEU A 1 42  ? -11.477 -4.607  -13.126 1.00 34.73 ? 42  LEU A N   1 
ATOM   148  C CA  . LEU A 1 42  ? -11.128 -5.992  -13.431 1.00 37.92 ? 42  LEU A CA  1 
ATOM   149  C C   . LEU A 1 42  ? -12.321 -6.755  -14.130 1.00 42.06 ? 42  LEU A C   1 
ATOM   150  O O   . LEU A 1 42  ? -12.097 -7.589  -15.038 1.00 40.00 ? 42  LEU A O   1 
ATOM   151  C CB  . LEU A 1 42  ? -10.719 -6.713  -12.139 1.00 32.56 ? 42  LEU A CB  1 
ATOM   152  C CG  . LEU A 1 42  ? -10.065 -8.059  -12.415 1.00 32.46 ? 42  LEU A CG  1 
ATOM   153  C CD1 . LEU A 1 42  ? -8.779  -7.901  -13.260 1.00 33.34 ? 42  LEU A CD1 1 
ATOM   154  C CD2 . LEU A 1 42  ? -9.838  -8.797  -11.088 1.00 33.60 ? 42  LEU A CD2 1 
ATOM   155  N N   . ALA A 1 43  ? -13.556 -6.436  -13.708 1.00 42.01 ? 43  ALA A N   1 
ATOM   156  C CA  . ALA A 1 43  ? -14.817 -6.914  -14.326 1.00 41.34 ? 43  ALA A CA  1 
ATOM   157  C C   . ALA A 1 43  ? -14.928 -6.638  -15.832 1.00 42.90 ? 43  ALA A C   1 
ATOM   158  O O   . ALA A 1 43  ? -15.484 -7.427  -16.588 1.00 51.57 ? 43  ALA A O   1 
ATOM   159  C CB  . ALA A 1 43  ? -16.018 -6.311  -13.584 1.00 37.57 ? 43  ALA A CB  1 
ATOM   160  N N   . ASP A 1 44  ? -14.389 -5.534  -16.302 1.00 39.93 ? 44  ASP A N   1 
ATOM   161  C CA  . ASP A 1 44  ? -14.462 -5.246  -17.722 1.00 39.60 ? 44  ASP A CA  1 
ATOM   162  C C   . ASP A 1 44  ? -13.246 -5.726  -18.474 1.00 38.08 ? 44  ASP A C   1 
ATOM   163  O O   . ASP A 1 44  ? -13.018 -5.330  -19.622 1.00 35.95 ? 44  ASP A O   1 
ATOM   164  C CB  . ASP A 1 44  ? -14.551 -3.754  -17.943 1.00 42.89 ? 44  ASP A CB  1 
ATOM   165  C CG  . ASP A 1 44  ? -15.802 -3.163  -17.382 1.00 53.65 ? 44  ASP A CG  1 
ATOM   166  O OD1 . ASP A 1 44  ? -16.622 -3.920  -16.800 1.00 50.30 ? 44  ASP A OD1 1 
ATOM   167  O OD2 . ASP A 1 44  ? -15.949 -1.925  -17.530 1.00 61.77 ? 44  ASP A OD2 1 
ATOM   168  N N   . ILE A 1 45  ? -12.414 -6.526  -17.827 1.00 35.39 ? 45  ILE A N   1 
ATOM   169  C CA  . ILE A 1 45  ? -11.196 -6.977  -18.480 1.00 32.54 ? 45  ILE A CA  1 
ATOM   170  C C   . ILE A 1 45  ? -11.330 -8.512  -18.603 1.00 34.20 ? 45  ILE A C   1 
ATOM   171  O O   . ILE A 1 45  ? -11.647 -9.223  -17.632 1.00 32.31 ? 45  ILE A O   1 
ATOM   172  C CB  . ILE A 1 45  ? -9.919  -6.581  -17.691 1.00 34.86 ? 45  ILE A CB  1 
ATOM   173  C CG1 . ILE A 1 45  ? -9.746  -5.042  -17.602 1.00 35.97 ? 45  ILE A CG1 1 
ATOM   174  C CG2 . ILE A 1 45  ? -8.666  -7.185  -18.325 1.00 38.58 ? 45  ILE A CG2 1 
ATOM   175  C CD1 . ILE A 1 45  ? -8.620  -4.570  -16.671 1.00 32.43 ? 45  ILE A CD1 1 
ATOM   176  N N   . SER A 1 46  ? -11.112 -9.034  -19.804 1.00 34.44 ? 46  SER A N   1 
ATOM   177  C CA  . SER A 1 46  ? -11.304 -10.498 -19.965 1.00 38.45 ? 46  SER A CA  1 
ATOM   178  C C   . SER A 1 46  ? -9.931  -11.136 -20.033 1.00 36.01 ? 46  SER A C   1 
ATOM   179  O O   . SER A 1 46  ? -8.920  -10.456 -20.361 1.00 28.61 ? 46  SER A O   1 
ATOM   180  C CB  . SER A 1 46  ? -12.110 -10.812 -21.231 1.00 35.27 ? 46  SER A CB  1 
ATOM   181  O OG  . SER A 1 46  ? -11.402 -10.262 -22.331 1.00 36.45 ? 46  SER A OG  1 
ATOM   182  N N   . VAL A 1 47  ? -9.873  -12.448 -19.782 1.00 33.79 ? 47  VAL A N   1 
ATOM   183  C CA  . VAL A 1 47  ? -8.626  -13.136 -20.053 1.00 30.41 ? 47  VAL A CA  1 
ATOM   184  C C   . VAL A 1 47  ? -8.137  -12.906 -21.519 1.00 29.30 ? 47  VAL A C   1 
ATOM   185  O O   . VAL A 1 47  ? -6.914  -12.727 -21.801 1.00 29.20 ? 47  VAL A O   1 
ATOM   186  C CB  . VAL A 1 47  ? -8.742  -14.632 -19.656 1.00 30.25 ? 47  VAL A CB  1 
ATOM   187  C CG1 . VAL A 1 47  ? -7.511  -15.397 -20.145 1.00 30.20 ? 47  VAL A CG1 1 
ATOM   188  C CG2 . VAL A 1 47  ? -8.819  -14.736 -18.134 1.00 33.81 ? 47  VAL A CG2 1 
ATOM   189  N N   . ASP A 1 48  ? -9.083  -12.922 -22.485 1.00 35.71 ? 48  ASP A N   1 
ATOM   190  C CA  . ASP A 1 48  ? -8.698  -12.654 -23.908 1.00 37.70 ? 48  ASP A CA  1 
ATOM   191  C C   . ASP A 1 48  ? -7.972  -11.297 -24.095 1.00 36.13 ? 48  ASP A C   1 
ATOM   192  O O   . ASP A 1 48  ? -6.950  -11.195 -24.816 1.00 31.81 ? 48  ASP A O   1 
ATOM   193  C CB  . ASP A 1 48  ? -9.891  -12.861 -24.892 1.00 39.94 ? 48  ASP A CB  1 
ATOM   194  C CG  . ASP A 1 48  ? -10.304 -14.391 -25.054 1.00 47.71 ? 48  ASP A CG  1 
ATOM   195  O OD1 . ASP A 1 48  ? -9.444  -15.318 -24.946 1.00 48.25 ? 48  ASP A OD1 1 
ATOM   196  O OD2 . ASP A 1 48  ? -11.511 -14.677 -25.303 1.00 46.25 ? 48  ASP A OD2 1 
ATOM   197  N N   . ASP A 1 49  ? -8.465  -10.267 -23.375 1.00 41.08 ? 49  ASP A N   1 
ATOM   198  C CA  . ASP A 1 49  ? -7.820  -8.922  -23.356 1.00 35.48 ? 49  ASP A CA  1 
ATOM   199  C C   . ASP A 1 49  ? -6.357  -9.011  -22.861 1.00 33.28 ? 49  ASP A C   1 
ATOM   200  O O   . ASP A 1 49  ? -5.451  -8.465  -23.454 1.00 33.59 ? 49  ASP A O   1 
ATOM   201  C CB  . ASP A 1 49  ? -8.607  -7.933  -22.451 1.00 40.65 ? 49  ASP A CB  1 
ATOM   202  C CG  . ASP A 1 49  ? -9.994  -7.584  -22.989 1.00 48.02 ? 49  ASP A CG  1 
ATOM   203  O OD1 . ASP A 1 49  ? -10.141 -7.434  -24.213 1.00 53.40 ? 49  ASP A OD1 1 
ATOM   204  O OD2 . ASP A 1 49  ? -10.948 -7.435  -22.192 1.00 50.63 ? 49  ASP A OD2 1 
ATOM   205  N N   . LEU A 1 50  ? -6.115  -9.689  -21.743 1.00 29.60 ? 50  LEU A N   1 
ATOM   206  C CA  . LEU A 1 50  ? -4.745  -9.848  -21.265 1.00 24.19 ? 50  LEU A CA  1 
ATOM   207  C C   . LEU A 1 50  ? -3.854  -10.642 -22.201 1.00 28.37 ? 50  LEU A C   1 
ATOM   208  O O   . LEU A 1 50  ? -2.658  -10.346 -22.366 1.00 27.99 ? 50  LEU A O   1 
ATOM   209  C CB  . LEU A 1 50  ? -4.756  -10.540 -19.878 1.00 28.41 ? 50  LEU A CB  1 
ATOM   210  C CG  . LEU A 1 50  ? -5.629  -9.801  -18.820 1.00 29.03 ? 50  LEU A CG  1 
ATOM   211  C CD1 . LEU A 1 50  ? -5.728  -10.568 -17.498 1.00 28.80 ? 50  LEU A CD1 1 
ATOM   212  C CD2 . LEU A 1 50  ? -4.932  -8.458  -18.684 1.00 28.31 ? 50  LEU A CD2 1 
ATOM   213  N N   . ALA A 1 51  ? -4.417  -11.723 -22.741 1.00 30.92 ? 51  ALA A N   1 
ATOM   214  C CA  . ALA A 1 51  ? -3.654  -12.595 -23.651 1.00 29.66 ? 51  ALA A CA  1 
ATOM   215  C C   . ALA A 1 51  ? -3.280  -11.740 -24.874 1.00 28.59 ? 51  ALA A C   1 
ATOM   216  O O   . ALA A 1 51  ? -2.072  -11.666 -25.254 1.00 29.81 ? 51  ALA A O   1 
ATOM   217  C CB  . ALA A 1 51  ? -4.562  -13.764 -24.064 1.00 25.15 ? 51  ALA A CB  1 
ATOM   218  N N   . LYS A 1 52  ? -4.292  -11.081 -25.466 1.00 34.95 ? 52  LYS A N   1 
ATOM   219  C CA  . LYS A 1 52  ? -4.073  -10.297 -26.736 1.00 36.87 ? 52  LYS A CA  1 
ATOM   220  C C   . LYS A 1 52  ? -3.076  -9.209  -26.448 1.00 37.47 ? 52  LYS A C   1 
ATOM   221  O O   . LYS A 1 52  ? -2.091  -9.085  -27.144 1.00 36.93 ? 52  LYS A O   1 
ATOM   222  C CB  . LYS A 1 52  ? -5.382  -9.757  -27.344 1.00 36.27 ? 52  LYS A CB  1 
ATOM   223  N N   . GLY A 1 53  ? -3.251  -8.484  -25.329 1.00 41.26 ? 53  GLY A N   1 
ATOM   224  C CA  . GLY A 1 53  ? -2.242  -7.494  -24.931 1.00 34.43 ? 53  GLY A CA  1 
ATOM   225  C C   . GLY A 1 53  ? -0.855  -8.021  -24.727 1.00 33.57 ? 53  GLY A C   1 
ATOM   226  O O   . GLY A 1 53  ? 0.101   -7.302  -24.986 1.00 34.06 ? 53  GLY A O   1 
ATOM   227  N N   . ALA A 1 54  ? -0.694  -9.251  -24.232 1.00 29.30 ? 54  ALA A N   1 
ATOM   228  C CA  . ALA A 1 54  ? 0.652   -9.833  -24.007 1.00 26.30 ? 54  ALA A CA  1 
ATOM   229  C C   . ALA A 1 54  ? 1.151   -10.574 -25.229 1.00 29.17 ? 54  ALA A C   1 
ATOM   230  O O   . ALA A 1 54  ? 2.253   -11.139 -25.218 1.00 32.11 ? 54  ALA A O   1 
ATOM   231  C CB  . ALA A 1 54  ? 0.607   -10.829 -22.847 1.00 29.37 ? 54  ALA A CB  1 
ATOM   232  N N   . GLY A 1 55  ? 0.313   -10.628 -26.258 1.00 34.13 ? 55  GLY A N   1 
ATOM   233  C CA  . GLY A 1 55  ? 0.731   -11.249 -27.557 1.00 35.58 ? 55  GLY A CA  1 
ATOM   234  C C   . GLY A 1 55  ? 0.794   -12.786 -27.503 1.00 30.92 ? 55  GLY A C   1 
ATOM   235  O O   . GLY A 1 55  ? 1.703   -13.389 -28.048 1.00 28.92 ? 55  GLY A O   1 
ATOM   236  N N   . ILE A 1 56  ? -0.158  -13.416 -26.822 1.00 28.80 ? 56  ILE A N   1 
ATOM   237  C CA  . ILE A 1 56  ? -0.112  -14.886 -26.593 1.00 27.98 ? 56  ILE A CA  1 
ATOM   238  C C   . ILE A 1 56  ? -1.534  -15.290 -26.744 1.00 24.05 ? 56  ILE A C   1 
ATOM   239  O O   . ILE A 1 56  ? -2.397  -14.423 -26.717 1.00 23.30 ? 56  ILE A O   1 
ATOM   240  C CB  . ILE A 1 56  ? 0.385   -15.289 -25.159 1.00 26.55 ? 56  ILE A CB  1 
ATOM   241  C CG1 . ILE A 1 56  ? -0.569  -14.718 -24.086 1.00 26.75 ? 56  ILE A CG1 1 
ATOM   242  C CG2 . ILE A 1 56  ? 1.896   -15.046 -24.969 1.00 25.57 ? 56  ILE A CG2 1 
ATOM   243  C CD1 . ILE A 1 56  ? -0.182  -15.037 -22.633 1.00 25.13 ? 56  ILE A CD1 1 
ATOM   244  N N   . SER A 1 57  ? -1.821  -16.598 -26.903 1.00 24.16 ? 57  SER A N   1 
ATOM   245  C CA  . SER A 1 57  ? -3.232  -17.079 -26.920 1.00 23.88 ? 57  SER A CA  1 
ATOM   246  C C   . SER A 1 57  ? -3.817  -17.196 -25.547 1.00 21.64 ? 57  SER A C   1 
ATOM   247  O O   . SER A 1 57  ? -3.101  -17.238 -24.557 1.00 23.83 ? 57  SER A O   1 
ATOM   248  C CB  . SER A 1 57  ? -3.287  -18.505 -27.540 1.00 23.17 ? 57  SER A CB  1 
ATOM   249  O OG  . SER A 1 57  ? -2.568  -19.443 -26.705 1.00 19.94 ? 57  SER A OG  1 
ATOM   250  N N   . ARG A 1 58  ? -5.126  -17.309 -25.477 1.00 20.30 ? 58  ARG A N   1 
ATOM   251  C CA  . ARG A 1 58  ? -5.813  -17.632 -24.251 1.00 23.64 ? 58  ARG A CA  1 
ATOM   252  C C   . ARG A 1 58  ? -5.353  -18.900 -23.541 1.00 22.43 ? 58  ARG A C   1 
ATOM   253  O O   . ARG A 1 58  ? -5.076  -18.838 -22.297 1.00 19.23 ? 58  ARG A O   1 
ATOM   254  C CB  . ARG A 1 58  ? -7.317  -17.583 -24.483 1.00 27.81 ? 58  ARG A CB  1 
ATOM   255  C CG  . ARG A 1 58  ? -8.176  -18.280 -23.449 1.00 35.95 ? 58  ARG A CG  1 
ATOM   256  C CD  . ARG A 1 58  ? -9.618  -18.420 -24.016 1.00 44.80 ? 58  ARG A CD  1 
ATOM   257  N NE  . ARG A 1 58  ? -10.613 -18.522 -22.980 1.00 46.53 ? 58  ARG A NE  1 
ATOM   258  C CZ  . ARG A 1 58  ? -11.013 -17.480 -22.248 1.00 52.66 ? 58  ARG A CZ  1 
ATOM   259  N NH1 . ARG A 1 58  ? -10.471 -16.290 -22.461 1.00 62.65 ? 58  ARG A NH1 1 
ATOM   260  N NH2 . ARG A 1 58  ? -11.940 -17.604 -21.304 1.00 49.96 ? 58  ARG A NH2 1 
ATOM   261  N N   . PRO A 1 59  ? -5.174  -20.083 -24.277 1.00 20.81 ? 59  PRO A N   1 
ATOM   262  C CA  . PRO A 1 59  ? -4.665  -21.176 -23.468 1.00 19.77 ? 59  PRO A CA  1 
ATOM   263  C C   . PRO A 1 59  ? -3.253  -20.957 -22.982 1.00 16.39 ? 59  PRO A C   1 
ATOM   264  O O   . PRO A 1 59  ? -2.943  -21.443 -21.863 1.00 20.07 ? 59  PRO A O   1 
ATOM   265  C CB  . PRO A 1 59  ? -4.731  -22.445 -24.426 1.00 17.97 ? 59  PRO A CB  1 
ATOM   266  C CG  . PRO A 1 59  ? -4.798  -21.867 -25.789 1.00 18.09 ? 59  PRO A CG  1 
ATOM   267  C CD  . PRO A 1 59  ? -5.673  -20.588 -25.594 1.00 21.83 ? 59  PRO A CD  1 
ATOM   268  N N   . THR A 1 60  ? -2.416  -20.277 -23.759 1.00 17.17 ? 60  THR A N   1 
ATOM   269  C CA  . THR A 1 60  ? -1.079  -19.948 -23.257 1.00 18.42 ? 60  THR A CA  1 
ATOM   270  C C   . THR A 1 60  ? -1.099  -19.105 -21.914 1.00 17.84 ? 60  THR A C   1 
ATOM   271  O O   . THR A 1 60  ? -0.308  -19.355 -20.989 1.00 19.80 ? 60  THR A O   1 
ATOM   272  C CB  . THR A 1 60  ? -0.241  -19.297 -24.340 1.00 20.33 ? 60  THR A CB  1 
ATOM   273  O OG1 . THR A 1 60  ? -0.012  -20.293 -25.369 1.00 20.02 ? 60  THR A OG1 1 
ATOM   274  C CG2 . THR A 1 60  ? 1.081   -18.908 -23.778 1.00 20.12 ? 60  THR A CG2 1 
ATOM   275  N N   . PHE A 1 61  ? -2.014  -18.154 -21.857 1.00 19.51 ? 61  PHE A N   1 
ATOM   276  C CA  . PHE A 1 61  ? -2.228  -17.332 -20.635 1.00 20.38 ? 61  PHE A CA  1 
ATOM   277  C C   . PHE A 1 61  ? -2.354  -18.247 -19.441 1.00 25.14 ? 61  PHE A C   1 
ATOM   278  O O   . PHE A 1 61  ? -1.690  -18.035 -18.424 1.00 20.60 ? 61  PHE A O   1 
ATOM   279  C CB  . PHE A 1 61  ? -3.491  -16.458 -20.797 1.00 21.87 ? 61  PHE A CB  1 
ATOM   280  C CG  . PHE A 1 61  ? -3.950  -15.807 -19.480 1.00 21.89 ? 61  PHE A CG  1 
ATOM   281  C CD1 . PHE A 1 61  ? -3.453  -14.535 -19.118 1.00 24.97 ? 61  PHE A CD1 1 
ATOM   282  C CD2 . PHE A 1 61  ? -4.752  -16.501 -18.569 1.00 24.67 ? 61  PHE A CD2 1 
ATOM   283  C CE1 . PHE A 1 61  ? -3.852  -13.918 -17.934 1.00 21.40 ? 61  PHE A CE1 1 
ATOM   284  C CE2 . PHE A 1 61  ? -5.109  -15.919 -17.339 1.00 24.97 ? 61  PHE A CE2 1 
ATOM   285  C CZ  . PHE A 1 61  ? -4.684  -14.603 -17.047 1.00 23.16 ? 61  PHE A CZ  1 
ATOM   286  N N   . TYR A 1 62  ? -3.196  -19.293 -19.567 1.00 26.55 ? 62  TYR A N   1 
ATOM   287  C CA  . TYR A 1 62  ? -3.511  -20.183 -18.449 1.00 27.29 ? 62  TYR A CA  1 
ATOM   288  C C   . TYR A 1 62  ? -2.348  -21.010 -17.990 1.00 27.04 ? 62  TYR A C   1 
ATOM   289  O O   . TYR A 1 62  ? -2.374  -21.555 -16.893 1.00 29.78 ? 62  TYR A O   1 
ATOM   290  C CB  . TYR A 1 62  ? -4.699  -21.075 -18.779 1.00 27.36 ? 62  TYR A CB  1 
ATOM   291  C CG  . TYR A 1 62  ? -5.947  -20.373 -18.696 1.00 28.04 ? 62  TYR A CG  1 
ATOM   292  C CD1 . TYR A 1 62  ? -6.391  -19.799 -17.468 1.00 27.27 ? 62  TYR A CD1 1 
ATOM   293  C CD2 . TYR A 1 62  ? -6.751  -20.221 -19.819 1.00 31.43 ? 62  TYR A CD2 1 
ATOM   294  C CE1 . TYR A 1 62  ? -7.594  -19.112 -17.403 1.00 29.69 ? 62  TYR A CE1 1 
ATOM   295  C CE2 . TYR A 1 62  ? -7.953  -19.536 -19.736 1.00 34.37 ? 62  TYR A CE2 1 
ATOM   296  C CZ  . TYR A 1 62  ? -8.372  -19.019 -18.526 1.00 32.27 ? 62  TYR A CZ  1 
ATOM   297  O OH  . TYR A 1 62  ? -9.580  -18.363 -18.476 1.00 34.72 ? 62  TYR A OH  1 
ATOM   298  N N   . PHE A 1 63  ? -1.303  -21.108 -18.802 1.00 25.16 ? 63  PHE A N   1 
ATOM   299  C CA  . PHE A 1 63  ? -0.087  -21.677 -18.343 1.00 24.60 ? 63  PHE A CA  1 
ATOM   300  C C   . PHE A 1 63  ? 0.700   -20.795 -17.339 1.00 30.31 ? 63  PHE A C   1 
ATOM   301  O O   . PHE A 1 63  ? 1.482   -21.306 -16.544 1.00 29.53 ? 63  PHE A O   1 
ATOM   302  C CB  . PHE A 1 63  ? 0.792   -21.990 -19.558 1.00 27.94 ? 63  PHE A CB  1 
ATOM   303  C CG  . PHE A 1 63  ? 2.114   -22.569 -19.208 1.00 30.08 ? 63  PHE A CG  1 
ATOM   304  C CD1 . PHE A 1 63  ? 2.218   -23.936 -18.824 1.00 34.53 ? 63  PHE A CD1 1 
ATOM   305  C CD2 . PHE A 1 63  ? 3.276   -21.794 -19.231 1.00 33.08 ? 63  PHE A CD2 1 
ATOM   306  C CE1 . PHE A 1 63  ? 3.453   -24.482 -18.460 1.00 38.23 ? 63  PHE A CE1 1 
ATOM   307  C CE2 . PHE A 1 63  ? 4.529   -22.353 -18.888 1.00 35.88 ? 63  PHE A CE2 1 
ATOM   308  C CZ  . PHE A 1 63  ? 4.617   -23.707 -18.505 1.00 33.40 ? 63  PHE A CZ  1 
ATOM   309  N N   . TYR A 1 64  ? 0.534   -19.479 -17.405 1.00 25.08 ? 64  TYR A N   1 
ATOM   310  C CA  . TYR A 1 64  ? 1.202   -18.556 -16.497 1.00 23.88 ? 64  TYR A CA  1 
ATOM   311  C C   . TYR A 1 64  ? 0.384   -18.209 -15.276 1.00 23.63 ? 64  TYR A C   1 
ATOM   312  O O   . TYR A 1 64  ? 0.962   -17.942 -14.218 1.00 23.20 ? 64  TYR A O   1 
ATOM   313  C CB  . TYR A 1 64  ? 1.527   -17.273 -17.287 1.00 24.33 ? 64  TYR A CB  1 
ATOM   314  C CG  . TYR A 1 64  ? 2.561   -17.593 -18.324 1.00 27.48 ? 64  TYR A CG  1 
ATOM   315  C CD1 . TYR A 1 64  ? 3.915   -17.736 -17.947 1.00 29.80 ? 64  TYR A CD1 1 
ATOM   316  C CD2 . TYR A 1 64  ? 2.214   -17.776 -19.681 1.00 27.06 ? 64  TYR A CD2 1 
ATOM   317  C CE1 . TYR A 1 64  ? 4.894   -18.088 -18.868 1.00 33.60 ? 64  TYR A CE1 1 
ATOM   318  C CE2 . TYR A 1 64  ? 3.211   -18.088 -20.630 1.00 29.20 ? 64  TYR A CE2 1 
ATOM   319  C CZ  . TYR A 1 64  ? 4.521   -18.260 -20.199 1.00 34.01 ? 64  TYR A CZ  1 
ATOM   320  O OH  . TYR A 1 64  ? 5.495   -18.528 -21.095 1.00 37.11 ? 64  TYR A OH  1 
ATOM   321  N N   . PHE A 1 65  ? -0.930  -18.083 -15.435 1.00 24.22 ? 65  PHE A N   1 
ATOM   322  C CA  . PHE A 1 65  ? -1.808  -17.676 -14.335 1.00 25.80 ? 65  PHE A CA  1 
ATOM   323  C C   . PHE A 1 65  ? -3.055  -18.458 -14.443 1.00 23.95 ? 65  PHE A C   1 
ATOM   324  O O   . PHE A 1 65  ? -3.617  -18.577 -15.559 1.00 27.15 ? 65  PHE A O   1 
ATOM   325  C CB  . PHE A 1 65  ? -2.229  -16.165 -14.494 1.00 23.39 ? 65  PHE A CB  1 
ATOM   326  C CG  . PHE A 1 65  ? -1.085  -15.231 -14.279 1.00 23.77 ? 65  PHE A CG  1 
ATOM   327  C CD1 . PHE A 1 65  ? -0.692  -14.878 -12.946 1.00 24.60 ? 65  PHE A CD1 1 
ATOM   328  C CD2 . PHE A 1 65  ? -0.342  -14.773 -15.348 1.00 23.35 ? 65  PHE A CD2 1 
ATOM   329  C CE1 . PHE A 1 65  ? 0.401   -14.048 -12.762 1.00 26.17 ? 65  PHE A CE1 1 
ATOM   330  C CE2 . PHE A 1 65  ? 0.768   -13.959 -15.160 1.00 24.33 ? 65  PHE A CE2 1 
ATOM   331  C CZ  . PHE A 1 65  ? 1.131   -13.561 -13.869 1.00 23.02 ? 65  PHE A CZ  1 
ATOM   332  N N   . PRO A 1 66  ? -3.606  -18.837 -13.300 1.00 24.46 ? 66  PRO A N   1 
ATOM   333  C CA  . PRO A 1 66  ? -4.886  -19.506 -13.355 1.00 23.00 ? 66  PRO A CA  1 
ATOM   334  C C   . PRO A 1 66  ? -6.113  -18.708 -13.657 1.00 28.67 ? 66  PRO A C   1 
ATOM   335  O O   . PRO A 1 66  ? -7.154  -19.313 -13.927 1.00 25.25 ? 66  PRO A O   1 
ATOM   336  C CB  . PRO A 1 66  ? -4.989  -20.137 -11.933 1.00 28.68 ? 66  PRO A CB  1 
ATOM   337  C CG  . PRO A 1 66  ? -4.216  -19.190 -11.068 1.00 26.31 ? 66  PRO A CG  1 
ATOM   338  C CD  . PRO A 1 66  ? -2.992  -18.960 -11.930 1.00 24.18 ? 66  PRO A CD  1 
ATOM   339  N N   . SER A 1 67  ? -6.059  -17.359 -13.606 1.00 26.27 ? 67  SER A N   1 
ATOM   340  C CA  . SER A 1 67  ? -7.259  -16.507 -13.781 1.00 24.69 ? 67  SER A CA  1 
ATOM   341  C C   . SER A 1 67  ? -6.827  -14.993 -13.825 1.00 26.22 ? 67  SER A C   1 
ATOM   342  O O   . SER A 1 67  ? -5.700  -14.653 -13.427 1.00 23.58 ? 67  SER A O   1 
ATOM   343  C CB  . SER A 1 67  ? -8.183  -16.647 -12.556 1.00 29.62 ? 67  SER A CB  1 
ATOM   344  O OG  . SER A 1 67  ? -7.458  -16.260 -11.400 1.00 25.82 ? 67  SER A OG  1 
ATOM   345  N N   . LYS A 1 68  ? -7.722  -14.113 -14.249 1.00 25.18 ? 68  LYS A N   1 
ATOM   346  C CA  . LYS A 1 68  ? -7.377  -12.715 -14.221 1.00 27.75 ? 68  LYS A CA  1 
ATOM   347  C C   . LYS A 1 68  ? -7.220  -12.288 -12.747 1.00 28.49 ? 68  LYS A C   1 
ATOM   348  O O   . LYS A 1 68  ? -6.418  -11.397 -12.497 1.00 24.84 ? 68  LYS A O   1 
ATOM   349  C CB  . LYS A 1 68  ? -8.409  -11.856 -14.931 1.00 25.25 ? 68  LYS A CB  1 
ATOM   350  C CG  . LYS A 1 68  ? -9.797  -11.844 -14.269 1.00 33.21 ? 68  LYS A CG  1 
ATOM   351  C CD  . LYS A 1 68  ? -10.812 -11.161 -15.175 1.00 33.46 ? 68  LYS A CD  1 
ATOM   352  C CE  . LYS A 1 68  ? -12.250 -11.234 -14.688 1.00 35.42 ? 68  LYS A CE  1 
ATOM   353  N NZ  . LYS A 1 68  ? -13.004 -10.235 -15.468 1.00 42.52 ? 68  LYS A NZ  1 
ATOM   354  N N   . GLU A 1 69  ? -7.932  -12.934 -11.805 1.00 26.46 ? 69  GLU A N   1 
ATOM   355  C CA  . GLU A 1 69  ? -7.855  -12.561 -10.356 1.00 26.91 ? 69  GLU A CA  1 
ATOM   356  C C   . GLU A 1 69  ? -6.460  -12.863 -9.857  1.00 27.77 ? 69  GLU A C   1 
ATOM   357  O O   . GLU A 1 69  ? -5.882  -12.091 -9.061  1.00 23.06 ? 69  GLU A O   1 
ATOM   358  C CB  . GLU A 1 69  ? -8.944  -13.216 -9.489  1.00 29.42 ? 69  GLU A CB  1 
ATOM   359  C CG  . GLU A 1 69  ? -10.338 -12.698 -9.808  1.00 34.07 ? 69  GLU A CG  1 
ATOM   360  C CD  . GLU A 1 69  ? -10.948 -13.218 -11.118 1.00 40.31 ? 69  GLU A CD  1 
ATOM   361  O OE1 . GLU A 1 69  ? -10.476 -14.237 -11.729 1.00 39.73 ? 69  GLU A OE1 1 
ATOM   362  O OE2 . GLU A 1 69  ? -11.912 -12.565 -11.570 1.00 45.83 ? 69  GLU A OE2 1 
ATOM   363  N N   . ALA A 1 70  ? -5.821  -13.927 -10.391 1.00 21.27 ? 70  ALA A N   1 
ATOM   364  C CA  . ALA A 1 70  ? -4.518  -14.248 -9.917  1.00 20.87 ? 70  ALA A CA  1 
ATOM   365  C C   . ALA A 1 70  ? -3.524  -13.215 -10.437 1.00 20.52 ? 70  ALA A C   1 
ATOM   366  O O   . ALA A 1 70  ? -2.487  -12.999 -9.818  1.00 20.98 ? 70  ALA A O   1 
ATOM   367  C CB  . ALA A 1 70  ? -4.039  -15.648 -10.349 1.00 19.81 ? 70  ALA A CB  1 
ATOM   368  N N   . VAL A 1 71  ? -3.791  -12.667 -11.606 1.00 19.83 ? 71  VAL A N   1 
ATOM   369  C CA  . VAL A 1 71  ? -2.893  -11.613 -12.142 1.00 20.39 ? 71  VAL A CA  1 
ATOM   370  C C   . VAL A 1 71  ? -2.915  -10.392 -11.178 1.00 17.76 ? 71  VAL A C   1 
ATOM   371  O O   . VAL A 1 71  ? -1.866  -9.845  -10.818 1.00 17.10 ? 71  VAL A O   1 
ATOM   372  C CB  . VAL A 1 71  ? -3.314  -11.167 -13.564 1.00 19.82 ? 71  VAL A CB  1 
ATOM   373  C CG1 . VAL A 1 71  ? -2.347  -10.066 -14.095 1.00 20.01 ? 71  VAL A CG1 1 
ATOM   374  C CG2 . VAL A 1 71  ? -3.243  -12.400 -14.523 1.00 20.81 ? 71  VAL A CG2 1 
ATOM   375  N N   . LEU A 1 72  ? -4.110  -9.944  -10.874 1.00 18.51 ? 72  LEU A N   1 
ATOM   376  C CA  . LEU A 1 72  ? -4.228  -8.833  -9.861  1.00 22.41 ? 72  LEU A CA  1 
ATOM   377  C C   . LEU A 1 72  ? -3.512  -9.133  -8.549  1.00 21.98 ? 72  LEU A C   1 
ATOM   378  O O   . LEU A 1 72  ? -2.813  -8.260  -8.009  1.00 22.10 ? 72  LEU A O   1 
ATOM   379  C CB  . LEU A 1 72  ? -5.686  -8.510  -9.578  1.00 21.12 ? 72  LEU A CB  1 
ATOM   380  C CG  . LEU A 1 72  ? -5.931  -7.386  -8.561  1.00 22.24 ? 72  LEU A CG  1 
ATOM   381  C CD1 . LEU A 1 72  ? -5.348  -6.059  -9.086  1.00 21.66 ? 72  LEU A CD1 1 
ATOM   382  C CD2 . LEU A 1 72  ? -7.422  -7.310  -8.332  1.00 22.72 ? 72  LEU A CD2 1 
ATOM   383  N N   . LEU A 1 73  ? -3.641  -10.364 -8.045  1.00 22.44 ? 73  LEU A N   1 
ATOM   384  C CA  . LEU A 1 73  ? -3.004  -10.743 -6.785  1.00 18.44 ? 73  LEU A CA  1 
ATOM   385  C C   . LEU A 1 73  ? -1.527  -10.617 -6.903  1.00 20.03 ? 73  LEU A C   1 
ATOM   386  O O   . LEU A 1 73  ? -0.838  -10.105 -6.001  1.00 20.79 ? 73  LEU A O   1 
ATOM   387  C CB  . LEU A 1 73  ? -3.428  -12.189 -6.363  1.00 20.39 ? 73  LEU A CB  1 
ATOM   388  C CG  . LEU A 1 73  ? -2.816  -12.771 -5.073  1.00 24.75 ? 73  LEU A CG  1 
ATOM   389  C CD1 . LEU A 1 73  ? -3.241  -11.863 -3.853  1.00 20.55 ? 73  LEU A CD1 1 
ATOM   390  C CD2 . LEU A 1 73  ? -3.328  -14.230 -4.901  1.00 22.17 ? 73  LEU A CD2 1 
ATOM   391  N N   . THR A 1 74  ? -0.955  -11.043 -8.031  1.00 20.12 ? 74  THR A N   1 
ATOM   392  C CA  . THR A 1 74  ? 0.493   -10.877 -8.160  1.00 17.85 ? 74  THR A CA  1 
ATOM   393  C C   . THR A 1 74  ? 0.848   -9.397  -8.268  1.00 17.87 ? 74  THR A C   1 
ATOM   394  O O   . THR A 1 74  ? 1.872   -8.989  -7.743  1.00 20.33 ? 74  THR A O   1 
ATOM   395  C CB  . THR A 1 74  ? 0.995   -11.535 -9.474  1.00 20.92 ? 74  THR A CB  1 
ATOM   396  O OG1 . THR A 1 74  ? 0.627   -12.928 -9.426  1.00 24.69 ? 74  THR A OG1 1 
ATOM   397  C CG2 . THR A 1 74  ? 2.480   -11.379 -9.647  1.00 23.06 ? 74  THR A CG2 1 
ATOM   398  N N   . LEU A 1 75  ? 0.077   -8.609  -9.002  1.00 16.65 ? 75  LEU A N   1 
ATOM   399  C CA  . LEU A 1 75  ? 0.449   -7.185  -9.126  1.00 19.71 ? 75  LEU A CA  1 
ATOM   400  C C   . LEU A 1 75  ? 0.431   -6.582  -7.677  1.00 18.12 ? 75  LEU A C   1 
ATOM   401  O O   . LEU A 1 75  ? 1.322   -5.828  -7.297  1.00 17.82 ? 75  LEU A O   1 
ATOM   402  C CB  . LEU A 1 75  ? -0.543  -6.428  -9.959  1.00 18.64 ? 75  LEU A CB  1 
ATOM   403  C CG  . LEU A 1 75  ? -0.382  -6.691  -11.464 1.00 21.25 ? 75  LEU A CG  1 
ATOM   404  C CD1 . LEU A 1 75  ? -1.656  -6.252  -12.184 1.00 24.45 ? 75  LEU A CD1 1 
ATOM   405  C CD2 . LEU A 1 75  ? 0.857   -5.974  -11.958 1.00 21.08 ? 75  LEU A CD2 1 
ATOM   406  N N   . LEU A 1 76  ? -0.575  -6.958  -6.912  1.00 17.33 ? 76  LEU A N   1 
ATOM   407  C CA  . LEU A 1 76  ? -0.749  -6.362  -5.558  1.00 21.27 ? 76  LEU A CA  1 
ATOM   408  C C   . LEU A 1 76  ? 0.396   -6.801  -4.667  1.00 19.08 ? 76  LEU A C   1 
ATOM   409  O O   . LEU A 1 76  ? 0.985   -6.018  -3.917  1.00 20.58 ? 76  LEU A O   1 
ATOM   410  C CB  . LEU A 1 76  ? -2.050  -6.804  -4.964  1.00 21.30 ? 76  LEU A CB  1 
ATOM   411  C CG  . LEU A 1 76  ? -2.438  -6.080  -3.655  1.00 34.01 ? 76  LEU A CG  1 
ATOM   412  C CD1 . LEU A 1 76  ? -2.385  -4.539  -3.811  1.00 29.70 ? 76  LEU A CD1 1 
ATOM   413  C CD2 . LEU A 1 76  ? -3.858  -6.550  -3.288  1.00 31.23 ? 76  LEU A CD2 1 
ATOM   414  N N   . ASP A 1 77  ? 0.747   -8.067  -4.764  1.00 18.44 ? 77  ASP A N   1 
ATOM   415  C CA  . ASP A 1 77  ? 1.815   -8.626  -3.986  1.00 21.50 ? 77  ASP A CA  1 
ATOM   416  C C   . ASP A 1 77  ? 3.115   -7.889  -4.285  1.00 20.73 ? 77  ASP A C   1 
ATOM   417  O O   . ASP A 1 77  ? 3.931   -7.682  -3.363  1.00 21.08 ? 77  ASP A O   1 
ATOM   418  C CB  . ASP A 1 77  ? 1.943   -10.139 -4.299  1.00 24.84 ? 77  ASP A CB  1 
ATOM   419  C CG  . ASP A 1 77  ? 2.784   -10.857 -3.321  1.00 33.84 ? 77  ASP A CG  1 
ATOM   420  O OD1 . ASP A 1 77  ? 2.334   -11.116 -2.195  1.00 42.07 ? 77  ASP A OD1 1 
ATOM   421  O OD2 . ASP A 1 77  ? 3.918   -11.139 -3.681  1.00 44.78 ? 77  ASP A OD2 1 
ATOM   422  N N   . ARG A 1 78  ? 3.358   -7.548  -5.566  1.00 20.00 ? 78  ARG A N   1 
ATOM   423  C CA  . ARG A 1 78  ? 4.605   -6.860  -5.899  1.00 20.54 ? 78  ARG A CA  1 
ATOM   424  C C   . ARG A 1 78  ? 4.594   -5.443  -5.329  1.00 19.21 ? 78  ARG A C   1 
ATOM   425  O O   . ARG A 1 78  ? 5.582   -5.017  -4.766  1.00 18.97 ? 78  ARG A O   1 
ATOM   426  C CB  . ARG A 1 78  ? 4.772   -6.775  -7.425  1.00 22.33 ? 78  ARG A CB  1 
ATOM   427  C CG  . ARG A 1 78  ? 5.077   -8.202  -7.940  1.00 28.77 ? 78  ARG A CG  1 
ATOM   428  C CD  . ARG A 1 78  ? 4.726   -8.315  -9.432  1.00 36.77 ? 78  ARG A CD  1 
ATOM   429  N NE  . ARG A 1 78  ? 5.483   -7.362  -10.257 1.00 44.93 ? 78  ARG A NE  1 
ATOM   430  C CZ  . ARG A 1 78  ? 6.728   -7.572  -10.693 1.00 47.24 ? 78  ARG A CZ  1 
ATOM   431  N NH1 . ARG A 1 78  ? 7.370   -8.686  -10.367 1.00 48.62 ? 78  ARG A NH1 1 
ATOM   432  N NH2 . ARG A 1 78  ? 7.331   -6.666  -11.446 1.00 42.91 ? 78  ARG A NH2 1 
ATOM   433  N N   . VAL A 1 79  ? 3.473   -4.725  -5.458  1.00 18.70 ? 79  VAL A N   1 
ATOM   434  C CA  . VAL A 1 79  ? 3.439   -3.307  -4.949  1.00 17.71 ? 79  VAL A CA  1 
ATOM   435  C C   . VAL A 1 79  ? 3.587   -3.287  -3.380  1.00 19.09 ? 79  VAL A C   1 
ATOM   436  O O   . VAL A 1 79  ? 4.314   -2.480  -2.777  1.00 18.21 ? 79  VAL A O   1 
ATOM   437  C CB  . VAL A 1 79  ? 2.126   -2.651  -5.378  1.00 19.03 ? 79  VAL A CB  1 
ATOM   438  C CG1 . VAL A 1 79  ? 1.981   -1.222  -4.772  1.00 21.14 ? 79  VAL A CG1 1 
ATOM   439  C CG2 . VAL A 1 79  ? 2.024   -2.480  -6.919  1.00 19.61 ? 79  VAL A CG2 1 
ATOM   440  N N   . VAL A 1 80  ? 2.869   -4.189  -2.723  1.00 16.69 ? 80  VAL A N   1 
ATOM   441  C CA  . VAL A 1 80  ? 2.969   -4.322  -1.255  1.00 17.68 ? 80  VAL A CA  1 
ATOM   442  C C   . VAL A 1 80  ? 4.365   -4.641  -0.770  1.00 19.39 ? 80  VAL A C   1 
ATOM   443  O O   . VAL A 1 80  ? 4.926   -4.049  0.168   1.00 16.33 ? 80  VAL A O   1 
ATOM   444  C CB  . VAL A 1 80  ? 1.930   -5.331  -0.824  1.00 17.70 ? 80  VAL A CB  1 
ATOM   445  C CG1 . VAL A 1 80  ? 2.184   -5.828  0.584   1.00 20.87 ? 80  VAL A CG1 1 
ATOM   446  C CG2 . VAL A 1 80  ? 0.539   -4.716  -0.974  1.00 19.05 ? 80  VAL A CG2 1 
ATOM   447  N N   . ASN A 1 81  ? 4.987   -5.582  -1.452  1.00 17.56 ? 81  ASN A N   1 
ATOM   448  C CA  . ASN A 1 81  ? 6.305   -5.908  -1.074  1.00 18.15 ? 81  ASN A CA  1 
ATOM   449  C C   . ASN A 1 81  ? 7.273   -4.822  -1.362  1.00 19.31 ? 81  ASN A C   1 
ATOM   450  O O   . ASN A 1 81  ? 8.246   -4.669  -0.628  1.00 21.54 ? 81  ASN A O   1 
ATOM   451  C CB  . ASN A 1 81  ? 6.738   -7.222  -1.758  1.00 22.19 ? 81  ASN A CB  1 
ATOM   452  C CG  . ASN A 1 81  ? 6.326   -8.409  -0.932  1.00 24.12 ? 81  ASN A CG  1 
ATOM   453  O OD1 . ASN A 1 81  ? 6.904   -8.653  0.171   1.00 26.92 ? 81  ASN A OD1 1 
ATOM   454  N ND2 . ASN A 1 81  ? 5.244   -9.057  -1.338  1.00 25.72 ? 81  ASN A ND2 1 
ATOM   455  N N   . GLN A 1 82  ? 7.018   -4.078  -2.424  1.00 19.50 ? 82  GLN A N   1 
ATOM   456  C CA  . GLN A 1 82  ? 7.866   -2.969  -2.735  1.00 20.85 ? 82  GLN A CA  1 
ATOM   457  C C   . GLN A 1 82  ? 7.777   -1.918  -1.624  1.00 18.04 ? 82  GLN A C   1 
ATOM   458  O O   . GLN A 1 82  ? 8.794   -1.375  -1.157  1.00 17.48 ? 82  GLN A O   1 
ATOM   459  C CB  . GLN A 1 82  ? 7.449   -2.395  -4.064  1.00 25.77 ? 82  GLN A CB  1 
ATOM   460  C CG  . GLN A 1 82  ? 8.241   -1.145  -4.430  1.00 28.37 ? 82  GLN A CG  1 
ATOM   461  C CD  . GLN A 1 82  ? 7.777   -0.625  -5.794  1.00 39.83 ? 82  GLN A CD  1 
ATOM   462  O OE1 . GLN A 1 82  ? 7.374   -1.408  -6.679  1.00 43.13 ? 82  GLN A OE1 1 
ATOM   463  N NE2 . GLN A 1 82  ? 7.824   0.678   -5.963  1.00 42.68 ? 82  GLN A NE2 1 
ATOM   464  N N   . ALA A 1 83  ? 6.561   -1.676  -1.121  1.00 16.52 ? 83  ALA A N   1 
ATOM   465  C CA  . ALA A 1 83  ? 6.428   -0.735  -0.016  1.00 17.32 ? 83  ALA A CA  1 
ATOM   466  C C   . ALA A 1 83  ? 7.133   -1.267  1.218   1.00 15.54 ? 83  ALA A C   1 
ATOM   467  O O   . ALA A 1 83  ? 7.834   -0.509  1.900   1.00 18.18 ? 83  ALA A O   1 
ATOM   468  C CB  . ALA A 1 83  ? 4.907   -0.475  0.261   1.00 15.93 ? 83  ALA A CB  1 
ATOM   469  N N   . ASP A 1 84  ? 6.888   -2.550  1.558   1.00 17.05 ? 84  ASP A N   1 
ATOM   470  C CA  . ASP A 1 84  ? 7.449   -3.111  2.757   1.00 17.86 ? 84  ASP A CA  1 
ATOM   471  C C   . ASP A 1 84  ? 8.998   -3.074  2.691   1.00 18.38 ? 84  ASP A C   1 
ATOM   472  O O   . ASP A 1 84  ? 9.642   -2.715  3.691   1.00 16.85 ? 84  ASP A O   1 
ATOM   473  C CB  . ASP A 1 84  ? 7.031   -4.546  2.902   1.00 18.10 ? 84  ASP A CB  1 
ATOM   474  C CG  . ASP A 1 84  ? 7.390   -5.089  4.248   1.00 22.44 ? 84  ASP A CG  1 
ATOM   475  O OD1 . ASP A 1 84  ? 6.907   -4.509  5.264   1.00 18.76 ? 84  ASP A OD1 1 
ATOM   476  O OD2 . ASP A 1 84  ? 8.168   -6.067  4.297   1.00 20.17 ? 84  ASP A OD2 1 
ATOM   477  N N   . MET A 1 85  ? 9.579   -3.423  1.527   1.00 19.50 ? 85  MET A N   1 
ATOM   478  C CA  . MET A 1 85  ? 11.084  -3.360  1.406   1.00 22.11 ? 85  MET A CA  1 
ATOM   479  C C   . MET A 1 85  ? 11.643  -1.933  1.534   1.00 19.25 ? 85  MET A C   1 
ATOM   480  O O   . MET A 1 85  ? 12.716  -1.711  2.113   1.00 20.50 ? 85  MET A O   1 
ATOM   481  C CB  . MET A 1 85  ? 11.534  -3.980  0.069   1.00 22.58 ? 85  MET A CB  1 
ATOM   482  C CG  . MET A 1 85  ? 11.176  -5.449  0.013   1.00 32.38 ? 85  MET A CG  1 
ATOM   483  S SD  . MET A 1 85  ? 11.516  -6.080  -1.662  1.00 44.89 ? 85  MET A SD  1 
ATOM   484  C CE  . MET A 1 85  ? 13.298  -5.811  -1.713  1.00 35.96 ? 85  MET A CE  1 
ATOM   485  N N   . ALA A 1 86  ? 10.933  -0.962  0.989   1.00 18.14 ? 86  ALA A N   1 
ATOM   486  C CA  . ALA A 1 86  ? 11.324  0.452   1.115   1.00 18.80 ? 86  ALA A CA  1 
ATOM   487  C C   . ALA A 1 86  ? 11.299  0.885   2.568   1.00 19.39 ? 86  ALA A C   1 
ATOM   488  O O   . ALA A 1 86  ? 12.218  1.593   3.093   1.00 17.28 ? 86  ALA A O   1 
ATOM   489  C CB  . ALA A 1 86  ? 10.406  1.339   0.287   1.00 18.73 ? 86  ALA A CB  1 
ATOM   490  N N   . LEU A 1 87  ? 10.256  0.487   3.275   1.00 18.64 ? 87  LEU A N   1 
ATOM   491  C CA  . LEU A 1 87  ? 10.230  0.839   4.716   1.00 19.06 ? 87  LEU A CA  1 
ATOM   492  C C   . LEU A 1 87  ? 11.356  0.129   5.471   1.00 19.39 ? 87  LEU A C   1 
ATOM   493  O O   . LEU A 1 87  ? 11.959  0.706   6.394   1.00 23.12 ? 87  LEU A O   1 
ATOM   494  C CB  . LEU A 1 87  ? 8.848   0.450   5.366   1.00 18.21 ? 87  LEU A CB  1 
ATOM   495  C CG  . LEU A 1 87  ? 8.586   0.939   6.802   1.00 20.50 ? 87  LEU A CG  1 
ATOM   496  C CD1 . LEU A 1 87  ? 8.421   2.476   6.866   1.00 18.19 ? 87  LEU A CD1 1 
ATOM   497  C CD2 . LEU A 1 87  ? 7.284   0.240   7.231   1.00 20.08 ? 87  LEU A CD2 1 
ATOM   498  N N   . GLN A 1 88  ? 11.620  -1.108  5.115   1.00 21.66 ? 88  GLN A N   1 
ATOM   499  C CA  . GLN A 1 88  ? 12.759  -1.801  5.765   1.00 26.88 ? 88  GLN A CA  1 
ATOM   500  C C   . GLN A 1 88  ? 14.096  -1.093  5.577   1.00 25.22 ? 88  GLN A C   1 
ATOM   501  O O   . GLN A 1 88  ? 14.860  -1.004  6.546   1.00 28.70 ? 88  GLN A O   1 
ATOM   502  C CB  . GLN A 1 88  ? 12.869  -3.198  5.239   1.00 29.40 ? 88  GLN A CB  1 
ATOM   503  C CG  . GLN A 1 88  ? 13.518  -4.132  6.238   1.00 43.07 ? 88  GLN A CG  1 
ATOM   504  C CD  . GLN A 1 88  ? 13.760  -5.464  5.606   1.00 54.26 ? 88  GLN A CD  1 
ATOM   505  O OE1 . GLN A 1 88  ? 12.906  -5.999  4.887   1.00 62.72 ? 88  GLN A OE1 1 
ATOM   506  N NE2 . GLN A 1 88  ? 14.939  -6.004  5.837   1.00 62.68 ? 88  GLN A NE2 1 
ATOM   507  N N   . THR A 1 89  ? 14.359  -0.609  4.340   1.00 24.99 ? 89  THR A N   1 
ATOM   508  C CA  . THR A 1 89  ? 15.519  0.195   3.980   1.00 27.78 ? 89  THR A CA  1 
ATOM   509  C C   . THR A 1 89  ? 15.640  1.432   4.824   1.00 31.22 ? 89  THR A C   1 
ATOM   510  O O   . THR A 1 89  ? 16.705  1.693   5.415   1.00 27.62 ? 89  THR A O   1 
ATOM   511  C CB  . THR A 1 89  ? 15.468  0.601   2.496   1.00 29.92 ? 89  THR A CB  1 
ATOM   512  O OG1 . THR A 1 89  ? 15.486  -0.586  1.715   1.00 30.79 ? 89  THR A OG1 1 
ATOM   513  C CG2 . THR A 1 89  ? 16.650  1.478   2.106   1.00 28.32 ? 89  THR A CG2 1 
ATOM   514  N N   . LEU A 1 90  ? 14.538  2.176   4.951   1.00 24.63 ? 90  LEU A N   1 
ATOM   515  C CA  . LEU A 1 90  ? 14.491  3.301   5.881   1.00 25.80 ? 90  LEU A CA  1 
ATOM   516  C C   . LEU A 1 90  ? 14.845  2.912   7.293   1.00 28.10 ? 90  LEU A C   1 
ATOM   517  O O   . LEU A 1 90  ? 15.672  3.602   7.921   1.00 31.64 ? 90  LEU A O   1 
ATOM   518  C CB  . LEU A 1 90  ? 13.082  3.999   5.932   1.00 24.49 ? 90  LEU A CB  1 
ATOM   519  C CG  . LEU A 1 90  ? 12.748  4.919   4.803   1.00 32.62 ? 90  LEU A CG  1 
ATOM   520  C CD1 . LEU A 1 90  ? 11.487  5.630   5.279   1.00 28.24 ? 90  LEU A CD1 1 
ATOM   521  C CD2 . LEU A 1 90  ? 13.910  5.909   4.633   1.00 29.47 ? 90  LEU A CD2 1 
ATOM   522  N N   . ALA A 1 91  ? 14.221  1.842   7.805   1.00 27.89 ? 91  ALA A N   1 
ATOM   523  C CA  . ALA A 1 91  ? 14.458  1.341   9.165   1.00 32.75 ? 91  ALA A CA  1 
ATOM   524  C C   . ALA A 1 91  ? 15.957  1.112   9.347   1.00 36.72 ? 91  ALA A C   1 
ATOM   525  O O   . ALA A 1 91  ? 16.535  1.592   10.301  1.00 39.33 ? 91  ALA A O   1 
ATOM   526  C CB  . ALA A 1 91  ? 13.691  0.039   9.451   1.00 29.06 ? 91  ALA A CB  1 
ATOM   527  N N   . GLU A 1 92  ? 16.583  0.418   8.399   1.00 35.18 ? 92  GLU A N   1 
ATOM   528  C CA  . GLU A 1 92  ? 18.020  0.118   8.476   1.00 42.26 ? 92  GLU A CA  1 
ATOM   529  C C   . GLU A 1 92  ? 18.933  1.330   8.261   1.00 42.21 ? 92  GLU A C   1 
ATOM   530  O O   . GLU A 1 92  ? 20.071  1.319   8.665   1.00 46.40 ? 92  GLU A O   1 
ATOM   531  C CB  . GLU A 1 92  ? 18.362  -0.971  7.484   1.00 37.28 ? 92  GLU A CB  1 
ATOM   532  C CG  . GLU A 1 92  ? 17.615  -2.258  7.757   1.00 41.71 ? 92  GLU A CG  1 
ATOM   533  C CD  . GLU A 1 92  ? 17.751  -3.233  6.604   1.00 46.22 ? 92  GLU A CD  1 
ATOM   534  O OE1 . GLU A 1 92  ? 18.496  -2.920  5.648   1.00 48.45 ? 92  GLU A OE1 1 
ATOM   535  O OE2 . GLU A 1 92  ? 17.147  -4.322  6.646   1.00 49.32 ? 92  GLU A OE2 1 
ATOM   536  N N   . ASN A 1 93  ? 18.449  2.373   7.607   1.00 46.32 ? 93  ASN A N   1 
ATOM   537  C CA  . ASN A 1 93  ? 19.270  3.550   7.346   1.00 43.88 ? 93  ASN A CA  1 
ATOM   538  C C   . ASN A 1 93  ? 18.564  4.776   7.865   1.00 43.07 ? 93  ASN A C   1 
ATOM   539  O O   . ASN A 1 93  ? 18.028  5.555   7.051   1.00 41.52 ? 93  ASN A O   1 
ATOM   540  C CB  . ASN A 1 93  ? 19.488  3.740   5.851   1.00 43.43 ? 93  ASN A CB  1 
ATOM   541  C CG  . ASN A 1 93  ? 20.120  2.543   5.202   1.00 48.25 ? 93  ASN A CG  1 
ATOM   542  O OD1 . ASN A 1 93  ? 19.447  1.564   4.799   1.00 42.75 ? 93  ASN A OD1 1 
ATOM   543  N ND2 . ASN A 1 93  ? 21.430  2.600   5.094   1.00 46.81 ? 93  ASN A ND2 1 
ATOM   544  N N   . PRO A 1 94  ? 18.568  4.971   9.198   1.00 45.02 ? 94  PRO A N   1 
ATOM   545  C CA  . PRO A 1 94  ? 17.962  6.177   9.802   1.00 47.48 ? 94  PRO A CA  1 
ATOM   546  C C   . PRO A 1 94  ? 18.403  7.530   9.140   1.00 49.22 ? 94  PRO A C   1 
ATOM   547  O O   . PRO A 1 94  ? 19.591  7.802   9.061   1.00 46.43 ? 94  PRO A O   1 
ATOM   548  C CB  . PRO A 1 94  ? 18.448  6.106   11.273  1.00 43.08 ? 94  PRO A CB  1 
ATOM   549  C CG  . PRO A 1 94  ? 19.601  5.123   11.277  1.00 47.29 ? 94  PRO A CG  1 
ATOM   550  C CD  . PRO A 1 94  ? 19.247  4.117   10.214  1.00 43.46 ? 94  PRO A CD  1 
ATOM   551  N N   . ALA A 1 95  ? 17.445  8.346   8.678   1.00 46.57 ? 95  ALA A N   1 
ATOM   552  C CA  . ALA A 1 95  ? 17.717  9.734   8.251   1.00 46.38 ? 95  ALA A CA  1 
ATOM   553  C C   . ALA A 1 95  ? 18.117  10.637  9.421   1.00 48.77 ? 95  ALA A C   1 
ATOM   554  O O   . ALA A 1 95  ? 17.650  10.469  10.549  1.00 49.15 ? 95  ALA A O   1 
ATOM   555  C CB  . ALA A 1 95  ? 16.537  10.324  7.494   1.00 39.80 ? 95  ALA A CB  1 
ATOM   556  N N   . ASP A 1 96  ? 18.976  11.610  9.121   1.00 44.94 ? 96  ASP A N   1 
ATOM   557  C CA  . ASP A 1 96  ? 19.610  12.487  10.091  1.00 43.49 ? 96  ASP A CA  1 
ATOM   558  C C   . ASP A 1 96  ? 18.872  13.831  10.124  1.00 44.76 ? 96  ASP A C   1 
ATOM   559  O O   . ASP A 1 96  ? 19.242  14.836  9.490   1.00 36.99 ? 96  ASP A O   1 
ATOM   560  C CB  . ASP A 1 96  ? 21.064  12.686  9.686   1.00 49.39 ? 96  ASP A CB  1 
ATOM   561  C CG  . ASP A 1 96  ? 21.877  13.360  10.746  1.00 58.46 ? 96  ASP A CG  1 
ATOM   562  O OD1 . ASP A 1 96  ? 21.298  13.936  11.716  1.00 60.24 ? 96  ASP A OD1 1 
ATOM   563  O OD2 . ASP A 1 96  ? 23.117  13.305  10.594  1.00 63.43 ? 96  ASP A OD2 1 
ATOM   564  N N   . THR A 1 97  ? 17.779  13.833  10.859  1.00 38.23 ? 97  THR A N   1 
ATOM   565  C CA  . THR A 1 97  ? 16.848  14.918  10.766  1.00 38.11 ? 97  THR A CA  1 
ATOM   566  C C   . THR A 1 97  ? 15.980  14.838  12.064  1.00 35.13 ? 97  THR A C   1 
ATOM   567  O O   . THR A 1 97  ? 16.143  13.927  12.883  1.00 35.45 ? 97  THR A O   1 
ATOM   568  C CB  . THR A 1 97  ? 16.069  14.807  9.401   1.00 37.39 ? 97  THR A CB  1 
ATOM   569  O OG1 . THR A 1 97  ? 15.238  15.961  9.195   1.00 39.84 ? 97  THR A OG1 1 
ATOM   570  C CG2 . THR A 1 97  ? 15.231  13.456  9.316   1.00 38.54 ? 97  THR A CG2 1 
ATOM   571  N N   . ASP A 1 98  ? 15.037  15.755  12.235  1.00 35.04 ? 98  ASP A N   1 
ATOM   572  C CA  . ASP A 1 98  ? 14.258  15.722  13.456  1.00 33.24 ? 98  ASP A CA  1 
ATOM   573  C C   . ASP A 1 98  ? 13.109  14.691  13.342  1.00 33.58 ? 98  ASP A C   1 
ATOM   574  O O   . ASP A 1 98  ? 12.890  14.051  12.289  1.00 26.81 ? 98  ASP A O   1 
ATOM   575  C CB  . ASP A 1 98  ? 13.768  17.121  13.744  1.00 35.83 ? 98  ASP A CB  1 
ATOM   576  C CG  . ASP A 1 98  ? 12.867  17.636  12.665  1.00 34.98 ? 98  ASP A CG  1 
ATOM   577  O OD1 . ASP A 1 98  ? 12.287  16.844  11.898  1.00 37.16 ? 98  ASP A OD1 1 
ATOM   578  O OD2 . ASP A 1 98  ? 12.744  18.863  12.574  1.00 48.23 ? 98  ASP A OD2 1 
ATOM   579  N N   . ARG A 1 99  ? 12.381  14.516  14.436  1.00 28.31 ? 99  ARG A N   1 
ATOM   580  C CA  . ARG A 1 99  ? 11.361  13.480  14.501  1.00 28.84 ? 99  ARG A CA  1 
ATOM   581  C C   . ARG A 1 99  ? 10.236  13.606  13.497  1.00 23.50 ? 99  ARG A C   1 
ATOM   582  O O   . ARG A 1 99  ? 9.808   12.599  12.928  1.00 25.55 ? 99  ARG A O   1 
ATOM   583  C CB  . ARG A 1 99  ? 10.810  13.392  15.933  1.00 30.99 ? 99  ARG A CB  1 
ATOM   584  C CG  . ARG A 1 99  ? 11.792  12.571  16.782  1.00 36.38 ? 99  ARG A CG  1 
ATOM   585  C CD  . ARG A 1 99  ? 11.569  12.765  18.281  1.00 40.53 ? 99  ARG A CD  1 
ATOM   586  N NE  . ARG A 1 99  ? 12.334  11.716  18.975  1.00 39.66 ? 99  ARG A NE  1 
ATOM   587  C CZ  . ARG A 1 99  ? 13.493  11.891  19.595  1.00 45.73 ? 99  ARG A CZ  1 
ATOM   588  N NH1 . ARG A 1 99  ? 14.041  13.117  19.630  1.00 46.55 ? 99  ARG A NH1 1 
ATOM   589  N NH2 . ARG A 1 99  ? 14.082  10.835  20.195  1.00 46.88 ? 99  ARG A NH2 1 
ATOM   590  N N   . GLU A 1 100 ? 9.792   14.820  13.268  1.00 22.24 ? 100 GLU A N   1 
ATOM   591  C CA  . GLU A 1 100 ? 8.668   15.020  12.390  1.00 24.76 ? 100 GLU A CA  1 
ATOM   592  C C   . GLU A 1 100 ? 9.082   14.573  10.983  1.00 24.51 ? 100 GLU A C   1 
ATOM   593  O O   . GLU A 1 100 ? 8.372   13.853  10.279  1.00 21.02 ? 100 GLU A O   1 
ATOM   594  C CB  . GLU A 1 100 ? 8.259   16.463  12.364  1.00 27.69 ? 100 GLU A CB  1 
ATOM   595  C CG  . GLU A 1 100 ? 7.295   16.681  11.231  1.00 33.03 ? 100 GLU A CG  1 
ATOM   596  C CD  . GLU A 1 100 ? 6.729   18.069  11.166  1.00 45.35 ? 100 GLU A CD  1 
ATOM   597  O OE1 . GLU A 1 100 ? 6.770   18.801  12.177  1.00 51.42 ? 100 GLU A OE1 1 
ATOM   598  O OE2 . GLU A 1 100 ? 6.235   18.414  10.077  1.00 49.94 ? 100 GLU A OE2 1 
ATOM   599  N N   . ASN A 1 101 ? 10.289  14.952  10.599  1.00 23.64 ? 101 ASN A N   1 
ATOM   600  C CA  . ASN A 1 101 ? 10.828  14.449  9.316   1.00 24.03 ? 101 ASN A CA  1 
ATOM   601  C C   . ASN A 1 101 ? 11.060  12.972  9.215   1.00 21.85 ? 101 ASN A C   1 
ATOM   602  O O   . ASN A 1 101 ? 10.861  12.402  8.108   1.00 20.98 ? 101 ASN A O   1 
ATOM   603  C CB  . ASN A 1 101 ? 12.069  15.247  8.863   1.00 31.26 ? 101 ASN A CB  1 
ATOM   604  C CG  . ASN A 1 101 ? 11.671  16.508  8.105   1.00 38.59 ? 101 ASN A CG  1 
ATOM   605  O OD1 . ASN A 1 101 ? 11.340  16.422  6.918   1.00 43.02 ? 101 ASN A OD1 1 
ATOM   606  N ND2 . ASN A 1 101 ? 11.673  17.683  8.790   1.00 37.60 ? 101 ASN A ND2 1 
ATOM   607  N N   . MET A 1 102 ? 11.438  12.329  10.306  1.00 21.10 ? 102 MET A N   1 
ATOM   608  C CA  . MET A 1 102 ? 11.561  10.871  10.304  1.00 20.33 ? 102 MET A CA  1 
ATOM   609  C C   . MET A 1 102 ? 10.221  10.180  10.064  1.00 20.57 ? 102 MET A C   1 
ATOM   610  O O   . MET A 1 102 ? 10.138  9.275   9.202   1.00 16.83 ? 102 MET A O   1 
ATOM   611  C CB  . MET A 1 102 ? 12.212  10.388  11.565  1.00 24.20 ? 102 MET A CB  1 
ATOM   612  C CG  . MET A 1 102 ? 13.714  10.766  11.549  1.00 31.79 ? 102 MET A CG  1 
ATOM   613  S SD  . MET A 1 102 ? 14.466  10.342  13.168  1.00 41.09 ? 102 MET A SD  1 
ATOM   614  C CE  . MET A 1 102 ? 16.186  10.930  13.096  1.00 37.13 ? 102 MET A CE  1 
ATOM   615  N N   . TRP A 1 103 ? 9.169   10.655  10.735  1.00 17.36 ? 103 TRP A N   1 
ATOM   616  C CA  . TRP A 1 103 ? 7.807   10.100  10.429  1.00 16.22 ? 103 TRP A CA  1 
ATOM   617  C C   . TRP A 1 103 ? 7.383   10.390  8.996   1.00 14.99 ? 103 TRP A C   1 
ATOM   618  O O   . TRP A 1 103 ? 6.757   9.522   8.338   1.00 17.87 ? 103 TRP A O   1 
ATOM   619  C CB  . TRP A 1 103 ? 6.744   10.624  11.442  1.00 15.96 ? 103 TRP A CB  1 
ATOM   620  C CG  . TRP A 1 103 ? 6.951   10.004  12.789  1.00 17.40 ? 103 TRP A CG  1 
ATOM   621  C CD1 . TRP A 1 103 ? 7.468   10.595  13.930  1.00 18.13 ? 103 TRP A CD1 1 
ATOM   622  C CD2 . TRP A 1 103 ? 6.663   8.608   13.162  1.00 18.08 ? 103 TRP A CD2 1 
ATOM   623  N NE1 . TRP A 1 103 ? 7.524   9.699   14.986  1.00 19.18 ? 103 TRP A NE1 1 
ATOM   624  C CE2 . TRP A 1 103 ? 7.073   8.476   14.587  1.00 19.97 ? 103 TRP A CE2 1 
ATOM   625  C CE3 . TRP A 1 103 ? 6.231   7.469   12.445  1.00 18.85 ? 103 TRP A CE3 1 
ATOM   626  C CZ2 . TRP A 1 103 ? 6.968   7.276   15.280  1.00 20.63 ? 103 TRP A CZ2 1 
ATOM   627  C CZ3 . TRP A 1 103 ? 6.160   6.245   13.154  1.00 22.31 ? 103 TRP A CZ3 1 
ATOM   628  C CH2 . TRP A 1 103 ? 6.501   6.156   14.518  1.00 19.99 ? 103 TRP A CH2 1 
ATOM   629  N N   . ARG A 1 104 ? 7.627   11.615  8.513   1.00 13.96 ? 104 ARG A N   1 
ATOM   630  C CA  . ARG A 1 104 ? 7.264   11.986  7.180   1.00 14.71 ? 104 ARG A CA  1 
ATOM   631  C C   . ARG A 1 104 ? 7.928   11.060  6.174   1.00 15.95 ? 104 ARG A C   1 
ATOM   632  O O   . ARG A 1 104 ? 7.297   10.590  5.211   1.00 14.59 ? 104 ARG A O   1 
ATOM   633  C CB  . ARG A 1 104 ? 7.603   13.468  6.932   1.00 16.92 ? 104 ARG A CB  1 
ATOM   634  C CG  . ARG A 1 104 ? 7.263   13.889  5.488   1.00 17.06 ? 104 ARG A CG  1 
ATOM   635  C CD  . ARG A 1 104 ? 7.534   15.366  5.213   1.00 20.91 ? 104 ARG A CD  1 
ATOM   636  N NE  . ARG A 1 104 ? 7.011   16.192  6.319   1.00 22.24 ? 104 ARG A NE  1 
ATOM   637  C CZ  . ARG A 1 104 ? 5.860   16.818  6.301   1.00 28.71 ? 104 ARG A CZ  1 
ATOM   638  N NH1 . ARG A 1 104 ? 5.060   16.787  5.194   1.00 32.65 ? 104 ARG A NH1 1 
ATOM   639  N NH2 . ARG A 1 104 ? 5.564   17.588  7.389   1.00 29.92 ? 104 ARG A NH2 1 
ATOM   640  N N   . THR A 1 105 ? 9.218   10.699  6.375   1.00 15.53 ? 105 THR A N   1 
ATOM   641  C CA  . THR A 1 105 ? 9.822   9.844   5.333   1.00 14.93 ? 105 THR A CA  1 
ATOM   642  C C   . THR A 1 105 ? 9.245   8.465   5.326   1.00 16.12 ? 105 THR A C   1 
ATOM   643  O O   . THR A 1 105 ? 9.203   7.827   4.284   1.00 15.78 ? 105 THR A O   1 
ATOM   644  C CB  . THR A 1 105 ? 11.381  9.728   5.533   1.00 19.18 ? 105 THR A CB  1 
ATOM   645  O OG1 . THR A 1 105 ? 11.576  8.937   6.727   1.00 30.09 ? 105 THR A OG1 1 
ATOM   646  C CG2 . THR A 1 105 ? 11.928  11.107  5.797   1.00 14.49 ? 105 THR A CG2 1 
ATOM   647  N N   . GLY A 1 106 ? 8.772   7.989   6.482   1.00 17.64 ? 106 GLY A N   1 
ATOM   648  C CA  . GLY A 1 106 ? 8.131   6.680   6.574   1.00 16.51 ? 106 GLY A CA  1 
ATOM   649  C C   . GLY A 1 106 ? 6.773   6.652   5.924   1.00 15.95 ? 106 GLY A C   1 
ATOM   650  O O   . GLY A 1 106 ? 6.487   5.756   5.125   1.00 14.46 ? 106 GLY A O   1 
ATOM   651  N N   . ILE A 1 107 ? 5.910   7.601   6.269   1.00 14.65 ? 107 ILE A N   1 
ATOM   652  C CA  . ILE A 1 107 ? 4.604   7.717   5.595   1.00 14.77 ? 107 ILE A CA  1 
ATOM   653  C C   . ILE A 1 107 ? 4.785   7.892   4.101   1.00 15.07 ? 107 ILE A C   1 
ATOM   654  O O   . ILE A 1 107 ? 3.992   7.391   3.280   1.00 14.52 ? 107 ILE A O   1 
ATOM   655  C CB  . ILE A 1 107 ? 3.743   8.881   6.213   1.00 14.64 ? 107 ILE A CB  1 
ATOM   656  C CG1 . ILE A 1 107 ? 3.505   8.602   7.736   1.00 15.81 ? 107 ILE A CG1 1 
ATOM   657  C CG2 . ILE A 1 107 ? 2.437   9.068   5.417   1.00 13.24 ? 107 ILE A CG2 1 
ATOM   658  C CD1 . ILE A 1 107 ? 2.828   9.807   8.407   1.00 16.32 ? 107 ILE A CD1 1 
ATOM   659  N N   . ASN A 1 108 ? 5.810   8.656   3.711   1.00 13.58 ? 108 ASN A N   1 
ATOM   660  C CA  . ASN A 1 108 ? 6.047   8.896   2.303   1.00 12.81 ? 108 ASN A CA  1 
ATOM   661  C C   . ASN A 1 108 ? 6.266   7.624   1.473   1.00 12.74 ? 108 ASN A C   1 
ATOM   662  O O   . ASN A 1 108 ? 5.957   7.594   0.244   1.00 15.48 ? 108 ASN A O   1 
ATOM   663  C CB  . ASN A 1 108 ? 7.305   9.818   2.117   1.00 13.45 ? 108 ASN A CB  1 
ATOM   664  C CG  . ASN A 1 108 ? 7.439   10.267  0.675   1.00 15.65 ? 108 ASN A CG  1 
ATOM   665  O OD1 . ASN A 1 108 ? 6.550   10.902  0.133   1.00 16.06 ? 108 ASN A OD1 1 
ATOM   666  N ND2 . ASN A 1 108 ? 8.593   10.006  0.070   1.00 14.70 ? 108 ASN A ND2 1 
ATOM   667  N N   . VAL A 1 109 ? 6.831   6.610   2.115   1.00 12.98 ? 109 VAL A N   1 
ATOM   668  C CA  . VAL A 1 109 ? 7.055   5.319   1.417   1.00 15.64 ? 109 VAL A CA  1 
ATOM   669  C C   . VAL A 1 109 ? 5.716   4.864   0.854   1.00 15.12 ? 109 VAL A C   1 
ATOM   670  O O   . VAL A 1 109 ? 5.589   4.369   -0.309  1.00 15.71 ? 109 VAL A O   1 
ATOM   671  C CB  . VAL A 1 109 ? 7.605   4.242   2.401   1.00 17.18 ? 109 VAL A CB  1 
ATOM   672  C CG1 . VAL A 1 109 ? 7.389   2.814   1.866   1.00 20.34 ? 109 VAL A CG1 1 
ATOM   673  C CG2 . VAL A 1 109 ? 9.107   4.491   2.629   1.00 19.39 ? 109 VAL A CG2 1 
ATOM   674  N N   . PHE A 1 110 ? 4.685   4.993   1.671   1.00 15.98 ? 110 PHE A N   1 
ATOM   675  C CA  . PHE A 1 110 ? 3.336   4.530   1.219   1.00 13.86 ? 110 PHE A CA  1 
ATOM   676  C C   . PHE A 1 110 ? 2.678   5.472   0.244   1.00 15.80 ? 110 PHE A C   1 
ATOM   677  O O   . PHE A 1 110 ? 2.052   5.026   -0.767  1.00 15.79 ? 110 PHE A O   1 
ATOM   678  C CB  . PHE A 1 110 ? 2.483   4.263   2.475   1.00 15.73 ? 110 PHE A CB  1 
ATOM   679  C CG  . PHE A 1 110 ? 3.027   3.151   3.278   1.00 17.67 ? 110 PHE A CG  1 
ATOM   680  C CD1 . PHE A 1 110 ? 2.641   1.843   3.010   1.00 17.77 ? 110 PHE A CD1 1 
ATOM   681  C CD2 . PHE A 1 110 ? 4.080   3.377   4.200   1.00 17.00 ? 110 PHE A CD2 1 
ATOM   682  C CE1 . PHE A 1 110 ? 3.231   0.760   3.711   1.00 15.26 ? 110 PHE A CE1 1 
ATOM   683  C CE2 . PHE A 1 110 ? 4.692   2.313   4.873   1.00 17.19 ? 110 PHE A CE2 1 
ATOM   684  C CZ  . PHE A 1 110 ? 4.258   0.994   4.618   1.00 17.61 ? 110 PHE A CZ  1 
ATOM   685  N N   . PHE A 1 111 ? 2.780   6.763   0.515   1.00 13.46 ? 111 PHE A N   1 
ATOM   686  C CA  . PHE A 1 111 ? 2.235   7.771   -0.370  1.00 14.27 ? 111 PHE A CA  1 
ATOM   687  C C   . PHE A 1 111 ? 2.896   7.566   -1.781  1.00 16.32 ? 111 PHE A C   1 
ATOM   688  O O   . PHE A 1 111 ? 2.215   7.618   -2.778  1.00 16.12 ? 111 PHE A O   1 
ATOM   689  C CB  . PHE A 1 111 ? 2.631   9.162   0.178   1.00 14.56 ? 111 PHE A CB  1 
ATOM   690  C CG  . PHE A 1 111 ? 2.244   10.299  -0.686  1.00 16.53 ? 111 PHE A CG  1 
ATOM   691  C CD1 . PHE A 1 111 ? 0.866   10.644  -0.885  1.00 17.34 ? 111 PHE A CD1 1 
ATOM   692  C CD2 . PHE A 1 111 ? 3.232   11.108  -1.255  1.00 17.23 ? 111 PHE A CD2 1 
ATOM   693  C CE1 . PHE A 1 111 ? 0.552   11.783  -1.669  1.00 18.33 ? 111 PHE A CE1 1 
ATOM   694  C CE2 . PHE A 1 111 ? 2.924   12.192  -2.083  1.00 19.48 ? 111 PHE A CE2 1 
ATOM   695  C CZ  . PHE A 1 111 ? 1.572   12.551  -2.270  1.00 17.88 ? 111 PHE A CZ  1 
ATOM   696  N N   . GLU A 1 112 ? 4.224   7.405   -1.861  1.00 15.87 ? 112 GLU A N   1 
ATOM   697  C CA  . GLU A 1 112 ? 4.836   7.305   -3.195  1.00 17.29 ? 112 GLU A CA  1 
ATOM   698  C C   . GLU A 1 112 ? 4.653   5.908   -3.784  1.00 17.37 ? 112 GLU A C   1 
ATOM   699  O O   . GLU A 1 112 ? 4.517   5.813   -5.010  1.00 19.50 ? 112 GLU A O   1 
ATOM   700  C CB  . GLU A 1 112 ? 6.347   7.546   -3.165  1.00 21.57 ? 112 GLU A CB  1 
ATOM   701  C CG  . GLU A 1 112 ? 6.722   8.969   -2.877  1.00 23.76 ? 112 GLU A CG  1 
ATOM   702  C CD  . GLU A 1 112 ? 6.436   9.884   -4.064  1.00 34.58 ? 112 GLU A CD  1 
ATOM   703  O OE1 . GLU A 1 112 ? 6.312   9.353   -5.199  1.00 34.47 ? 112 GLU A OE1 1 
ATOM   704  O OE2 . GLU A 1 112 ? 6.305   11.121  -3.855  1.00 35.89 ? 112 GLU A OE2 1 
ATOM   705  N N   . THR A 1 113 ? 4.728   4.849   -2.979  1.00 15.71 ? 113 THR A N   1 
ATOM   706  C CA  . THR A 1 113 ? 4.674   3.511   -3.594  1.00 18.08 ? 113 THR A CA  1 
ATOM   707  C C   . THR A 1 113 ? 3.248   3.259   -4.136  1.00 17.91 ? 113 THR A C   1 
ATOM   708  O O   . THR A 1 113 ? 3.059   2.797   -5.292  1.00 18.53 ? 113 THR A O   1 
ATOM   709  C CB  . THR A 1 113 ? 5.084   2.390   -2.611  1.00 20.00 ? 113 THR A CB  1 
ATOM   710  O OG1 . THR A 1 113 ? 6.405   2.681   -2.159  1.00 20.34 ? 113 THR A OG1 1 
ATOM   711  C CG2 . THR A 1 113 ? 5.142   1.015   -3.328  1.00 24.01 ? 113 THR A CG2 1 
ATOM   712  N N   . PHE A 1 114 ? 2.229   3.521   -3.316  1.00 15.47 ? 114 PHE A N   1 
ATOM   713  C CA  . PHE A 1 114 ? 0.833   3.196   -3.748  1.00 14.25 ? 114 PHE A CA  1 
ATOM   714  C C   . PHE A 1 114 ? 0.362   4.242   -4.728  1.00 17.15 ? 114 PHE A C   1 
ATOM   715  O O   . PHE A 1 114 ? -0.397  3.968   -5.659  1.00 17.35 ? 114 PHE A O   1 
ATOM   716  C CB  . PHE A 1 114 ? -0.124  2.985   -2.493  1.00 15.45 ? 114 PHE A CB  1 
ATOM   717  C CG  . PHE A 1 114 ? 0.150   1.667   -1.799  1.00 16.81 ? 114 PHE A CG  1 
ATOM   718  C CD1 . PHE A 1 114 ? -0.428  0.471   -2.286  1.00 18.97 ? 114 PHE A CD1 1 
ATOM   719  C CD2 . PHE A 1 114 ? 0.986   1.602   -0.719  1.00 18.52 ? 114 PHE A CD2 1 
ATOM   720  C CE1 . PHE A 1 114 ? -0.161  -0.758  -1.646  1.00 19.00 ? 114 PHE A CE1 1 
ATOM   721  C CE2 . PHE A 1 114 ? 1.313   0.349   -0.084  1.00 19.29 ? 114 PHE A CE2 1 
ATOM   722  C CZ  . PHE A 1 114 ? 0.723   -0.820  -0.562  1.00 19.01 ? 114 PHE A CZ  1 
ATOM   723  N N   . GLY A 1 115 ? 0.847   5.473   -4.526  1.00 16.89 ? 115 GLY A N   1 
ATOM   724  C CA  . GLY A 1 115 ? 0.516   6.644   -5.393  1.00 18.04 ? 115 GLY A CA  1 
ATOM   725  C C   . GLY A 1 115 ? 1.099   6.517   -6.790  1.00 18.94 ? 115 GLY A C   1 
ATOM   726  O O   . GLY A 1 115 ? 0.561   7.098   -7.717  1.00 20.57 ? 115 GLY A O   1 
ATOM   727  N N   . SER A 1 116 ? 2.109   5.673   -6.950  1.00 18.78 ? 116 SER A N   1 
ATOM   728  C CA  . SER A 1 116 ? 2.740   5.393   -8.256  1.00 22.70 ? 116 SER A CA  1 
ATOM   729  C C   . SER A 1 116 ? 2.053   4.219   -8.929  1.00 20.81 ? 116 SER A C   1 
ATOM   730  O O   . SER A 1 116 ? 2.409   3.848   -10.060 1.00 20.10 ? 116 SER A O   1 
ATOM   731  C CB  . SER A 1 116 ? 4.235   5.050   -8.060  1.00 23.20 ? 116 SER A CB  1 
ATOM   732  O OG  . SER A 1 116 ? 4.839   6.283   -7.682  1.00 27.28 ? 116 SER A OG  1 
ATOM   733  N N   . HIS A 1 117 ? 1.126   3.591   -8.225  1.00 19.75 ? 117 HIS A N   1 
ATOM   734  C CA  . HIS A 1 117 ? 0.389   2.452   -8.758  1.00 20.42 ? 117 HIS A CA  1 
ATOM   735  C C   . HIS A 1 117 ? -1.068  2.567   -8.398  1.00 19.45 ? 117 HIS A C   1 
ATOM   736  O O   . HIS A 1 117 ? -1.568  1.662   -7.799  1.00 19.95 ? 117 HIS A O   1 
ATOM   737  C CB  . HIS A 1 117 ? 0.957   1.098   -8.266  1.00 19.86 ? 117 HIS A CB  1 
ATOM   738  C CG  . HIS A 1 117 ? 2.358   0.899   -8.645  1.00 25.15 ? 117 HIS A CG  1 
ATOM   739  N ND1 . HIS A 1 117 ? 2.717   0.403   -9.861  1.00 25.50 ? 117 HIS A ND1 1 
ATOM   740  C CD2 . HIS A 1 117 ? 3.537   1.232   -7.982  1.00 26.54 ? 117 HIS A CD2 1 
ATOM   741  C CE1 . HIS A 1 117 ? 4.066   0.442   -9.966  1.00 25.33 ? 117 HIS A CE1 1 
ATOM   742  N NE2 . HIS A 1 117 ? 4.564   0.961   -8.832  1.00 25.18 ? 117 HIS A NE2 1 
ATOM   743  N N   . LYS A 1 118 ? -1.739  3.668   -8.758  1.00 18.53 ? 118 LYS A N   1 
ATOM   744  C CA  . LYS A 1 118 ? -3.104  3.873   -8.273  1.00 21.66 ? 118 LYS A CA  1 
ATOM   745  C C   . LYS A 1 118 ? -4.092  2.914   -8.842  1.00 21.84 ? 118 LYS A C   1 
ATOM   746  O O   . LYS A 1 118 ? -5.026  2.578   -8.128  1.00 18.33 ? 118 LYS A O   1 
ATOM   747  C CB  . LYS A 1 118 ? -3.639  5.266   -8.573  1.00 19.14 ? 118 LYS A CB  1 
ATOM   748  C CG  . LYS A 1 118 ? -2.782  6.421   -7.979  1.00 21.80 ? 118 LYS A CG  1 
ATOM   749  C CD  . LYS A 1 118 ? -3.394  7.724   -8.520  1.00 23.65 ? 118 LYS A CD  1 
ATOM   750  C CE  . LYS A 1 118 ? -2.951  8.983   -7.763  1.00 28.85 ? 118 LYS A CE  1 
ATOM   751  N NZ  . LYS A 1 118 ? -1.493  9.201   -7.761  1.00 29.02 ? 118 LYS A NZ  1 
ATOM   752  N N   . ALA A 1 119 ? -3.900  2.481   -10.104 1.00 19.46 ? 119 ALA A N   1 
ATOM   753  C CA  . ALA A 1 119 ? -4.874  1.525   -10.692 1.00 20.38 ? 119 ALA A CA  1 
ATOM   754  C C   . ALA A 1 119 ? -4.860  0.185   -9.965  1.00 18.79 ? 119 ALA A C   1 
ATOM   755  O O   . ALA A 1 119 ? -5.925  -0.378  -9.633  1.00 17.92 ? 119 ALA A O   1 
ATOM   756  C CB  . ALA A 1 119 ? -4.626  1.356   -12.193 1.00 22.52 ? 119 ALA A CB  1 
ATOM   757  N N   . VAL A 1 120 ? -3.670  -0.327  -9.648  1.00 18.51 ? 120 VAL A N   1 
ATOM   758  C CA  . VAL A 1 120 ? -3.569  -1.576  -8.912  1.00 19.69 ? 120 VAL A CA  1 
ATOM   759  C C   . VAL A 1 120 ? -4.118  -1.407  -7.490  1.00 19.40 ? 120 VAL A C   1 
ATOM   760  O O   . VAL A 1 120 ? -4.815  -2.279  -6.983  1.00 19.03 ? 120 VAL A O   1 
ATOM   761  C CB  . VAL A 1 120 ? -2.101  -2.118  -8.906  1.00 19.55 ? 120 VAL A CB  1 
ATOM   762  C CG1 . VAL A 1 120 ? -1.910  -3.313  -7.939  1.00 21.66 ? 120 VAL A CG1 1 
ATOM   763  C CG2 . VAL A 1 120 ? -1.686  -2.522  -10.360 1.00 20.17 ? 120 VAL A CG2 1 
ATOM   764  N N   . THR A 1 121 ? -3.763  -0.291  -6.841  1.00 18.08 ? 121 THR A N   1 
ATOM   765  C CA  . THR A 1 121 ? -4.253  -0.003  -5.479  1.00 19.11 ? 121 THR A CA  1 
ATOM   766  C C   . THR A 1 121 ? -5.807  0.011   -5.485  1.00 19.05 ? 121 THR A C   1 
ATOM   767  O O   . THR A 1 121 ? -6.415  -0.627  -4.613  1.00 19.19 ? 121 THR A O   1 
ATOM   768  C CB  . THR A 1 121 ? -3.734  1.390   -5.049  1.00 19.77 ? 121 THR A CB  1 
ATOM   769  O OG1 . THR A 1 121 ? -2.328  1.321   -5.002  1.00 20.32 ? 121 THR A OG1 1 
ATOM   770  C CG2 . THR A 1 121 ? -4.299  1.779   -3.644  1.00 23.67 ? 121 THR A CG2 1 
ATOM   771  N N   . ARG A 1 122 ? -6.402  0.738   -6.418  1.00 20.50 ? 122 ARG A N   1 
ATOM   772  C CA  . ARG A 1 122 ? -7.859  0.795   -6.512  1.00 23.88 ? 122 ARG A CA  1 
ATOM   773  C C   . ARG A 1 122 ? -8.499  -0.590  -6.729  1.00 23.08 ? 122 ARG A C   1 
ATOM   774  O O   . ARG A 1 122 ? -9.418  -0.992  -6.029  1.00 21.77 ? 122 ARG A O   1 
ATOM   775  C CB  . ARG A 1 122 ? -8.299  1.706   -7.652  1.00 28.06 ? 122 ARG A CB  1 
ATOM   776  C CG  . ARG A 1 122 ? -8.570  3.136   -7.202  1.00 45.10 ? 122 ARG A CG  1 
ATOM   777  C CD  . ARG A 1 122 ? -7.503  4.161   -7.629  1.00 57.40 ? 122 ARG A CD  1 
ATOM   778  N NE  . ARG A 1 122 ? -6.450  4.408   -6.611  1.00 60.41 ? 122 ARG A NE  1 
ATOM   779  C CZ  . ARG A 1 122 ? -6.659  4.633   -5.300  1.00 70.56 ? 122 ARG A CZ  1 
ATOM   780  N NH1 . ARG A 1 122 ? -7.879  4.688   -4.765  1.00 62.45 ? 122 ARG A NH1 1 
ATOM   781  N NH2 . ARG A 1 122 ? -5.619  4.835   -4.500  1.00 83.51 ? 122 ARG A NH2 1 
ATOM   782  N N   . ALA A 1 123 ? -7.946  -1.346  -7.647  1.00 20.44 ? 123 ALA A N   1 
ATOM   783  C CA  . ALA A 1 123 ? -8.457  -2.688  -7.933  1.00 21.54 ? 123 ALA A CA  1 
ATOM   784  C C   . ALA A 1 123 ? -8.219  -3.634  -6.807  1.00 22.64 ? 123 ALA A C   1 
ATOM   785  O O   . ALA A 1 123 ? -9.083  -4.499  -6.492  1.00 22.32 ? 123 ALA A O   1 
ATOM   786  C CB  . ALA A 1 123 ? -7.802  -3.215  -9.231  1.00 21.92 ? 123 ALA A CB  1 
ATOM   787  N N   . GLY A 1 124 ? -7.065  -3.527  -6.147  1.00 20.04 ? 124 GLY A N   1 
ATOM   788  C CA  . GLY A 1 124 ? -6.801  -4.392  -5.022  1.00 22.73 ? 124 GLY A CA  1 
ATOM   789  C C   . GLY A 1 124 ? -7.780  -4.112  -3.878  1.00 24.66 ? 124 GLY A C   1 
ATOM   790  O O   . GLY A 1 124 ? -8.300  -5.028  -3.207  1.00 25.82 ? 124 GLY A O   1 
ATOM   791  N N   . GLN A 1 125 ? -8.065  -2.840  -3.643  1.00 23.73 ? 125 GLN A N   1 
ATOM   792  C CA  . GLN A 1 125 ? -9.036  -2.507  -2.584  1.00 25.91 ? 125 GLN A CA  1 
ATOM   793  C C   . GLN A 1 125 ? -10.402 -3.097  -2.953  1.00 25.47 ? 125 GLN A C   1 
ATOM   794  O O   . GLN A 1 125 ? -11.083 -3.650  -2.117  1.00 28.72 ? 125 GLN A O   1 
ATOM   795  C CB  . GLN A 1 125 ? -9.158  -0.975  -2.418  1.00 29.85 ? 125 GLN A CB  1 
ATOM   796  C CG  . GLN A 1 125 ? -10.026 -0.545  -1.218  1.00 35.54 ? 125 GLN A CG  1 
ATOM   797  C CD  . GLN A 1 125 ? -11.542 -0.682  -1.458  1.00 44.46 ? 125 GLN A CD  1 
ATOM   798  O OE1 . GLN A 1 125 ? -12.060 -0.467  -2.599  1.00 44.64 ? 125 GLN A OE1 1 
ATOM   799  N NE2 . GLN A 1 125 ? -12.288 -0.989  -0.357  1.00 40.33 ? 125 GLN A NE2 1 
ATOM   800  N N   . ALA A 1 126 ? -10.813 -2.998  -4.191  1.00 25.28 ? 126 ALA A N   1 
ATOM   801  C CA  . ALA A 1 126 ? -12.096 -3.584  -4.578  1.00 27.09 ? 126 ALA A CA  1 
ATOM   802  C C   . ALA A 1 126 ? -12.123 -5.103  -4.384  1.00 32.75 ? 126 ALA A C   1 
ATOM   803  O O   . ALA A 1 126 ? -13.115 -5.670  -3.943  1.00 31.01 ? 126 ALA A O   1 
ATOM   804  C CB  . ALA A 1 126 ? -12.402 -3.233  -6.021  1.00 25.77 ? 126 ALA A CB  1 
ATOM   805  N N   . ALA A 1 127 ? -11.007 -5.768  -4.693  1.00 28.66 ? 127 ALA A N   1 
ATOM   806  C CA  . ALA A 1 127 ? -10.917 -7.242  -4.538  1.00 26.75 ? 127 ALA A CA  1 
ATOM   807  C C   . ALA A 1 127 ? -10.904 -7.760  -3.074  1.00 27.44 ? 127 ALA A C   1 
ATOM   808  O O   . ALA A 1 127 ? -11.199 -8.941  -2.821  1.00 25.49 ? 127 ALA A O   1 
ATOM   809  C CB  . ALA A 1 127 ? -9.718  -7.768  -5.334  1.00 22.21 ? 127 ALA A CB  1 
ATOM   810  N N   . ARG A 1 128 ? -10.557 -6.908  -2.086  1.00 24.28 ? 128 ARG A N   1 
ATOM   811  C CA  . ARG A 1 128 ? -10.575 -7.337  -0.705  1.00 26.30 ? 128 ARG A CA  1 
ATOM   812  C C   . ARG A 1 128 ? -11.935 -7.937  -0.390  1.00 28.97 ? 128 ARG A C   1 
ATOM   813  O O   . ARG A 1 128 ? -11.996 -8.876  0.409   1.00 31.09 ? 128 ARG A O   1 
ATOM   814  C CB  . ARG A 1 128 ? -10.335 -6.199  0.285   1.00 27.77 ? 128 ARG A CB  1 
ATOM   815  C CG  . ARG A 1 128 ? -8.890  -5.806  0.397   1.00 34.65 ? 128 ARG A CG  1 
ATOM   816  C CD  . ARG A 1 128 ? -8.705  -4.577  1.299   1.00 39.94 ? 128 ARG A CD  1 
ATOM   817  N NE  . ARG A 1 128 ? -8.799  -4.921  2.705   1.00 46.31 ? 128 ARG A NE  1 
ATOM   818  C CZ  . ARG A 1 128 ? -9.793  -4.529  3.501   1.00 61.80 ? 128 ARG A CZ  1 
ATOM   819  N NH1 . ARG A 1 128 ? -10.776 -3.770  3.017   1.00 68.41 ? 128 ARG A NH1 1 
ATOM   820  N NH2 . ARG A 1 128 ? -9.819  -4.893  4.779   1.00 55.29 ? 128 ARG A NH2 1 
ATOM   821  N N   . ALA A 1 129 ? -13.001 -7.409  -0.987  1.00 28.49 ? 129 ALA A N   1 
ATOM   822  C CA  . ALA A 1 129 ? -14.374 -7.913  -0.725  1.00 35.95 ? 129 ALA A CA  1 
ATOM   823  C C   . ALA A 1 129 ? -14.624 -9.329  -1.204  1.00 38.65 ? 129 ALA A C   1 
ATOM   824  O O   . ALA A 1 129 ? -15.426 -10.040 -0.606  1.00 43.96 ? 129 ALA A O   1 
ATOM   825  C CB  . ALA A 1 129 ? -15.430 -6.986  -1.310  1.00 34.32 ? 129 ALA A CB  1 
ATOM   826  N N   . THR A 1 130 ? -13.946 -9.742  -2.278  1.00 37.62 ? 130 THR A N   1 
ATOM   827  C CA  . THR A 1 130 ? -14.319 -10.939 -2.993  1.00 34.65 ? 130 THR A CA  1 
ATOM   828  C C   . THR A 1 130 ? -13.173 -11.937 -2.966  1.00 37.66 ? 130 THR A C   1 
ATOM   829  O O   . THR A 1 130 ? -13.359 -13.114 -3.273  1.00 33.47 ? 130 THR A O   1 
ATOM   830  C CB  . THR A 1 130 ? -14.696 -10.607 -4.440  1.00 35.93 ? 130 THR A CB  1 
ATOM   831  O OG1 . THR A 1 130 ? -13.639 -9.852  -5.047  1.00 38.91 ? 130 THR A OG1 1 
ATOM   832  C CG2 . THR A 1 130 ? -16.012 -9.760  -4.514  1.00 37.10 ? 130 THR A CG2 1 
ATOM   833  N N   . SER A 1 131 ? -11.989 -11.509 -2.563  1.00 26.72 ? 131 SER A N   1 
ATOM   834  C CA  . SER A 1 131 ? -10.891 -12.429 -2.604  1.00 29.09 ? 131 SER A CA  1 
ATOM   835  C C   . SER A 1 131 ? -10.262 -12.629 -1.258  1.00 29.35 ? 131 SER A C   1 
ATOM   836  O O   . SER A 1 131 ? -9.679  -11.694 -0.674  1.00 23.97 ? 131 SER A O   1 
ATOM   837  C CB  . SER A 1 131 ? -9.830  -12.015 -3.645  1.00 27.69 ? 131 SER A CB  1 
ATOM   838  O OG  . SER A 1 131 ? -8.639  -12.726 -3.326  1.00 26.95 ? 131 SER A OG  1 
ATOM   839  N N   . VAL A 1 132 ? -10.326 -13.876 -0.780  1.00 27.05 ? 132 VAL A N   1 
ATOM   840  C CA  . VAL A 1 132 ? -9.744  -14.236 0.490   1.00 27.68 ? 132 VAL A CA  1 
ATOM   841  C C   . VAL A 1 132 ? -8.233  -14.011 0.423   1.00 28.46 ? 132 VAL A C   1 
ATOM   842  O O   . VAL A 1 132 ? -7.642  -13.586 1.400   1.00 25.65 ? 132 VAL A O   1 
ATOM   843  C CB  . VAL A 1 132 ? -10.088 -15.703 0.875   1.00 34.63 ? 132 VAL A CB  1 
ATOM   844  C CG1 . VAL A 1 132 ? -9.235  -16.185 2.029   1.00 34.57 ? 132 VAL A CG1 1 
ATOM   845  C CG2 . VAL A 1 132 ? -11.589 -15.805 1.203   1.00 33.85 ? 132 VAL A CG2 1 
ATOM   846  N N   . GLU A 1 133 ? -7.577  -14.320 -0.702  1.00 24.43 ? 133 GLU A N   1 
ATOM   847  C CA  . GLU A 1 133 ? -6.145  -14.177 -0.737  1.00 24.26 ? 133 GLU A CA  1 
ATOM   848  C C   . GLU A 1 133 ? -5.736  -12.677 -0.694  1.00 20.04 ? 133 GLU A C   1 
ATOM   849  O O   . GLU A 1 133 ? -4.681  -12.383 -0.132  1.00 21.73 ? 133 GLU A O   1 
ATOM   850  C CB  . GLU A 1 133 ? -5.621  -14.730 -2.068  1.00 27.80 ? 133 GLU A CB  1 
ATOM   851  C CG  . GLU A 1 133 ? -5.778  -16.233 -2.214  1.00 34.10 ? 133 GLU A CG  1 
ATOM   852  C CD  . GLU A 1 133 ? -7.228  -16.657 -2.474  1.00 49.07 ? 133 GLU A CD  1 
ATOM   853  O OE1 . GLU A 1 133 ? -8.109  -15.882 -2.988  1.00 48.16 ? 133 GLU A OE1 1 
ATOM   854  O OE2 . GLU A 1 133 ? -7.510  -17.826 -2.149  1.00 63.19 ? 133 GLU A OE2 1 
ATOM   855  N N   . VAL A 1 134 ? -6.493  -11.809 -1.390  1.00 20.48 ? 134 VAL A N   1 
ATOM   856  C CA  . VAL A 1 134 ? -6.190  -10.350 -1.400  1.00 18.98 ? 134 VAL A CA  1 
ATOM   857  C C   . VAL A 1 134 ? -6.440  -9.843  0.027   1.00 19.11 ? 134 VAL A C   1 
ATOM   858  O O   . VAL A 1 134 ? -5.595  -9.126  0.596   1.00 18.51 ? 134 VAL A O   1 
ATOM   859  C CB  . VAL A 1 134 ? -7.029  -9.540  -2.451  1.00 21.68 ? 134 VAL A CB  1 
ATOM   860  C CG1 . VAL A 1 134 ? -6.962  -8.009  -2.178  1.00 20.74 ? 134 VAL A CG1 1 
ATOM   861  C CG2 . VAL A 1 134 ? -6.574  -9.794  -3.922  1.00 21.59 ? 134 VAL A CG2 1 
ATOM   862  N N   . ALA A 1 135 ? -7.586  -10.229 0.635   1.00 18.69 ? 135 ALA A N   1 
ATOM   863  C CA  . ALA A 1 135 ? -7.826  -9.823  2.046   1.00 20.41 ? 135 ALA A CA  1 
ATOM   864  C C   . ALA A 1 135 ? -6.712  -10.309 2.994   1.00 21.08 ? 135 ALA A C   1 
ATOM   865  O O   . ALA A 1 135 ? -6.253  -9.540  3.862   1.00 17.41 ? 135 ALA A O   1 
ATOM   866  C CB  . ALA A 1 135 ? -9.251  -10.230 2.564   1.00 19.54 ? 135 ALA A CB  1 
ATOM   867  N N   . GLU A 1 136 ? -6.233  -11.571 2.867   1.00 18.41 ? 136 GLU A N   1 
ATOM   868  C CA  . GLU A 1 136 ? -5.197  -12.038 3.770   1.00 21.78 ? 136 GLU A CA  1 
ATOM   869  C C   . GLU A 1 136 ? -3.864  -11.343 3.543   1.00 19.34 ? 136 GLU A C   1 
ATOM   870  O O   . GLU A 1 136 ? -3.129  -11.079 4.501   1.00 21.09 ? 136 GLU A O   1 
ATOM   871  C CB  . GLU A 1 136 ? -5.028  -13.592 3.741   1.00 26.66 ? 136 GLU A CB  1 
ATOM   872  C CG  . GLU A 1 136 ? -6.337  -14.199 4.324   1.00 35.79 ? 136 GLU A CG  1 
ATOM   873  C CD  . GLU A 1 136 ? -6.440  -15.728 4.266   1.00 48.77 ? 136 GLU A CD  1 
ATOM   874  O OE1 . GLU A 1 136 ? -5.511  -16.380 3.743   1.00 44.61 ? 136 GLU A OE1 1 
ATOM   875  O OE2 . GLU A 1 136 ? -7.468  -16.276 4.755   1.00 55.55 ? 136 GLU A OE2 1 
ATOM   876  N N   . LEU A 1 137 ? -3.532  -11.069 2.269   1.00 19.28 ? 137 LEU A N   1 
ATOM   877  C CA  . LEU A 1 137 ? -2.234  -10.392 1.953   1.00 19.37 ? 137 LEU A CA  1 
ATOM   878  C C   . LEU A 1 137 ? -2.282  -9.018  2.638   1.00 17.07 ? 137 LEU A C   1 
ATOM   879  O O   . LEU A 1 137 ? -1.321  -8.617  3.287   1.00 16.10 ? 137 LEU A O   1 
ATOM   880  C CB  . LEU A 1 137 ? -2.062  -10.161 0.423   1.00 18.40 ? 137 LEU A CB  1 
ATOM   881  C CG  . LEU A 1 137 ? -0.922  -9.217  -0.037  1.00 21.07 ? 137 LEU A CG  1 
ATOM   882  C CD1 . LEU A 1 137 ? 0.421   -9.821  0.266   1.00 22.87 ? 137 LEU A CD1 1 
ATOM   883  C CD2 . LEU A 1 137 ? -1.077  -8.966  -1.552  1.00 23.55 ? 137 LEU A CD2 1 
ATOM   884  N N   . TRP A 1 138 ? -3.392  -8.309  2.459   1.00 16.90 ? 138 TRP A N   1 
ATOM   885  C CA  . TRP A 1 138 ? -3.487  -6.937  2.976   1.00 17.93 ? 138 TRP A CA  1 
ATOM   886  C C   . TRP A 1 138 ? -3.413  -6.969  4.516   1.00 16.25 ? 138 TRP A C   1 
ATOM   887  O O   . TRP A 1 138 ? -2.628  -6.250  5.179   1.00 18.41 ? 138 TRP A O   1 
ATOM   888  C CB  . TRP A 1 138 ? -4.758  -6.247  2.484   1.00 17.26 ? 138 TRP A CB  1 
ATOM   889  C CG  . TRP A 1 138 ? -4.689  -4.790  2.864   1.00 20.00 ? 138 TRP A CG  1 
ATOM   890  C CD1 . TRP A 1 138 ? -5.507  -4.094  3.794   1.00 19.64 ? 138 TRP A CD1 1 
ATOM   891  C CD2 . TRP A 1 138 ? -3.696  -3.777  2.391   1.00 21.53 ? 138 TRP A CD2 1 
ATOM   892  N NE1 . TRP A 1 138 ? -5.134  -2.743  3.865   1.00 19.26 ? 138 TRP A NE1 1 
ATOM   893  C CE2 . TRP A 1 138 ? -4.038  -2.495  3.081   1.00 19.76 ? 138 TRP A CE2 1 
ATOM   894  C CE3 . TRP A 1 138 ? -2.624  -3.792  1.480   1.00 22.29 ? 138 TRP A CE3 1 
ATOM   895  C CZ2 . TRP A 1 138 ? -3.285  -1.299  2.869   1.00 20.45 ? 138 TRP A CZ2 1 
ATOM   896  C CZ3 . TRP A 1 138 ? -1.876  -2.605  1.276   1.00 26.71 ? 138 TRP A CZ3 1 
ATOM   897  C CH2 . TRP A 1 138 ? -2.217  -1.363  1.947   1.00 19.69 ? 138 TRP A CH2 1 
ATOM   898  N N   . SER A 1 139 ? -4.169  -7.874  5.097   1.00 17.50 ? 139 SER A N   1 
ATOM   899  C CA  . SER A 1 139 ? -4.194  -8.011  6.556   1.00 16.55 ? 139 SER A CA  1 
ATOM   900  C C   . SER A 1 139 ? -2.824  -8.348  7.142   1.00 17.49 ? 139 SER A C   1 
ATOM   901  O O   . SER A 1 139 ? -2.413  -7.803  8.187   1.00 16.07 ? 139 SER A O   1 
ATOM   902  C CB  . SER A 1 139 ? -5.350  -8.980  6.934   1.00 18.54 ? 139 SER A CB  1 
ATOM   903  O OG  . SER A 1 139 ? -5.073  -9.458  8.221   1.00 28.04 ? 139 SER A OG  1 
ATOM   904  N N   . THR A 1 140 ? -2.077  -9.277  6.511   1.00 16.58 ? 140 THR A N   1 
ATOM   905  C CA  . THR A 1 140 ? -0.750  -9.657  6.972   1.00 16.84 ? 140 THR A CA  1 
ATOM   906  C C   . THR A 1 140 ? 0.183   -8.456  7.000   1.00 15.06 ? 140 THR A C   1 
ATOM   907  O O   . THR A 1 140 ? 0.920   -8.263  7.950   1.00 13.98 ? 140 THR A O   1 
ATOM   908  C CB  . THR A 1 140 ? -0.153  -10.692 5.961   1.00 21.49 ? 140 THR A CB  1 
ATOM   909  O OG1 . THR A 1 140 ? -0.967  -11.835 6.109   1.00 27.60 ? 140 THR A OG1 1 
ATOM   910  C CG2 . THR A 1 140 ? 1.284   -11.082 6.264   1.00 24.69 ? 140 THR A CG2 1 
ATOM   911  N N   . PHE A 1 141 ? 0.249   -7.723  5.889   1.00 14.97 ? 141 PHE A N   1 
ATOM   912  C CA  . PHE A 1 141 ? 1.144   -6.544  5.869   1.00 14.70 ? 141 PHE A CA  1 
ATOM   913  C C   . PHE A 1 141 ? 0.668   -5.419  6.778   1.00 14.38 ? 141 PHE A C   1 
ATOM   914  O O   . PHE A 1 141 ? 1.485   -4.803  7.400   1.00 14.06 ? 141 PHE A O   1 
ATOM   915  C CB  . PHE A 1 141 ? 1.367   -6.074  4.465   1.00 16.70 ? 141 PHE A CB  1 
ATOM   916  C CG  . PHE A 1 141 ? 2.405   -6.907  3.761   1.00 17.75 ? 141 PHE A CG  1 
ATOM   917  C CD1 . PHE A 1 141 ? 3.770   -6.587  3.882   1.00 18.21 ? 141 PHE A CD1 1 
ATOM   918  C CD2 . PHE A 1 141 ? 2.023   -8.097  3.123   1.00 18.55 ? 141 PHE A CD2 1 
ATOM   919  C CE1 . PHE A 1 141 ? 4.745   -7.399  3.275   1.00 19.49 ? 141 PHE A CE1 1 
ATOM   920  C CE2 . PHE A 1 141 ? 3.021   -8.941  2.535   1.00 21.66 ? 141 PHE A CE2 1 
ATOM   921  C CZ  . PHE A 1 141 ? 4.358   -8.568  2.631   1.00 21.79 ? 141 PHE A CZ  1 
ATOM   922  N N   . MET A 1 142 ? -0.631  -5.160  6.815   1.00 14.41 ? 142 MET A N   1 
ATOM   923  C CA  . MET A 1 142 ? -1.130  -4.139  7.824   1.00 15.50 ? 142 MET A CA  1 
ATOM   924  C C   . MET A 1 142 ? -0.680  -4.500  9.258   1.00 14.86 ? 142 MET A C   1 
ATOM   925  O O   . MET A 1 142 ? -0.270  -3.634  10.062  1.00 15.23 ? 142 MET A O   1 
ATOM   926  C CB  . MET A 1 142 ? -2.653  -4.036  7.776   1.00 15.24 ? 142 MET A CB  1 
ATOM   927  C CG  . MET A 1 142 ? -3.199  -3.306  6.515   1.00 18.17 ? 142 MET A CG  1 
ATOM   928  S SD  . MET A 1 142 ? -2.687  -1.562  6.518   1.00 22.98 ? 142 MET A SD  1 
ATOM   929  C CE  . MET A 1 142 ? -3.799  -0.837  7.792   1.00 21.61 ? 142 MET A CE  1 
ATOM   930  N N   . GLN A 1 143 ? -0.828  -5.797  9.650   1.00 15.29 ? 143 GLN A N   1 
ATOM   931  C CA  . GLN A 1 143 ? -0.327  -6.205  10.976  1.00 15.62 ? 143 GLN A CA  1 
ATOM   932  C C   . GLN A 1 143 ? 1.162   -5.935  11.142  1.00 13.82 ? 143 GLN A C   1 
ATOM   933  O O   . GLN A 1 143 ? 1.589   -5.444  12.160  1.00 14.20 ? 143 GLN A O   1 
ATOM   934  C CB  . GLN A 1 143 ? -0.611  -7.676  11.228  1.00 17.25 ? 143 GLN A CB  1 
ATOM   935  C CG  . GLN A 1 143 ? -2.126  -7.989  11.263  1.00 23.13 ? 143 GLN A CG  1 
ATOM   936  C CD  . GLN A 1 143 ? -2.363  -9.480  11.601  1.00 31.03 ? 143 GLN A CD  1 
ATOM   937  O OE1 . GLN A 1 143 ? -1.907  -9.951  12.626  1.00 36.59 ? 143 GLN A OE1 1 
ATOM   938  N NE2 . GLN A 1 143 ? -3.040  -10.195 10.742  1.00 30.99 ? 143 GLN A NE2 1 
ATOM   939  N N   . LYS A 1 144 ? 1.959   -6.259  10.129  1.00 13.87 ? 144 LYS A N   1 
ATOM   940  C CA  . LYS A 1 144 ? 3.406   -5.972  10.216  1.00 16.00 ? 144 LYS A CA  1 
ATOM   941  C C   . LYS A 1 144 ? 3.753   -4.479  10.360  1.00 13.59 ? 144 LYS A C   1 
ATOM   942  O O   . LYS A 1 144 ? 4.606   -4.111  11.159  1.00 14.36 ? 144 LYS A O   1 
ATOM   943  C CB  . LYS A 1 144 ? 4.104   -6.586  8.942   1.00 16.55 ? 144 LYS A CB  1 
ATOM   944  C CG  . LYS A 1 144 ? 5.626   -6.466  9.009   1.00 22.29 ? 144 LYS A CG  1 
ATOM   945  C CD  . LYS A 1 144 ? 6.314   -7.160  7.789   1.00 26.73 ? 144 LYS A CD  1 
ATOM   946  C CE  . LYS A 1 144 ? 7.823   -6.909  7.858   1.00 28.47 ? 144 LYS A CE  1 
ATOM   947  N NZ  . LYS A 1 144 ? 8.399   -7.476  6.592   1.00 32.06 ? 144 LYS A NZ  1 
ATOM   948  N N   . TRP A 1 145 ? 3.070   -3.609  9.574   1.00 13.18 ? 145 TRP A N   1 
ATOM   949  C CA  . TRP A 1 145 ? 3.331   -2.137  9.640   1.00 13.18 ? 145 TRP A CA  1 
ATOM   950  C C   . TRP A 1 145 ? 2.864   -1.515  10.933  1.00 12.37 ? 145 TRP A C   1 
ATOM   951  O O   . TRP A 1 145 ? 3.502   -0.637  11.503  1.00 12.79 ? 145 TRP A O   1 
ATOM   952  C CB  . TRP A 1 145 ? 2.671   -1.471  8.451   1.00 13.72 ? 145 TRP A CB  1 
ATOM   953  C CG  . TRP A 1 145 ? 3.219   -2.016  7.140   1.00 14.92 ? 145 TRP A CG  1 
ATOM   954  C CD1 . TRP A 1 145 ? 4.511   -2.484  6.892   1.00 17.50 ? 145 TRP A CD1 1 
ATOM   955  C CD2 . TRP A 1 145 ? 2.525   -2.141  5.887   1.00 15.30 ? 145 TRP A CD2 1 
ATOM   956  N NE1 . TRP A 1 145 ? 4.655   -2.842  5.575   1.00 16.20 ? 145 TRP A NE1 1 
ATOM   957  C CE2 . TRP A 1 145 ? 3.510   -2.677  4.919   1.00 16.67 ? 145 TRP A CE2 1 
ATOM   958  C CE3 . TRP A 1 145 ? 1.256   -1.888  5.464   1.00 15.84 ? 145 TRP A CE3 1 
ATOM   959  C CZ2 . TRP A 1 145 ? 3.173   -2.945  3.602   1.00 16.47 ? 145 TRP A CZ2 1 
ATOM   960  C CZ3 . TRP A 1 145 ? 0.930   -2.170  4.153   1.00 14.92 ? 145 TRP A CZ3 1 
ATOM   961  C CH2 . TRP A 1 145 ? 1.884   -2.659  3.227   1.00 19.36 ? 145 TRP A CH2 1 
ATOM   962  N N   . ILE A 1 146 ? 1.739   -2.012  11.426  1.00 12.54 ? 146 ILE A N   1 
ATOM   963  C CA  . ILE A 1 146 ? 1.283   -1.574  12.753  1.00 11.47 ? 146 ILE A CA  1 
ATOM   964  C C   . ILE A 1 146 ? 2.236   -2.045  13.857  1.00 13.09 ? 146 ILE A C   1 
ATOM   965  O O   . ILE A 1 146 ? 2.603   -1.262  14.746  1.00 12.39 ? 146 ILE A O   1 
ATOM   966  C CB  . ILE A 1 146 ? -0.119  -2.220  13.013  1.00 10.85 ? 146 ILE A CB  1 
ATOM   967  C CG1 . ILE A 1 146 ? -1.047  -1.398  12.170  1.00 11.48 ? 146 ILE A CG1 1 
ATOM   968  C CG2 . ILE A 1 146 ? -0.500  -2.056  14.492  1.00 11.07 ? 146 ILE A CG2 1 
ATOM   969  C CD1 . ILE A 1 146 ? -2.440  -2.017  12.014  1.00 11.48 ? 146 ILE A CD1 1 
ATOM   970  N N   . ALA A 1 147 ? 2.703   -3.268  13.781  1.00 12.62 ? 147 ALA A N   1 
ATOM   971  C CA  . ALA A 1 147 ? 3.645   -3.739  14.835  1.00 13.27 ? 147 ALA A CA  1 
ATOM   972  C C   . ALA A 1 147 ? 4.969   -2.906  14.762  1.00 15.51 ? 147 ALA A C   1 
ATOM   973  O O   . ALA A 1 147 ? 5.552   -2.531  15.782  1.00 13.77 ? 147 ALA A O   1 
ATOM   974  C CB  . ALA A 1 147 ? 3.882   -5.287  14.731  1.00 13.06 ? 147 ALA A CB  1 
ATOM   975  N N   . TYR A 1 148 ? 5.377   -2.532  13.549  1.00 14.84 ? 148 TYR A N   1 
ATOM   976  C CA  . TYR A 1 148 ? 6.608   -1.723  13.384  1.00 15.58 ? 148 TYR A CA  1 
ATOM   977  C C   . TYR A 1 148 ? 6.352   -0.330  13.942  1.00 14.84 ? 148 TYR A C   1 
ATOM   978  O O   . TYR A 1 148 ? 7.109   0.224   14.730  1.00 14.42 ? 148 TYR A O   1 
ATOM   979  C CB  . TYR A 1 148 ? 7.039   -1.723  11.900  1.00 17.57 ? 148 TYR A CB  1 
ATOM   980  C CG  . TYR A 1 148 ? 8.180   -0.781  11.685  1.00 21.33 ? 148 TYR A CG  1 
ATOM   981  C CD1 . TYR A 1 148 ? 9.425   -1.083  12.179  1.00 25.44 ? 148 TYR A CD1 1 
ATOM   982  C CD2 . TYR A 1 148 ? 7.958   0.460   11.111  1.00 25.52 ? 148 TYR A CD2 1 
ATOM   983  C CE1 . TYR A 1 148 ? 10.504  -0.188  12.054  1.00 25.04 ? 148 TYR A CE1 1 
ATOM   984  C CE2 . TYR A 1 148 ? 8.998   1.383   10.966  1.00 27.87 ? 148 TYR A CE2 1 
ATOM   985  C CZ  . TYR A 1 148 ? 10.260  1.039   11.447  1.00 28.41 ? 148 TYR A CZ  1 
ATOM   986  O OH  . TYR A 1 148 ? 11.295  1.941   11.302  1.00 35.52 ? 148 TYR A OH  1 
ATOM   987  N N   . THR A 1 149 ? 5.222   0.247   13.579  1.00 13.98 ? 149 THR A N   1 
ATOM   988  C CA  . THR A 1 149 ? 4.857   1.521   14.132  1.00 13.69 ? 149 THR A CA  1 
ATOM   989  C C   . THR A 1 149 ? 4.809   1.511   15.670  1.00 13.67 ? 149 THR A C   1 
ATOM   990  O O   . THR A 1 149 ? 5.295   2.428   16.313  1.00 13.25 ? 149 THR A O   1 
ATOM   991  C CB  . THR A 1 149 ? 3.415   1.937   13.625  1.00 12.69 ? 149 THR A CB  1 
ATOM   992  O OG1 . THR A 1 149 ? 3.450   2.033   12.185  1.00 12.69 ? 149 THR A OG1 1 
ATOM   993  C CG2 . THR A 1 149 ? 3.048   3.387   14.119  1.00 11.73 ? 149 THR A CG2 1 
ATOM   994  N N   . ALA A 1 150 ? 4.184   0.483   16.239  1.00 13.88 ? 150 ALA A N   1 
ATOM   995  C CA  . ALA A 1 150 ? 4.117   0.421   17.735  1.00 15.31 ? 150 ALA A CA  1 
ATOM   996  C C   . ALA A 1 150 ? 5.516   0.295   18.344  1.00 15.24 ? 150 ALA A C   1 
ATOM   997  O O   . ALA A 1 150 ? 5.769   0.867   19.404  1.00 15.59 ? 150 ALA A O   1 
ATOM   998  C CB  . ALA A 1 150 ? 3.249   -0.747  18.183  1.00 13.89 ? 150 ALA A CB  1 
ATOM   999  N N   . ALA A 1 151 ? 6.375   -0.490  17.693  1.00 16.62 ? 151 ALA A N   1 
ATOM   1000 C CA  . ALA A 1 151 ? 7.790   -0.665  18.164  1.00 18.23 ? 151 ALA A CA  1 
ATOM   1001 C C   . ALA A 1 151 ? 8.529   0.664   18.163  1.00 19.18 ? 151 ALA A C   1 
ATOM   1002 O O   . ALA A 1 151 ? 9.241   1.015   19.179  1.00 18.14 ? 151 ALA A O   1 
ATOM   1003 C CB  . ALA A 1 151 ? 8.550   -1.772  17.373  1.00 16.48 ? 151 ALA A CB  1 
ATOM   1004 N N   . VAL A 1 152 ? 8.311   1.481   17.121  1.00 16.84 ? 152 VAL A N   1 
ATOM   1005 C CA  . VAL A 1 152 ? 8.960   2.818   17.092  1.00 17.76 ? 152 VAL A CA  1 
ATOM   1006 C C   . VAL A 1 152 ? 8.420   3.706   18.219  1.00 18.80 ? 152 VAL A C   1 
ATOM   1007 O O   . VAL A 1 152 ? 9.173   4.337   18.958  1.00 18.31 ? 152 VAL A O   1 
ATOM   1008 C CB  . VAL A 1 152 ? 8.836   3.503   15.685  1.00 18.30 ? 152 VAL A CB  1 
ATOM   1009 C CG1 . VAL A 1 152 ? 9.492   4.895   15.681  1.00 20.07 ? 152 VAL A CG1 1 
ATOM   1010 C CG2 . VAL A 1 152 ? 9.498   2.573   14.607  1.00 19.38 ? 152 VAL A CG2 1 
ATOM   1011 N N   . ILE A 1 153 ? 7.096   3.762   18.378  1.00 16.96 ? 153 ILE A N   1 
ATOM   1012 C CA  . ILE A 1 153 ? 6.492   4.527   19.489  1.00 15.98 ? 153 ILE A CA  1 
ATOM   1013 C C   . ILE A 1 153 ? 7.029   4.110   20.880  1.00 18.06 ? 153 ILE A C   1 
ATOM   1014 O O   . ILE A 1 153 ? 7.331   4.965   21.697  1.00 19.55 ? 153 ILE A O   1 
ATOM   1015 C CB  . ILE A 1 153 ? 4.957   4.373   19.455  1.00 13.82 ? 153 ILE A CB  1 
ATOM   1016 C CG1 . ILE A 1 153 ? 4.398   5.178   18.202  1.00 13.03 ? 153 ILE A CG1 1 
ATOM   1017 C CG2 . ILE A 1 153 ? 4.318   5.017   20.669  1.00 15.10 ? 153 ILE A CG2 1 
ATOM   1018 C CD1 . ILE A 1 153 ? 2.953   4.765   17.822  1.00 13.70 ? 153 ILE A CD1 1 
ATOM   1019 N N   . ASP A 1 154 ? 7.118   2.812   21.118  1.00 20.02 ? 154 ASP A N   1 
ATOM   1020 C CA  . ASP A 1 154 ? 7.689   2.291   22.353  1.00 22.41 ? 154 ASP A CA  1 
ATOM   1021 C C   . ASP A 1 154 ? 9.143   2.662   22.529  1.00 24.71 ? 154 ASP A C   1 
ATOM   1022 O O   . ASP A 1 154 ? 9.491   3.097   23.606  1.00 27.10 ? 154 ASP A O   1 
ATOM   1023 C CB  . ASP A 1 154 ? 7.544   0.776   22.387  1.00 24.32 ? 154 ASP A CB  1 
ATOM   1024 C CG  . ASP A 1 154 ? 6.090   0.347   22.725  1.00 34.40 ? 154 ASP A CG  1 
ATOM   1025 O OD1 . ASP A 1 154 ? 5.396   1.144   23.403  1.00 41.14 ? 154 ASP A OD1 1 
ATOM   1026 O OD2 . ASP A 1 154 ? 5.630   -0.758  22.325  1.00 35.87 ? 154 ASP A OD2 1 
ATOM   1027 N N   . ALA A 1 155 ? 9.950   2.540   21.484  1.00 22.49 ? 155 ALA A N   1 
ATOM   1028 C CA  . ALA A 1 155 ? 11.358  3.031   21.576  1.00 25.37 ? 155 ALA A CA  1 
ATOM   1029 C C   . ALA A 1 155 ? 11.361  4.524   21.950  1.00 24.99 ? 155 ALA A C   1 
ATOM   1030 O O   . ALA A 1 155 ? 12.113  4.970   22.838  1.00 24.28 ? 155 ALA A O   1 
ATOM   1031 C CB  . ALA A 1 155 ? 12.089  2.813   20.235  1.00 24.75 ? 155 ALA A CB  1 
ATOM   1032 N N   . GLU A 1 156 ? 10.497  5.328   21.339  1.00 21.24 ? 156 GLU A N   1 
ATOM   1033 C CA  . GLU A 1 156 ? 10.461  6.744   21.660  1.00 22.73 ? 156 GLU A CA  1 
ATOM   1034 C C   . GLU A 1 156 ? 10.025  6.994   23.102  1.00 23.03 ? 156 GLU A C   1 
ATOM   1035 O O   . GLU A 1 156 ? 10.474  7.964   23.779  1.00 26.68 ? 156 GLU A O   1 
ATOM   1036 C CB  . GLU A 1 156 ? 9.508   7.506   20.707  1.00 23.96 ? 156 GLU A CB  1 
ATOM   1037 C CG  . GLU A 1 156 ? 10.008  7.641   19.272  1.00 24.54 ? 156 GLU A CG  1 
ATOM   1038 C CD  . GLU A 1 156 ? 11.140  8.614   19.176  1.00 29.40 ? 156 GLU A CD  1 
ATOM   1039 O OE1 . GLU A 1 156 ? 10.845  9.742   18.752  1.00 25.59 ? 156 GLU A OE1 1 
ATOM   1040 O OE2 . GLU A 1 156 ? 12.277  8.287   19.617  1.00 28.16 ? 156 GLU A OE2 1 
ATOM   1041 N N   . ARG A 1 157 ? 9.104   6.172   23.563  1.00 21.84 ? 157 ARG A N   1 
ATOM   1042 C CA  . ARG A 1 157 ? 8.654   6.278   24.948  1.00 24.26 ? 157 ARG A CA  1 
ATOM   1043 C C   . ARG A 1 157 ? 9.796   5.859   25.923  1.00 25.16 ? 157 ARG A C   1 
ATOM   1044 O O   . ARG A 1 157 ? 10.034  6.546   26.926  1.00 25.77 ? 157 ARG A O   1 
ATOM   1045 C CB  . ARG A 1 157 ? 7.471   5.369   25.149  1.00 21.89 ? 157 ARG A CB  1 
ATOM   1046 C CG  . ARG A 1 157 ? 6.211   6.015   24.481  1.00 19.90 ? 157 ARG A CG  1 
ATOM   1047 C CD  . ARG A 1 157 ? 5.027   5.067   24.674  1.00 16.98 ? 157 ARG A CD  1 
ATOM   1048 N NE  . ARG A 1 157 ? 3.878   5.754   24.061  1.00 17.76 ? 157 ARG A NE  1 
ATOM   1049 C CZ  . ARG A 1 157 ? 2.619   5.300   24.165  1.00 16.41 ? 157 ARG A CZ  1 
ATOM   1050 N NH1 . ARG A 1 157 ? 2.391   4.158   24.797  1.00 16.63 ? 157 ARG A NH1 1 
ATOM   1051 N NH2 . ARG A 1 157 ? 1.607   5.967   23.631  1.00 16.68 ? 157 ARG A NH2 1 
ATOM   1052 N N   . ASP A 1 158 ? 10.467  4.766   25.618  1.00 25.77 ? 158 ASP A N   1 
ATOM   1053 C CA  . ASP A 1 158 ? 11.609  4.276   26.452  1.00 30.22 ? 158 ASP A CA  1 
ATOM   1054 C C   . ASP A 1 158 ? 12.701  5.344   26.552  1.00 35.59 ? 158 ASP A C   1 
ATOM   1055 O O   . ASP A 1 158 ? 13.260  5.533   27.624  1.00 39.24 ? 158 ASP A O   1 
ATOM   1056 C CB  . ASP A 1 158 ? 12.256  3.067   25.809  1.00 30.72 ? 158 ASP A CB  1 
ATOM   1057 C CG  . ASP A 1 158 ? 11.420  1.825   25.947  1.00 43.31 ? 158 ASP A CG  1 
ATOM   1058 O OD1 . ASP A 1 158 ? 10.375  1.891   26.616  1.00 46.38 ? 158 ASP A OD1 1 
ATOM   1059 O OD2 . ASP A 1 158 ? 11.790  0.782   25.368  1.00 49.54 ? 158 ASP A OD2 1 
ATOM   1060 N N   . ARG A 1 159 ? 12.994  6.052   25.449  1.00 31.82 ? 159 ARG A N   1 
ATOM   1061 C CA  . ARG A 1 159 ? 14.012  7.104   25.521  1.00 37.31 ? 159 ARG A CA  1 
ATOM   1062 C C   . ARG A 1 159 ? 13.526  8.416   26.096  1.00 34.06 ? 159 ARG A C   1 
ATOM   1063 O O   . ARG A 1 159 ? 14.260  9.353   26.189  1.00 35.75 ? 159 ARG A O   1 
ATOM   1064 C CB  . ARG A 1 159 ? 14.768  7.246   24.182  1.00 38.18 ? 159 ARG A CB  1 
ATOM   1065 C CG  . ARG A 1 159 ? 14.108  8.021   23.080  1.00 40.14 ? 159 ARG A CG  1 
ATOM   1066 C CD  . ARG A 1 159 ? 15.006  7.969   21.842  1.00 44.05 ? 159 ARG A CD  1 
ATOM   1067 N NE  . ARG A 1 159 ? 14.851  6.693   21.141  1.00 57.73 ? 159 ARG A NE  1 
ATOM   1068 C CZ  . ARG A 1 159 ? 15.718  5.669   21.161  1.00 66.93 ? 159 ARG A CZ  1 
ATOM   1069 N NH1 . ARG A 1 159 ? 16.878  5.744   21.832  1.00 72.55 ? 159 ARG A NH1 1 
ATOM   1070 N NH2 . ARG A 1 159 ? 15.431  4.556   20.473  1.00 64.59 ? 159 ARG A NH2 1 
ATOM   1071 N N   . GLY A 1 160 ? 12.269  8.468   26.512  1.00 31.55 ? 160 GLY A N   1 
ATOM   1072 C CA  . GLY A 1 160 ? 11.714  9.667   27.130  1.00 27.17 ? 160 GLY A CA  1 
ATOM   1073 C C   . GLY A 1 160 ? 11.355  10.755  26.155  1.00 28.81 ? 160 GLY A C   1 
ATOM   1074 O O   . GLY A 1 160 ? 11.099  11.873  26.562  1.00 27.84 ? 160 GLY A O   1 
ATOM   1075 N N   . ALA A 1 161 ? 11.345  10.467  24.846  1.00 26.91 ? 161 ALA A N   1 
ATOM   1076 C CA  . ALA A 1 161 ? 10.958  11.484  23.860  1.00 26.23 ? 161 ALA A CA  1 
ATOM   1077 C C   . ALA A 1 161 ? 9.439   11.547  23.629  1.00 25.21 ? 161 ALA A C   1 
ATOM   1078 O O   . ALA A 1 161 ? 8.939   12.563  23.246  1.00 26.92 ? 161 ALA A O   1 
ATOM   1079 C CB  . ALA A 1 161 ? 11.706  11.227  22.527  1.00 28.21 ? 161 ALA A CB  1 
ATOM   1080 N N   . ALA A 1 162 ? 8.694   10.494  23.951  1.00 22.19 ? 162 ALA A N   1 
ATOM   1081 C CA  . ALA A 1 162 ? 7.202   10.511  23.777  1.00 22.05 ? 162 ALA A CA  1 
ATOM   1082 C C   . ALA A 1 162 ? 6.526   10.104  25.122  1.00 21.18 ? 162 ALA A C   1 
ATOM   1083 O O   . ALA A 1 162 ? 7.052   9.248   25.804  1.00 21.99 ? 162 ALA A O   1 
ATOM   1084 C CB  . ALA A 1 162 ? 6.837   9.462   22.692  1.00 20.41 ? 162 ALA A CB  1 
ATOM   1085 N N   . PRO A 1 163 ? 5.362   10.689  25.475  1.00 21.74 ? 163 PRO A N   1 
ATOM   1086 C CA  . PRO A 1 163 ? 4.645   10.419  26.750  1.00 21.94 ? 163 PRO A CA  1 
ATOM   1087 C C   . PRO A 1 163 ? 3.899   9.074   26.715  1.00 24.42 ? 163 PRO A C   1 
ATOM   1088 O O   . PRO A 1 163 ? 3.538   8.579   25.610  1.00 21.30 ? 163 PRO A O   1 
ATOM   1089 C CB  . PRO A 1 163 ? 3.698   11.599  26.852  1.00 22.35 ? 163 PRO A CB  1 
ATOM   1090 C CG  . PRO A 1 163 ? 3.333   11.843  25.388  1.00 21.89 ? 163 PRO A CG  1 
ATOM   1091 C CD  . PRO A 1 163 ? 4.668   11.734  24.692  1.00 22.32 ? 163 PRO A CD  1 
ATOM   1092 N N   . ARG A 1 164 ? 3.785   8.409   27.861  1.00 22.36 ? 164 ARG A N   1 
ATOM   1093 C CA  . ARG A 1 164 ? 3.022   7.166   27.960  1.00 25.51 ? 164 ARG A CA  1 
ATOM   1094 C C   . ARG A 1 164 ? 1.519   7.485   28.000  1.00 25.31 ? 164 ARG A C   1 
ATOM   1095 O O   . ARG A 1 164 ? 0.985   7.698   29.093  1.00 26.72 ? 164 ARG A O   1 
ATOM   1096 C CB  . ARG A 1 164 ? 3.488   6.326   29.194  1.00 28.36 ? 164 ARG A CB  1 
ATOM   1097 C CG  . ARG A 1 164 ? 4.988   6.007   29.134  1.00 39.60 ? 164 ARG A CG  1 
ATOM   1098 C CD  . ARG A 1 164 ? 5.545   4.829   29.981  1.00 43.93 ? 164 ARG A CD  1 
ATOM   1099 N NE  . ARG A 1 164 ? 6.996   4.636   29.713  1.00 44.77 ? 164 ARG A NE  1 
ATOM   1100 C CZ  . ARG A 1 164 ? 7.548   3.866   28.747  1.00 47.86 ? 164 ARG A CZ  1 
ATOM   1101 N NH1 . ARG A 1 164 ? 6.822   3.115   27.902  1.00 41.49 ? 164 ARG A NH1 1 
ATOM   1102 N NH2 . ARG A 1 164 ? 8.869   3.840   28.615  1.00 44.67 ? 164 ARG A NH2 1 
ATOM   1103 N N   . THR A 1 165 ? 0.837   7.606   26.852  1.00 21.05 ? 165 THR A N   1 
ATOM   1104 C CA  . THR A 1 165 ? -0.568  8.029   26.814  1.00 19.35 ? 165 THR A CA  1 
ATOM   1105 C C   . THR A 1 165 ? -1.407  6.737   26.494  1.00 23.69 ? 165 THR A C   1 
ATOM   1106 O O   . THR A 1 165 ? -1.511  5.840   27.311  1.00 23.13 ? 165 THR A O   1 
ATOM   1107 C CB  . THR A 1 165 ? -0.786  9.180   25.775  1.00 19.91 ? 165 THR A CB  1 
ATOM   1108 O OG1 . THR A 1 165 ? -0.224  8.800   24.502  1.00 18.51 ? 165 THR A OG1 1 
ATOM   1109 C CG2 . THR A 1 165 ? -0.068  10.520  26.236  1.00 18.38 ? 165 THR A CG2 1 
ATOM   1110 N N   . LEU A 1 166 ? -1.932  6.589   25.279  1.00 19.89 ? 166 LEU A N   1 
ATOM   1111 C CA  . LEU A 1 166 ? -2.574  5.339   24.862  1.00 19.38 ? 166 LEU A CA  1 
ATOM   1112 C C   . LEU A 1 166 ? -1.603  4.148   24.768  1.00 19.82 ? 166 LEU A C   1 
ATOM   1113 O O   . LEU A 1 166 ? -0.413  4.327   24.438  1.00 21.15 ? 166 LEU A O   1 
ATOM   1114 C CB  . LEU A 1 166 ? -3.092  5.569   23.419  1.00 18.31 ? 166 LEU A CB  1 
ATOM   1115 C CG  . LEU A 1 166 ? -4.187  6.597   23.137  1.00 21.24 ? 166 LEU A CG  1 
ATOM   1116 C CD1 . LEU A 1 166 ? -4.546  6.463   21.655  1.00 19.31 ? 166 LEU A CD1 1 
ATOM   1117 C CD2 . LEU A 1 166 ? -5.426  6.304   24.053  1.00 19.45 ? 166 LEU A CD2 1 
ATOM   1118 N N   . PRO A 1 167 ? -2.110  2.917   24.934  1.00 20.10 ? 167 PRO A N   1 
ATOM   1119 C CA  . PRO A 1 167 ? -1.378  1.719   24.487  1.00 18.67 ? 167 PRO A CA  1 
ATOM   1120 C C   . PRO A 1 167 ? -0.825  1.913   23.048  1.00 18.80 ? 167 PRO A C   1 
ATOM   1121 O O   . PRO A 1 167 ? -1.590  2.275   22.089  1.00 17.07 ? 167 PRO A O   1 
ATOM   1122 C CB  . PRO A 1 167 ? -2.482  0.624   24.471  1.00 18.57 ? 167 PRO A CB  1 
ATOM   1123 C CG  . PRO A 1 167 ? -3.461  1.110   25.547  1.00 21.16 ? 167 PRO A CG  1 
ATOM   1124 C CD  . PRO A 1 167 ? -3.510  2.589   25.309  1.00 20.38 ? 167 PRO A CD  1 
ATOM   1125 N N   . ALA A 1 168 ? 0.492   1.679   22.902  1.00 16.20 ? 168 ALA A N   1 
ATOM   1126 C CA  . ALA A 1 168 ? 1.151   2.025   21.656  1.00 16.72 ? 168 ALA A CA  1 
ATOM   1127 C C   . ALA A 1 168 ? 0.507   1.274   20.505  1.00 15.72 ? 168 ALA A C   1 
ATOM   1128 O O   . ALA A 1 168 ? 0.430   1.796   19.359  1.00 15.29 ? 168 ALA A O   1 
ATOM   1129 C CB  . ALA A 1 168 ? 2.665   1.684   21.744  1.00 16.64 ? 168 ALA A CB  1 
ATOM   1130 N N   . HIS A 1 169 ? 0.146   0.018   20.743  1.00 13.74 ? 169 HIS A N   1 
ATOM   1131 C CA  . HIS A 1 169 ? -0.323  -0.793  19.618  1.00 15.08 ? 169 HIS A CA  1 
ATOM   1132 C C   . HIS A 1 169 ? -1.700  -0.357  19.127  1.00 15.12 ? 169 HIS A C   1 
ATOM   1133 O O   . HIS A 1 169 ? -1.988  -0.378  17.914  1.00 13.03 ? 169 HIS A O   1 
ATOM   1134 C CB  . HIS A 1 169 ? -0.327  -2.250  20.022  1.00 17.66 ? 169 HIS A CB  1 
ATOM   1135 C CG  . HIS A 1 169 ? -0.484  -3.220  18.841  1.00 16.50 ? 169 HIS A CG  1 
ATOM   1136 N ND1 . HIS A 1 169 ? -1.686  -3.628  18.404  1.00 16.36 ? 169 HIS A ND1 1 
ATOM   1137 C CD2 . HIS A 1 169 ? 0.471   -3.774  17.984  1.00 14.95 ? 169 HIS A CD2 1 
ATOM   1138 C CE1 . HIS A 1 169 ? -1.541  -4.439  17.271  1.00 16.60 ? 169 HIS A CE1 1 
ATOM   1139 N NE2 . HIS A 1 169 ? -0.219  -4.579  17.063  1.00 17.33 ? 169 HIS A NE2 1 
ATOM   1140 N N   . GLU A 1 170 ? -2.537  0.087   20.068  1.00 13.78 ? 170 GLU A N   1 
ATOM   1141 C CA  . GLU A 1 170 ? -3.865  0.616   19.679  1.00 15.48 ? 170 GLU A CA  1 
ATOM   1142 C C   . GLU A 1 170 ? -3.708  1.986   18.916  1.00 13.48 ? 170 GLU A C   1 
ATOM   1143 O O   . GLU A 1 170 ? -4.405  2.220   17.925  1.00 12.29 ? 170 GLU A O   1 
ATOM   1144 C CB  . GLU A 1 170 ? -4.742  0.780   20.930  1.00 16.73 ? 170 GLU A CB  1 
ATOM   1145 C CG  . GLU A 1 170 ? -5.061  -0.655  21.524  1.00 20.59 ? 170 GLU A CG  1 
ATOM   1146 C CD  . GLU A 1 170 ? -5.724  -0.647  22.942  1.00 25.91 ? 170 GLU A CD  1 
ATOM   1147 O OE1 . GLU A 1 170 ? -6.155  0.463   23.366  1.00 22.66 ? 170 GLU A OE1 1 
ATOM   1148 O OE2 . GLU A 1 170 ? -5.735  -1.742  23.642  1.00 28.17 ? 170 GLU A OE2 1 
ATOM   1149 N N   . LEU A 1 171 ? -2.845  2.850   19.429  1.00 12.51 ? 171 LEU A N   1 
ATOM   1150 C CA  . LEU A 1 171 ? -2.572  4.118   18.759  1.00 12.25 ? 171 LEU A CA  1 
ATOM   1151 C C   . LEU A 1 171 ? -2.060  3.797   17.325  1.00 11.17 ? 171 LEU A C   1 
ATOM   1152 O O   . LEU A 1 171 ? -2.540  4.381   16.276  1.00 10.88 ? 171 LEU A O   1 
ATOM   1153 C CB  . LEU A 1 171 ? -1.484  4.933   19.523  1.00 11.46 ? 171 LEU A CB  1 
ATOM   1154 C CG  . LEU A 1 171 ? -0.985  6.235   18.819  1.00 13.81 ? 171 LEU A CG  1 
ATOM   1155 C CD1 . LEU A 1 171 ? -2.169  7.179   18.499  1.00 13.08 ? 171 LEU A CD1 1 
ATOM   1156 C CD2 . LEU A 1 171 ? -0.024  6.944   19.836  1.00 13.97 ? 171 LEU A CD2 1 
ATOM   1157 N N   . ALA A 1 172 ? -1.094  2.900   17.268  1.00 11.68 ? 172 ALA A N   1 
ATOM   1158 C CA  . ALA A 1 172 ? -0.547  2.514   15.910  1.00 12.07 ? 172 ALA A CA  1 
ATOM   1159 C C   . ALA A 1 172 ? -1.617  1.989   14.980  1.00 12.07 ? 172 ALA A C   1 
ATOM   1160 O O   . ALA A 1 172 ? -1.626  2.285   13.769  1.00 11.97 ? 172 ALA A O   1 
ATOM   1161 C CB  . ALA A 1 172 ? 0.545   1.468   16.052  1.00 11.28 ? 172 ALA A CB  1 
ATOM   1162 N N   . THR A 1 173 ? -2.504  1.146   15.494  1.00 11.79 ? 173 THR A N   1 
ATOM   1163 C CA  . THR A 1 173 ? -3.518  0.567   14.660  1.00 11.67 ? 173 THR A CA  1 
ATOM   1164 C C   . THR A 1 173 ? -4.431  1.709   14.058  1.00 12.52 ? 173 THR A C   1 
ATOM   1165 O O   . THR A 1 173 ? -4.655  1.712   12.840  1.00 12.16 ? 173 THR A O   1 
ATOM   1166 C CB  . THR A 1 173 ? -4.452  -0.448  15.468  1.00 14.37 ? 173 THR A CB  1 
ATOM   1167 O OG1 . THR A 1 173 ? -3.646  -1.516  15.944  1.00 13.42 ? 173 THR A OG1 1 
ATOM   1168 C CG2 . THR A 1 173 ? -5.575  -1.117  14.535  1.00 13.46 ? 173 THR A CG2 1 
ATOM   1169 N N   . ALA A 1 174 ? -4.917  2.647   14.891  1.00 11.40 ? 174 ALA A N   1 
ATOM   1170 C CA  . ALA A 1 174 ? -5.789  3.720   14.405  1.00 11.60 ? 174 ALA A CA  1 
ATOM   1171 C C   . ALA A 1 174 ? -5.052  4.600   13.352  1.00 11.10 ? 174 ALA A C   1 
ATOM   1172 O O   . ALA A 1 174 ? -5.625  5.035   12.357  1.00 10.92 ? 174 ALA A O   1 
ATOM   1173 C CB  . ALA A 1 174 ? -6.296  4.639   15.563  1.00 9.34  ? 174 ALA A CB  1 
ATOM   1174 N N   . LEU A 1 175 ? -3.792  4.894   13.591  1.00 10.55 ? 175 LEU A N   1 
ATOM   1175 C CA  . LEU A 1 175 ? -3.065  5.812   12.679  1.00 10.29 ? 175 LEU A CA  1 
ATOM   1176 C C   . LEU A 1 175 ? -2.820  5.101   11.364  1.00 11.11 ? 175 LEU A C   1 
ATOM   1177 O O   . LEU A 1 175 ? -2.861  5.764   10.346  1.00 11.38 ? 175 LEU A O   1 
ATOM   1178 C CB  . LEU A 1 175 ? -1.656  6.196   13.294  1.00 10.17 ? 175 LEU A CB  1 
ATOM   1179 C CG  . LEU A 1 175 ? -1.837  7.169   14.518  1.00 11.09 ? 175 LEU A CG  1 
ATOM   1180 C CD1 . LEU A 1 175 ? -0.388  7.386   15.099  1.00 11.05 ? 175 LEU A CD1 1 
ATOM   1181 C CD2 . LEU A 1 175 ? -2.419  8.529   14.200  1.00 10.85 ? 175 LEU A CD2 1 
ATOM   1182 N N   . ASN A 1 176 ? -2.478  3.812   11.388  1.00 11.95 ? 176 ASN A N   1 
ATOM   1183 C CA  . ASN A 1 176 ? -2.294  3.053   10.104  1.00 11.39 ? 176 ASN A CA  1 
ATOM   1184 C C   . ASN A 1 176 ? -3.595  2.882   9.386   1.00 12.22 ? 176 ASN A C   1 
ATOM   1185 O O   . ASN A 1 176 ? -3.652  2.963   8.180   1.00 10.18 ? 176 ASN A O   1 
ATOM   1186 C CB  . ASN A 1 176 ? -1.695  1.669   10.439  1.00 11.84 ? 176 ASN A CB  1 
ATOM   1187 C CG  . ASN A 1 176 ? -0.172  1.703   10.548  1.00 15.12 ? 176 ASN A CG  1 
ATOM   1188 O OD1 . ASN A 1 176 ? 0.513   1.294   9.561   1.00 19.80 ? 176 ASN A OD1 1 
ATOM   1189 N ND2 . ASN A 1 176 ? 0.393   2.116   11.690  1.00 13.64 ? 176 ASN A ND2 1 
ATOM   1190 N N   . LEU A 1 177 ? -4.702  2.700   10.125  1.00 10.74 ? 177 LEU A N   1 
ATOM   1191 C CA  . LEU A 1 177 ? -6.001  2.624   9.401   1.00 11.39 ? 177 LEU A CA  1 
ATOM   1192 C C   . LEU A 1 177 ? -6.389  4.019   8.805   1.00 11.64 ? 177 LEU A C   1 
ATOM   1193 O O   . LEU A 1 177 ? -7.007  4.128   7.725   1.00 13.38 ? 177 LEU A O   1 
ATOM   1194 C CB  . LEU A 1 177 ? -7.084  2.159   10.365  1.00 11.41 ? 177 LEU A CB  1 
ATOM   1195 C CG  . LEU A 1 177 ? -6.989  0.608   10.644  1.00 11.65 ? 177 LEU A CG  1 
ATOM   1196 C CD1 . LEU A 1 177 ? -8.040  0.295   11.732  1.00 12.49 ? 177 LEU A CD1 1 
ATOM   1197 C CD2 . LEU A 1 177 ? -7.323  -0.218  9.413   1.00 13.90 ? 177 LEU A CD2 1 
ATOM   1198 N N   . MET A 1 178 ? -6.113  5.087   9.552   1.00 11.12 ? 178 MET A N   1 
ATOM   1199 C CA  . MET A 1 178 ? -6.358  6.418   9.013   1.00 12.19 ? 178 MET A CA  1 
ATOM   1200 C C   . MET A 1 178 ? -5.564  6.578   7.721   1.00 12.86 ? 178 MET A C   1 
ATOM   1201 O O   . MET A 1 178 ? -6.111  7.067   6.738   1.00 12.72 ? 178 MET A O   1 
ATOM   1202 C CB  . MET A 1 178 ? -5.830  7.482   9.980   1.00 11.85 ? 178 MET A CB  1 
ATOM   1203 C CG  . MET A 1 178 ? -5.880  8.921   9.348   1.00 12.01 ? 178 MET A CG  1 
ATOM   1204 S SD  . MET A 1 178 ? -5.375  10.260  10.455  1.00 15.49 ? 178 MET A SD  1 
ATOM   1205 C CE  . MET A 1 178 ? -3.626  9.839   10.770  1.00 13.27 ? 178 MET A CE  1 
ATOM   1206 N N   . ASN A 1 179 ? -4.272  6.183   7.723   1.00 11.58 ? 179 ASN A N   1 
ATOM   1207 C CA  . ASN A 1 179 ? -3.504  6.372   6.498   1.00 13.06 ? 179 ASN A CA  1 
ATOM   1208 C C   . ASN A 1 179 ? -4.065  5.570   5.352   1.00 13.07 ? 179 ASN A C   1 
ATOM   1209 O O   . ASN A 1 179 ? -4.192  6.091   4.228   1.00 13.37 ? 179 ASN A O   1 
ATOM   1210 C CB  . ASN A 1 179 ? -2.011  6.029   6.626   1.00 12.91 ? 179 ASN A CB  1 
ATOM   1211 C CG  . ASN A 1 179 ? -1.269  7.050   7.443   1.00 15.03 ? 179 ASN A CG  1 
ATOM   1212 O OD1 . ASN A 1 179 ? -1.893  7.936   8.079   1.00 12.05 ? 179 ASN A OD1 1 
ATOM   1213 N ND2 . ASN A 1 179 ? 0.066   6.987   7.423   1.00 13.44 ? 179 ASN A ND2 1 
ATOM   1214 N N   . GLU A 1 180 ? -4.398  4.313   5.616   1.00 13.16 ? 180 GLU A N   1 
ATOM   1215 C CA  . GLU A 1 180 ? -4.983  3.421   4.528   1.00 14.06 ? 180 GLU A CA  1 
ATOM   1216 C C   . GLU A 1 180 ? -6.174  4.153   3.914   1.00 13.99 ? 180 GLU A C   1 
ATOM   1217 O O   . GLU A 1 180 ? -6.296  4.292   2.661   1.00 13.43 ? 180 GLU A O   1 
ATOM   1218 C CB  . GLU A 1 180 ? -5.492  2.111   5.153   1.00 15.48 ? 180 GLU A CB  1 
ATOM   1219 C CG  . GLU A 1 180 ? -6.153  1.157   4.145   1.00 18.30 ? 180 GLU A CG  1 
ATOM   1220 C CD  . GLU A 1 180 ? -6.882  0.007   4.819   1.00 20.41 ? 180 GLU A CD  1 
ATOM   1221 O OE1 . GLU A 1 180 ? -6.289  -0.794  5.545   1.00 20.40 ? 180 GLU A OE1 1 
ATOM   1222 O OE2 . GLU A 1 180 ? -8.088  -0.154  4.607   1.00 25.82 ? 180 GLU A OE2 1 
ATOM   1223 N N   . ARG A 1 181 ? -7.089  4.618   4.777   1.00 11.70 ? 181 ARG A N   1 
ATOM   1224 C CA  . ARG A 1 181 ? -8.356  5.167   4.258   1.00 12.09 ? 181 ARG A CA  1 
ATOM   1225 C C   . ARG A 1 181 ? -8.156  6.532   3.585   1.00 12.01 ? 181 ARG A C   1 
ATOM   1226 O O   . ARG A 1 181 ? -8.805  6.851   2.548   1.00 11.28 ? 181 ARG A O   1 
ATOM   1227 C CB  . ARG A 1 181 ? -9.383  5.365   5.439   1.00 11.87 ? 181 ARG A CB  1 
ATOM   1228 C CG  . ARG A 1 181 ? -10.741 5.906   4.966   1.00 13.40 ? 181 ARG A CG  1 
ATOM   1229 C CD  . ARG A 1 181 ? -11.494 4.820   4.227   1.00 17.33 ? 181 ARG A CD  1 
ATOM   1230 N NE  . ARG A 1 181 ? -12.747 5.323   3.650   1.00 18.03 ? 181 ARG A NE  1 
ATOM   1231 C CZ  . ARG A 1 181 ? -12.889 5.841   2.431   1.00 22.62 ? 181 ARG A CZ  1 
ATOM   1232 N NH1 . ARG A 1 181 ? -11.845 6.005   1.603   1.00 20.82 ? 181 ARG A NH1 1 
ATOM   1233 N NH2 . ARG A 1 181 ? -14.092 6.232   2.025   1.00 23.14 ? 181 ARG A NH2 1 
ATOM   1234 N N   . THR A 1 182 ? -7.287  7.366   4.162   1.00 11.88 ? 182 THR A N   1 
ATOM   1235 C CA  . THR A 1 182 ? -7.175  8.750   3.726   1.00 11.16 ? 182 THR A CA  1 
ATOM   1236 C C   . THR A 1 182 ? -6.328  8.746   2.443   1.00 12.18 ? 182 THR A C   1 
ATOM   1237 O O   . THR A 1 182 ? -6.619  9.476   1.508   1.00 10.21 ? 182 THR A O   1 
ATOM   1238 C CB  . THR A 1 182 ? -6.543  9.600   4.847   1.00 14.26 ? 182 THR A CB  1 
ATOM   1239 O OG1 . THR A 1 182 ? -7.385  9.490   6.044   1.00 14.35 ? 182 THR A OG1 1 
ATOM   1240 C CG2 . THR A 1 182 ? -6.451  11.073  4.445   1.00 14.74 ? 182 THR A CG2 1 
ATOM   1241 N N   . LEU A 1 183 ? -5.227  7.967   2.425   1.00 10.50 ? 183 LEU A N   1 
ATOM   1242 C CA  . LEU A 1 183 ? -4.448  7.957   1.176   1.00 12.92 ? 183 LEU A CA  1 
ATOM   1243 C C   . LEU A 1 183 ? -5.310  7.446   0.009   1.00 14.09 ? 183 LEU A C   1 
ATOM   1244 O O   . LEU A 1 183 ? -5.275  7.997   -1.131  1.00 14.28 ? 183 LEU A O   1 
ATOM   1245 C CB  . LEU A 1 183 ? -3.219  7.048   1.288   1.00 11.83 ? 183 LEU A CB  1 
ATOM   1246 C CG  . LEU A 1 183 ? -2.097  7.689   2.176   1.00 13.01 ? 183 LEU A CG  1 
ATOM   1247 C CD1 . LEU A 1 183 ? -1.016  6.561   2.409   1.00 14.46 ? 183 LEU A CD1 1 
ATOM   1248 C CD2 . LEU A 1 183 ? -1.496  8.943   1.499   1.00 14.48 ? 183 LEU A CD2 1 
ATOM   1249 N N   . PHE A 1 184 ? -6.027  6.391   0.291   1.00 15.64 ? 184 PHE A N   1 
ATOM   1250 C CA  . PHE A 1 184 ? -6.870  5.745   -0.717  1.00 16.98 ? 184 PHE A CA  1 
ATOM   1251 C C   . PHE A 1 184 ? -7.927  6.742   -1.249  1.00 16.33 ? 184 PHE A C   1 
ATOM   1252 O O   . PHE A 1 184 ? -8.063  6.922   -2.506  1.00 15.84 ? 184 PHE A O   1 
ATOM   1253 C CB  . PHE A 1 184 ? -7.633  4.522   -0.137  1.00 19.44 ? 184 PHE A CB  1 
ATOM   1254 C CG  . PHE A 1 184 ? -8.496  3.866   -1.177  1.00 24.74 ? 184 PHE A CG  1 
ATOM   1255 C CD1 . PHE A 1 184 ? -7.912  2.870   -2.009  1.00 29.80 ? 184 PHE A CD1 1 
ATOM   1256 C CD2 . PHE A 1 184 ? -9.830  4.296   -1.438  1.00 26.46 ? 184 PHE A CD2 1 
ATOM   1257 C CE1 . PHE A 1 184 ? -8.655  2.267   -3.042  1.00 29.70 ? 184 PHE A CE1 1 
ATOM   1258 C CE2 . PHE A 1 184 ? -10.558 3.712   -2.491  1.00 31.77 ? 184 PHE A CE2 1 
ATOM   1259 C CZ  . PHE A 1 184 ? -9.958  2.697   -3.286  1.00 26.08 ? 184 PHE A CZ  1 
ATOM   1260 N N   . ALA A 1 185 ? -8.611  7.453   -0.338  1.00 15.47 ? 185 ALA A N   1 
ATOM   1261 C CA  . ALA A 1 185 ? -9.589  8.495   -0.756  1.00 16.20 ? 185 ALA A CA  1 
ATOM   1262 C C   . ALA A 1 185 ? -8.892  9.562   -1.663  1.00 14.55 ? 185 ALA A C   1 
ATOM   1263 O O   . ALA A 1 185 ? -9.456  9.994   -2.700  1.00 15.85 ? 185 ALA A O   1 
ATOM   1264 C CB  . ALA A 1 185 ? -10.265 9.197   0.454   1.00 15.88 ? 185 ALA A CB  1 
ATOM   1265 N N   . SER A 1 186 ? -7.685  9.989   -1.288  1.00 14.27 ? 186 SER A N   1 
ATOM   1266 C CA  . SER A 1 186 ? -6.956  10.975  -2.054  1.00 16.68 ? 186 SER A CA  1 
ATOM   1267 C C   . SER A 1 186 ? -6.637  10.461  -3.436  1.00 17.83 ? 186 SER A C   1 
ATOM   1268 O O   . SER A 1 186 ? -6.778  11.235  -4.440  1.00 18.97 ? 186 SER A O   1 
ATOM   1269 C CB  . SER A 1 186 ? -5.610  11.416  -1.375  1.00 16.75 ? 186 SER A CB  1 
ATOM   1270 O OG  . SER A 1 186 ? -5.975  12.174  -0.244  1.00 25.76 ? 186 SER A OG  1 
ATOM   1271 N N   . PHE A 1 187 ? -6.088  9.235   -3.492  1.00 16.05 ? 187 PHE A N   1 
ATOM   1272 C CA  . PHE A 1 187 ? -5.658  8.726   -4.771  1.00 17.57 ? 187 PHE A CA  1 
ATOM   1273 C C   . PHE A 1 187 ? -6.884  8.459   -5.668  1.00 22.41 ? 187 PHE A C   1 
ATOM   1274 O O   . PHE A 1 187 ? -6.782  8.626   -6.865  1.00 24.78 ? 187 PHE A O   1 
ATOM   1275 C CB  . PHE A 1 187 ? -4.939  7.376   -4.646  1.00 17.21 ? 187 PHE A CB  1 
ATOM   1276 C CG  . PHE A 1 187 ? -3.648  7.440   -3.886  1.00 18.03 ? 187 PHE A CG  1 
ATOM   1277 C CD1 . PHE A 1 187 ? -2.877  8.596   -3.839  1.00 19.48 ? 187 PHE A CD1 1 
ATOM   1278 C CD2 . PHE A 1 187 ? -3.227  6.300   -3.214  1.00 21.06 ? 187 PHE A CD2 1 
ATOM   1279 C CE1 . PHE A 1 187 ? -1.661  8.596   -3.076  1.00 20.70 ? 187 PHE A CE1 1 
ATOM   1280 C CE2 . PHE A 1 187 ? -2.015  6.272   -2.530  1.00 22.96 ? 187 PHE A CE2 1 
ATOM   1281 C CZ  . PHE A 1 187 ? -1.268  7.439   -2.435  1.00 19.76 ? 187 PHE A CZ  1 
ATOM   1282 N N   . ALA A 1 188 ? -7.998  8.009   -5.114  1.00 21.91 ? 188 ALA A N   1 
ATOM   1283 C CA  . ALA A 1 188 ? -9.213  7.804   -5.936  1.00 25.41 ? 188 ALA A CA  1 
ATOM   1284 C C   . ALA A 1 188 ? -10.006 9.062   -6.253  1.00 30.37 ? 188 ALA A C   1 
ATOM   1285 O O   . ALA A 1 188 ? -11.062 8.968   -6.938  1.00 29.67 ? 188 ALA A O   1 
ATOM   1286 C CB  . ALA A 1 188 ? -10.099 6.753   -5.264  1.00 27.72 ? 188 ALA A CB  1 
ATOM   1287 N N   . GLY A 1 189 ? -9.558  10.220  -5.767  1.00 27.47 ? 189 GLY A N   1 
ATOM   1288 C CA  . GLY A 1 189 ? -10.349 11.456  -5.879  1.00 28.05 ? 189 GLY A CA  1 
ATOM   1289 C C   . GLY A 1 189 ? -11.780 11.351  -5.319  1.00 30.99 ? 189 GLY A C   1 
ATOM   1290 O O   . GLY A 1 189 ? -12.744 11.965  -5.876  1.00 27.04 ? 189 GLY A O   1 
ATOM   1291 N N   . GLU A 1 190 ? -11.923 10.660  -4.186  1.00 20.94 ? 190 GLU A N   1 
ATOM   1292 C CA  . GLU A 1 190 ? -13.236 10.520  -3.542  1.00 22.13 ? 190 GLU A CA  1 
ATOM   1293 C C   . GLU A 1 190 ? -13.781 11.830  -2.982  1.00 19.86 ? 190 GLU A C   1 
ATOM   1294 O O   . GLU A 1 190 ? -13.051 12.774  -2.717  1.00 18.44 ? 190 GLU A O   1 
ATOM   1295 C CB  . GLU A 1 190 ? -13.146 9.495   -2.397  1.00 20.71 ? 190 GLU A CB  1 
ATOM   1296 C CG  . GLU A 1 190 ? -13.055 8.052   -2.898  1.00 24.94 ? 190 GLU A CG  1 
ATOM   1297 C CD  . GLU A 1 190 ? -13.028 7.054   -1.746  1.00 30.63 ? 190 GLU A CD  1 
ATOM   1298 O OE1 . GLU A 1 190 ? -13.225 7.480   -0.599  1.00 31.06 ? 190 GLU A OE1 1 
ATOM   1299 O OE2 . GLU A 1 190 ? -12.802 5.846   -1.974  1.00 36.78 ? 190 GLU A OE2 1 
ATOM   1300 N N   . GLN A 1 191 ? -15.096 11.858  -2.768  1.00 20.11 ? 191 GLN A N   1 
ATOM   1301 C CA  . GLN A 1 191 ? -15.783 12.970  -2.153  1.00 22.78 ? 191 GLN A CA  1 
ATOM   1302 C C   . GLN A 1 191 ? -16.327 12.363  -0.838  1.00 22.17 ? 191 GLN A C   1 
ATOM   1303 O O   . GLN A 1 191 ? -17.216 11.501  -0.840  1.00 26.12 ? 191 GLN A O   1 
ATOM   1304 C CB  . GLN A 1 191 ? -16.903 13.421  -3.131  1.00 30.22 ? 191 GLN A CB  1 
ATOM   1305 C CG  . GLN A 1 191 ? -17.729 14.588  -2.663  1.00 39.59 ? 191 GLN A CG  1 
ATOM   1306 C CD  . GLN A 1 191 ? -16.981 15.837  -2.969  1.00 48.10 ? 191 GLN A CD  1 
ATOM   1307 O OE1 . GLN A 1 191 ? -15.893 16.053  -2.429  1.00 47.82 ? 191 GLN A OE1 1 
ATOM   1308 N NE2 . GLN A 1 191 ? -17.502 16.630  -3.895  1.00 43.27 ? 191 GLN A NE2 1 
ATOM   1309 N N   . PRO A 1 192 ? -15.740 12.716  0.306   1.00 17.16 ? 192 PRO A N   1 
ATOM   1310 C CA  . PRO A 1 192 ? -14.702 13.698  0.552   1.00 18.26 ? 192 PRO A CA  1 
ATOM   1311 C C   . PRO A 1 192 ? -13.270 13.088  0.464   1.00 16.24 ? 192 PRO A C   1 
ATOM   1312 O O   . PRO A 1 192 ? -13.087 11.868  0.667   1.00 16.08 ? 192 PRO A O   1 
ATOM   1313 C CB  . PRO A 1 192 ? -14.945 14.070  2.052   1.00 18.32 ? 192 PRO A CB  1 
ATOM   1314 C CG  . PRO A 1 192 ? -15.365 12.757  2.648   1.00 18.52 ? 192 PRO A CG  1 
ATOM   1315 C CD  . PRO A 1 192 ? -16.276 12.116  1.570   1.00 20.25 ? 192 PRO A CD  1 
ATOM   1316 N N   . SER A 1 193 ? -12.243 13.944  0.294   1.00 15.43 ? 193 SER A N   1 
ATOM   1317 C CA  . SER A 1 193 ? -10.876 13.445  0.391   1.00 13.62 ? 193 SER A CA  1 
ATOM   1318 C C   . SER A 1 193 ? -10.005 14.683  0.658   1.00 17.12 ? 193 SER A C   1 
ATOM   1319 O O   . SER A 1 193 ? -10.460 15.790  0.376   1.00 17.51 ? 193 SER A O   1 
ATOM   1320 C CB  . SER A 1 193 ? -10.409 12.733  -0.921  1.00 14.58 ? 193 SER A CB  1 
ATOM   1321 O OG  . SER A 1 193 ? -10.553 13.604  -2.071  1.00 15.41 ? 193 SER A OG  1 
ATOM   1322 N N   . VAL A 1 194 ? -8.781  14.487  1.134   1.00 14.26 ? 194 VAL A N   1 
ATOM   1323 C CA  . VAL A 1 194 ? -7.776  15.566  1.221   1.00 14.84 ? 194 VAL A CA  1 
ATOM   1324 C C   . VAL A 1 194 ? -7.146  15.569  -0.183  1.00 15.28 ? 194 VAL A C   1 
ATOM   1325 O O   . VAL A 1 194 ? -6.891  14.494  -0.748  1.00 13.75 ? 194 VAL A O   1 
ATOM   1326 C CB  . VAL A 1 194 ? -6.763  15.168  2.296   1.00 15.99 ? 194 VAL A CB  1 
ATOM   1327 C CG1 . VAL A 1 194 ? -5.649  16.194  2.512   1.00 14.87 ? 194 VAL A CG1 1 
ATOM   1328 C CG2 . VAL A 1 194 ? -7.510  14.986  3.669   1.00 18.64 ? 194 VAL A CG2 1 
ATOM   1329 N N   . PRO A 1 195 ? -6.884  16.760  -0.739  1.00 15.95 ? 195 PRO A N   1 
ATOM   1330 C CA  . PRO A 1 195 ? -6.162  16.818  -2.042  1.00 16.14 ? 195 PRO A CA  1 
ATOM   1331 C C   . PRO A 1 195 ? -4.853  16.023  -1.929  1.00 14.84 ? 195 PRO A C   1 
ATOM   1332 O O   . PRO A 1 195 ? -4.108  16.093  -0.944  1.00 13.25 ? 195 PRO A O   1 
ATOM   1333 C CB  . PRO A 1 195 ? -5.859  18.323  -2.164  1.00 15.40 ? 195 PRO A CB  1 
ATOM   1334 C CG  . PRO A 1 195 ? -7.131  18.970  -1.539  1.00 17.91 ? 195 PRO A CG  1 
ATOM   1335 C CD  . PRO A 1 195 ? -7.228  18.124  -0.247  1.00 16.04 ? 195 PRO A CD  1 
ATOM   1336 N N   . GLU A 1 196 ? -4.484  15.345  -2.993  1.00 13.23 ? 196 GLU A N   1 
ATOM   1337 C CA  . GLU A 1 196 ? -3.274  14.589  -2.957  1.00 14.76 ? 196 GLU A CA  1 
ATOM   1338 C C   . GLU A 1 196 ? -2.002  15.387  -2.613  1.00 13.19 ? 196 GLU A C   1 
ATOM   1339 O O   . GLU A 1 196 ? -1.107  14.903  -1.926  1.00 15.20 ? 196 GLU A O   1 
ATOM   1340 C CB  . GLU A 1 196 ? -3.175  13.852  -4.317  1.00 17.93 ? 196 GLU A CB  1 
ATOM   1341 C CG  . GLU A 1 196 ? -1.927  12.980  -4.423  1.00 23.60 ? 196 GLU A CG  1 
ATOM   1342 C CD  . GLU A 1 196 ? -1.962  12.003  -5.666  1.00 30.56 ? 196 GLU A CD  1 
ATOM   1343 O OE1 . GLU A 1 196 ? -2.984  11.939  -6.361  1.00 37.97 ? 196 GLU A OE1 1 
ATOM   1344 O OE2 . GLU A 1 196 ? -1.000  11.242  -5.913  1.00 34.83 ? 196 GLU A OE2 1 
ATOM   1345 N N   . ALA A 1 197 ? -1.933  16.650  -3.028  1.00 15.07 ? 197 ALA A N   1 
ATOM   1346 C CA  . ALA A 1 197 ? -0.793  17.514  -2.652  1.00 16.01 ? 197 ALA A CA  1 
ATOM   1347 C C   . ALA A 1 197 ? -0.836  17.991  -1.229  1.00 16.50 ? 197 ALA A C   1 
ATOM   1348 O O   . ALA A 1 197 ? 0.080   18.674  -0.816  1.00 17.61 ? 197 ALA A O   1 
ATOM   1349 C CB  . ALA A 1 197 ? -0.797  18.787  -3.525  1.00 18.90 ? 197 ALA A CB  1 
ATOM   1350 N N   . ARG A 1 198 ? -1.864  17.669  -0.464  1.00 13.58 ? 198 ARG A N   1 
ATOM   1351 C CA  . ARG A 1 198 ? -1.897  18.063  0.988   1.00 12.75 ? 198 ARG A CA  1 
ATOM   1352 C C   . ARG A 1 198 ? -1.971  16.877  1.927   1.00 12.65 ? 198 ARG A C   1 
ATOM   1353 O O   . ARG A 1 198 ? -1.880  17.033  3.133   1.00 11.85 ? 198 ARG A O   1 
ATOM   1354 C CB  . ARG A 1 198 ? -3.161  18.949  1.230   1.00 15.21 ? 198 ARG A CB  1 
ATOM   1355 C CG  . ARG A 1 198 ? -3.088  20.293  0.457   1.00 19.98 ? 198 ARG A CG  1 
ATOM   1356 C CD  . ARG A 1 198 ? -2.121  21.285  1.115   1.00 20.61 ? 198 ARG A CD  1 
ATOM   1357 N NE  . ARG A 1 198 ? -2.259  21.206  2.585   1.00 24.25 ? 198 ARG A NE  1 
ATOM   1358 C CZ  . ARG A 1 198 ? -1.243  21.252  3.445   1.00 23.51 ? 198 ARG A CZ  1 
ATOM   1359 N NH1 . ARG A 1 198 ? -0.029  21.555  2.992   1.00 24.59 ? 198 ARG A NH1 1 
ATOM   1360 N NH2 . ARG A 1 198 ? -1.422  21.108  4.760   1.00 21.80 ? 198 ARG A NH2 1 
ATOM   1361 N N   . VAL A 1 199 ? -2.083  15.667  1.376   1.00 12.57 ? 199 VAL A N   1 
ATOM   1362 C CA  . VAL A 1 199 ? -2.401  14.517  2.210   1.00 13.50 ? 199 VAL A CA  1 
ATOM   1363 C C   . VAL A 1 199 ? -1.177  14.084  3.084   1.00 13.01 ? 199 VAL A C   1 
ATOM   1364 O O   . VAL A 1 199 ? -1.309  13.772  4.260   1.00 11.96 ? 199 VAL A O   1 
ATOM   1365 C CB  . VAL A 1 199 ? -3.121  13.410  1.381   1.00 13.42 ? 199 VAL A CB  1 
ATOM   1366 C CG1 . VAL A 1 199 ? -2.110  12.717  0.535   1.00 13.61 ? 199 VAL A CG1 1 
ATOM   1367 C CG2 . VAL A 1 199 ? -3.778  12.384  2.351   1.00 13.81 ? 199 VAL A CG2 1 
ATOM   1368 N N   . LEU A 1 200 ? 0.050   14.204  2.553   1.00 13.44 ? 200 LEU A N   1 
ATOM   1369 C CA  . LEU A 1 200 ? 1.198   13.791  3.339   1.00 13.11 ? 200 LEU A CA  1 
ATOM   1370 C C   . LEU A 1 200 ? 1.332   14.670  4.574   1.00 13.92 ? 200 LEU A C   1 
ATOM   1371 O O   . LEU A 1 200 ? 1.424   14.152  5.709   1.00 15.59 ? 200 LEU A O   1 
ATOM   1372 C CB  . LEU A 1 200 ? 2.503   13.728  2.440   1.00 13.47 ? 200 LEU A CB  1 
ATOM   1373 C CG  . LEU A 1 200 ? 3.743   13.275  3.166   1.00 13.97 ? 200 LEU A CG  1 
ATOM   1374 C CD1 . LEU A 1 200 ? 3.578   11.861  3.761   1.00 14.26 ? 200 LEU A CD1 1 
ATOM   1375 C CD2 . LEU A 1 200 ? 4.916   13.488  2.115   1.00 14.09 ? 200 LEU A CD2 1 
ATOM   1376 N N   . ASP A 1 201 ? 1.272   15.980  4.381   1.00 14.12 ? 201 ASP A N   1 
ATOM   1377 C CA  . ASP A 1 201 ? 1.403   16.964  5.462   1.00 16.42 ? 201 ASP A CA  1 
ATOM   1378 C C   . ASP A 1 201 ? 0.290   16.741  6.512   1.00 15.62 ? 201 ASP A C   1 
ATOM   1379 O O   . ASP A 1 201 ? 0.520   16.890  7.756   1.00 13.33 ? 201 ASP A O   1 
ATOM   1380 C CB  . ASP A 1 201 ? 1.213   18.419  4.929   1.00 21.51 ? 201 ASP A CB  1 
ATOM   1381 C CG  . ASP A 1 201 ? 2.576   19.122  4.436   1.00 33.76 ? 201 ASP A CG  1 
ATOM   1382 O OD1 . ASP A 1 201 ? 3.694   18.533  4.548   1.00 29.48 ? 201 ASP A OD1 1 
ATOM   1383 O OD2 . ASP A 1 201 ? 2.494   20.302  3.949   1.00 36.23 ? 201 ASP A OD2 1 
ATOM   1384 N N   . THR A 1 202 ? -0.905  16.469  5.998   1.00 13.16 ? 202 THR A N   1 
ATOM   1385 C CA  . THR A 1 202 ? -2.089  16.278  6.883   1.00 12.76 ? 202 THR A CA  1 
ATOM   1386 C C   . THR A 1 202 ? -1.809  15.076  7.780   1.00 12.50 ? 202 THR A C   1 
ATOM   1387 O O   . THR A 1 202 ? -1.960  15.124  9.013   1.00 12.16 ? 202 THR A O   1 
ATOM   1388 C CB  . THR A 1 202 ? -3.348  16.048  6.026   1.00 13.76 ? 202 THR A CB  1 
ATOM   1389 O OG1 . THR A 1 202 ? -3.556  17.206  5.215   1.00 13.87 ? 202 THR A OG1 1 
ATOM   1390 C CG2 . THR A 1 202 ? -4.636  15.880  6.966   1.00 14.78 ? 202 THR A CG2 1 
ATOM   1391 N N   . LEU A 1 203 ? -1.432  13.945  7.194   1.00 11.44 ? 203 LEU A N   1 
ATOM   1392 C CA  . LEU A 1 203 ? -1.150  12.753  7.999   1.00 12.47 ? 203 LEU A CA  1 
ATOM   1393 C C   . LEU A 1 203 ? 0.005   12.875  8.931   1.00 12.66 ? 203 LEU A C   1 
ATOM   1394 O O   . LEU A 1 203 ? -0.084  12.489  10.087  1.00 10.93 ? 203 LEU A O   1 
ATOM   1395 C CB  . LEU A 1 203 ? -0.899  11.547  7.039   1.00 11.48 ? 203 LEU A CB  1 
ATOM   1396 C CG  . LEU A 1 203 ? -2.221  11.247  6.247   1.00 11.76 ? 203 LEU A CG  1 
ATOM   1397 C CD1 . LEU A 1 203 ? -1.772  10.140  5.223   1.00 12.99 ? 203 LEU A CD1 1 
ATOM   1398 C CD2 . LEU A 1 203 ? -3.475  10.782  7.037   1.00 12.28 ? 203 LEU A CD2 1 
ATOM   1399 N N   . VAL A 1 204 ? 1.069   13.525  8.478   1.00 12.22 ? 204 VAL A N   1 
ATOM   1400 C CA  . VAL A 1 204 ? 2.240   13.658  9.365   1.00 12.53 ? 204 VAL A CA  1 
ATOM   1401 C C   . VAL A 1 204 ? 1.864   14.496  10.625  1.00 12.93 ? 204 VAL A C   1 
ATOM   1402 O O   . VAL A 1 204 ? 2.210   14.118  11.748  1.00 13.86 ? 204 VAL A O   1 
ATOM   1403 C CB  . VAL A 1 204 ? 3.398   14.347  8.624   1.00 12.58 ? 204 VAL A CB  1 
ATOM   1404 C CG1 . VAL A 1 204 ? 4.484   14.792  9.635   1.00 13.22 ? 204 VAL A CG1 1 
ATOM   1405 C CG2 . VAL A 1 204 ? 4.021   13.380  7.567   1.00 11.99 ? 204 VAL A CG2 1 
ATOM   1406 N N   . HIS A 1 205 ? 1.129   15.583  10.447  1.00 12.46 ? 205 HIS A N   1 
ATOM   1407 C CA  . HIS A 1 205 ? 0.675   16.364  11.597  1.00 13.51 ? 205 HIS A CA  1 
ATOM   1408 C C   . HIS A 1 205 ? -0.077  15.511  12.622  1.00 13.67 ? 205 HIS A C   1 
ATOM   1409 O O   . HIS A 1 205 ? 0.161   15.580  13.862  1.00 12.64 ? 205 HIS A O   1 
ATOM   1410 C CB  . HIS A 1 205 ? -0.211  17.509  11.137  1.00 13.13 ? 205 HIS A CB  1 
ATOM   1411 C CG  . HIS A 1 205 ? -0.935  18.206  12.287  1.00 14.28 ? 205 HIS A CG  1 
ATOM   1412 N ND1 . HIS A 1 205 ? -0.332  19.198  13.030  1.00 14.11 ? 205 HIS A ND1 1 
ATOM   1413 C CD2 . HIS A 1 205 ? -2.153  17.952  12.871  1.00 12.66 ? 205 HIS A CD2 1 
ATOM   1414 C CE1 . HIS A 1 205 ? -1.160  19.604  14.038  1.00 15.88 ? 205 HIS A CE1 1 
ATOM   1415 N NE2 . HIS A 1 205 ? -2.289  18.838  13.968  1.00 15.66 ? 205 HIS A NE2 1 
ATOM   1416 N N   . ILE A 1 206 ? -1.028  14.701  12.123  1.00 13.47 ? 206 ILE A N   1 
ATOM   1417 C CA  . ILE A 1 206 ? -1.857  13.900  13.038  1.00 12.13 ? 206 ILE A CA  1 
ATOM   1418 C C   . ILE A 1 206 ? -1.000  12.813  13.737  1.00 12.39 ? 206 ILE A C   1 
ATOM   1419 O O   . ILE A 1 206 ? -1.158  12.588  14.917  1.00 12.16 ? 206 ILE A O   1 
ATOM   1420 C CB  . ILE A 1 206 ? -3.092  13.310  12.309  1.00 11.54 ? 206 ILE A CB  1 
ATOM   1421 C CG1 . ILE A 1 206 ? -3.998  14.442  11.818  1.00 12.87 ? 206 ILE A CG1 1 
ATOM   1422 C CG2 . ILE A 1 206 ? -3.863  12.385  13.311  1.00 10.85 ? 206 ILE A CG2 1 
ATOM   1423 C CD1 . ILE A 1 206 ? -4.977  13.953  10.719  1.00 12.42 ? 206 ILE A CD1 1 
ATOM   1424 N N   . TRP A 1 207 ? -0.026  12.228  13.040  1.00 11.35 ? 207 TRP A N   1 
ATOM   1425 C CA  . TRP A 1 207 ? 0.831   11.252  13.668  1.00 12.44 ? 207 TRP A CA  1 
ATOM   1426 C C   . TRP A 1 207 ? 1.686   11.894  14.693  1.00 13.20 ? 207 TRP A C   1 
ATOM   1427 O O   . TRP A 1 207 ? 1.791   11.372  15.814  1.00 11.77 ? 207 TRP A O   1 
ATOM   1428 C CB  . TRP A 1 207 ? 1.731   10.534  12.638  1.00 12.11 ? 207 TRP A CB  1 
ATOM   1429 C CG  . TRP A 1 207 ? 1.079   9.412   11.836  1.00 12.90 ? 207 TRP A CG  1 
ATOM   1430 C CD1 . TRP A 1 207 ? -0.084  9.483   11.044  1.00 13.34 ? 207 TRP A CD1 1 
ATOM   1431 C CD2 . TRP A 1 207 ? 1.563   8.044   11.668  1.00 14.54 ? 207 TRP A CD2 1 
ATOM   1432 N NE1 . TRP A 1 207 ? -0.361  8.272   10.498  1.00 12.87 ? 207 TRP A NE1 1 
ATOM   1433 C CE2 . TRP A 1 207 ? 0.596   7.365   10.830  1.00 13.76 ? 207 TRP A CE2 1 
ATOM   1434 C CE3 . TRP A 1 207 ? 2.661   7.295   12.180  1.00 13.58 ? 207 TRP A CE3 1 
ATOM   1435 C CZ2 . TRP A 1 207 ? 0.746   6.003   10.457  1.00 14.13 ? 207 TRP A CZ2 1 
ATOM   1436 C CZ3 . TRP A 1 207 ? 2.804   5.960   11.804  1.00 13.99 ? 207 TRP A CZ3 1 
ATOM   1437 C CH2 . TRP A 1 207 ? 1.850   5.288   11.000  1.00 14.43 ? 207 TRP A CH2 1 
ATOM   1438 N N   . VAL A 1 208 ? 2.298   13.017  14.346  1.00 12.79 ? 208 VAL A N   1 
ATOM   1439 C CA  . VAL A 1 208 ? 3.273   13.640  15.308  1.00 15.82 ? 208 VAL A CA  1 
ATOM   1440 C C   . VAL A 1 208 ? 2.591   14.186  16.578  1.00 14.87 ? 208 VAL A C   1 
ATOM   1441 O O   . VAL A 1 208 ? 3.078   13.962  17.718  1.00 15.62 ? 208 VAL A O   1 
ATOM   1442 C CB  . VAL A 1 208 ? 4.120   14.730  14.569  1.00 17.82 ? 208 VAL A CB  1 
ATOM   1443 C CG1 . VAL A 1 208 ? 4.944   15.529  15.570  1.00 24.49 ? 208 VAL A CG1 1 
ATOM   1444 C CG2 . VAL A 1 208 ? 4.992   13.973  13.514  1.00 18.54 ? 208 VAL A CG2 1 
ATOM   1445 N N   . THR A 1 209 ? 1.451   14.831  16.399  1.00 13.56 ? 209 THR A N   1 
ATOM   1446 C CA  . THR A 1 209 ? 0.758   15.386  17.553  1.00 16.04 ? 209 THR A CA  1 
ATOM   1447 C C   . THR A 1 209 ? 0.200   14.232  18.412  1.00 17.70 ? 209 THR A C   1 
ATOM   1448 O O   . THR A 1 209 ? 0.238   14.320  19.624  1.00 17.00 ? 209 THR A O   1 
ATOM   1449 C CB  . THR A 1 209 ? -0.344  16.359  17.206  1.00 16.56 ? 209 THR A CB  1 
ATOM   1450 O OG1 . THR A 1 209 ? -1.189  15.752  16.259  1.00 16.03 ? 209 THR A OG1 1 
ATOM   1451 C CG2 . THR A 1 209 ? 0.228   17.698  16.606  1.00 17.39 ? 209 THR A CG2 1 
ATOM   1452 N N   . SER A 1 210 ? -0.268  13.120  17.810  1.00 14.47 ? 210 SER A N   1 
ATOM   1453 C CA  . SER A 1 210 ? -0.881  12.110  18.640  1.00 13.71 ? 210 SER A CA  1 
ATOM   1454 C C   . SER A 1 210 ? 0.193   11.232  19.319  1.00 14.27 ? 210 SER A C   1 
ATOM   1455 O O   . SER A 1 210 ? -0.037  10.691  20.402  1.00 12.66 ? 210 SER A O   1 
ATOM   1456 C CB  . SER A 1 210 ? -1.921  11.243  17.844  1.00 15.70 ? 210 SER A CB  1 
ATOM   1457 O OG  . SER A 1 210 ? -1.229  10.450  16.896  1.00 16.32 ? 210 SER A OG  1 
ATOM   1458 N N   . ILE A 1 211 ? 1.342   11.051  18.673  1.00 13.78 ? 211 ILE A N   1 
ATOM   1459 C CA  . ILE A 1 211 ? 2.417   10.263  19.271  1.00 14.15 ? 211 ILE A CA  1 
ATOM   1460 C C   . ILE A 1 211 ? 3.131   11.075  20.399  1.00 16.62 ? 211 ILE A C   1 
ATOM   1461 O O   . ILE A 1 211 ? 3.494   10.488  21.437  1.00 13.84 ? 211 ILE A O   1 
ATOM   1462 C CB  . ILE A 1 211 ? 3.374   9.808   18.194  1.00 14.49 ? 211 ILE A CB  1 
ATOM   1463 C CG1 . ILE A 1 211 ? 2.705   8.677   17.342  1.00 11.42 ? 211 ILE A CG1 1 
ATOM   1464 C CG2 . ILE A 1 211 ? 4.693   9.290   18.775  1.00 13.29 ? 211 ILE A CG2 1 
ATOM   1465 C CD1 . ILE A 1 211 ? 3.514   8.343   16.012  1.00 12.48 ? 211 ILE A CD1 1 
ATOM   1466 N N   . TYR A 1 212 ? 3.342   12.378  20.177  1.00 15.14 ? 212 TYR A N   1 
ATOM   1467 C CA  . TYR A 1 212 ? 4.170   13.176  21.101  1.00 17.94 ? 212 TYR A CA  1 
ATOM   1468 C C   . TYR A 1 212 ? 3.389   14.039  22.029  1.00 19.19 ? 212 TYR A C   1 
ATOM   1469 O O   . TYR A 1 212 ? 3.965   14.563  22.947  1.00 19.30 ? 212 TYR A O   1 
ATOM   1470 C CB  . TYR A 1 212 ? 5.228   14.001  20.339  1.00 16.63 ? 212 TYR A CB  1 
ATOM   1471 C CG  . TYR A 1 212 ? 6.184   13.085  19.626  1.00 19.25 ? 212 TYR A CG  1 
ATOM   1472 C CD1 . TYR A 1 212 ? 7.270   12.476  20.303  1.00 18.77 ? 212 TYR A CD1 1 
ATOM   1473 C CD2 . TYR A 1 212 ? 6.018   12.826  18.249  1.00 17.71 ? 212 TYR A CD2 1 
ATOM   1474 C CE1 . TYR A 1 212 ? 8.129   11.618  19.637  1.00 19.67 ? 212 TYR A CE1 1 
ATOM   1475 C CE2 . TYR A 1 212 ? 6.893   12.012  17.589  1.00 18.99 ? 212 TYR A CE2 1 
ATOM   1476 C CZ  . TYR A 1 212 ? 7.954   11.417  18.275  1.00 21.27 ? 212 TYR A CZ  1 
ATOM   1477 O OH  . TYR A 1 212 ? 8.772   10.550  17.550  1.00 21.92 ? 212 TYR A OH  1 
ATOM   1478 N N   . GLY A 1 213 ? 2.078   14.198  21.819  1.00 19.69 ? 213 GLY A N   1 
ATOM   1479 C CA  . GLY A 1 213 ? 1.238   15.157  22.564  1.00 22.20 ? 213 GLY A CA  1 
ATOM   1480 C C   . GLY A 1 213 ? 0.754   14.513  23.871  1.00 24.04 ? 213 GLY A C   1 
ATOM   1481 O O   . GLY A 1 213 ? 0.486   13.333  23.918  1.00 20.69 ? 213 GLY A O   1 
ATOM   1482 N N   . GLU A 1 214 ? 0.693   15.281  24.969  1.00 30.70 ? 214 GLU A N   1 
ATOM   1483 C CA  . GLU A 1 214 ? 0.448   14.707  26.359  1.00 37.56 ? 214 GLU A CA  1 
ATOM   1484 C C   . GLU A 1 214 ? -1.016  14.524  26.678  1.00 40.29 ? 214 GLU A C   1 
ATOM   1485 O O   . GLU A 1 214 ? -1.837  15.352  26.271  1.00 43.77 ? 214 GLU A O   1 
ATOM   1486 C CB  . GLU A 1 214 ? 1.139   15.549  27.464  1.00 38.74 ? 214 GLU A CB  1 
ATOM   1487 C CG  . GLU A 1 214 ? 1.445   14.738  28.713  1.00 42.87 ? 214 GLU A CG  1 
HETATM 1488 O O1  . 6FG B 2 .   ? 0.895   4.942   5.969   1.00 27.96 ? 301 6FG A O1  1 
HETATM 1489 C C6  . 6FG B 2 .   ? 0.891   3.716   6.172   1.00 24.07 ? 301 6FG A C6  1 
HETATM 1490 N N   . 6FG B 2 .   ? -0.023  2.862   5.540   1.00 30.53 ? 301 6FG A N   1 
HETATM 1491 C C10 . 6FG B 2 .   ? -0.814  3.206   4.347   1.00 25.31 ? 301 6FG A C10 1 
HETATM 1492 C C9  . 6FG B 2 .   ? -1.507  1.932   3.884   1.00 30.99 ? 301 6FG A C9  1 
HETATM 1493 C C8  . 6FG B 2 .   ? -1.125  0.962   4.961   1.00 31.97 ? 301 6FG A C8  1 
HETATM 1494 C C7  . 6FG B 2 .   ? -0.211  1.550   6.037   1.00 27.54 ? 301 6FG A C7  1 
HETATM 1495 C C5  . 6FG B 2 .   ? 1.975   3.230   7.082   1.00 20.06 ? 301 6FG A C5  1 
HETATM 1496 C C4  . 6FG B 2 .   ? 2.826   4.450   7.364   1.00 24.32 ? 301 6FG A C4  1 
HETATM 1497 C C3  . 6FG B 2 .   ? 3.903   3.955   8.184   1.00 30.92 ? 301 6FG A C3  1 
HETATM 1498 C C   . 6FG B 2 .   ? 4.968   4.699   8.603   1.00 36.86 ? 301 6FG A C   1 
HETATM 1499 C C2  . 6FG B 2 .   ? 3.948   2.638   8.629   1.00 30.68 ? 301 6FG A C2  1 
HETATM 1500 O O   . 6FG B 2 .   ? 5.102   2.621   9.374   1.00 36.74 ? 301 6FG A O   1 
HETATM 1501 C C1  . 6FG B 2 .   ? 5.741   3.858   9.377   1.00 42.79 ? 301 6FG A C1  1 
HETATM 1502 O O   . HOH C 3 .   ? 6.882   12.569  -1.926  1.00 18.73 ? 401 HOH A O   1 
HETATM 1503 O O   . HOH C 3 .   ? 3.697   -2.201  21.720  1.00 28.11 ? 402 HOH A O   1 
HETATM 1504 O O   . HOH C 3 .   ? 3.176   8.387   22.852  1.00 19.06 ? 403 HOH A O   1 
HETATM 1505 O O   . HOH C 3 .   ? -3.513  19.998  5.816   1.00 26.64 ? 404 HOH A O   1 
HETATM 1506 O O   . HOH C 3 .   ? -4.907  -3.898  22.386  0.50 22.70 ? 405 HOH A O   1 
HETATM 1507 O O   . HOH C 3 .   ? -14.229 9.363   0.982   1.00 21.62 ? 406 HOH A O   1 
HETATM 1508 O O   . HOH C 3 .   ? 5.420   -3.846  18.104  1.00 21.39 ? 407 HOH A O   1 
HETATM 1509 O O   . HOH C 3 .   ? 6.741   -5.439  12.067  1.00 25.89 ? 408 HOH A O   1 
HETATM 1510 O O   . HOH C 3 .   ? -2.581  -13.992 0.296   1.00 28.27 ? 409 HOH A O   1 
HETATM 1511 O O   . HOH C 3 .   ? -11.455 0.529   -5.120  1.00 34.30 ? 410 HOH A O   1 
HETATM 1512 O O   . HOH C 3 .   ? -1.330  0.830   -11.011 1.00 23.97 ? 411 HOH A O   1 
HETATM 1513 O O   . HOH C 3 .   ? 4.782   9.497   30.142  1.00 30.74 ? 412 HOH A O   1 
HETATM 1514 O O   . HOH C 3 .   ? 2.722   18.294  8.513   1.00 19.16 ? 413 HOH A O   1 
HETATM 1515 O O   . HOH C 3 .   ? 2.064   -9.959  9.788   1.00 23.66 ? 414 HOH A O   1 
HETATM 1516 O O   . HOH C 3 .   ? 10.483  -0.843  20.795  1.00 30.09 ? 415 HOH A O   1 
HETATM 1517 O O   . HOH C 3 .   ? -10.522 -5.572  -8.594  1.00 29.39 ? 416 HOH A O   1 
HETATM 1518 O O   . HOH C 3 .   ? -8.115  11.797  1.618   1.00 20.26 ? 417 HOH A O   1 
HETATM 1519 O O   . HOH C 3 .   ? -7.659  -7.222  4.534   1.00 24.54 ? 418 HOH A O   1 
HETATM 1520 O O   . HOH C 3 .   ? 0.867   15.343  0.018   1.00 15.63 ? 419 HOH A O   1 
HETATM 1521 O O   . HOH C 3 .   ? 10.494  8.600   1.909   1.00 19.60 ? 420 HOH A O   1 
HETATM 1522 O O   . HOH C 3 .   ? -2.550  -21.894 -14.104 1.00 34.57 ? 421 HOH A O   1 
HETATM 1523 O O   . HOH C 3 .   ? 0.213   -5.983  14.601  1.00 18.37 ? 422 HOH A O   1 
HETATM 1524 O O   . HOH C 3 .   ? 1.849   0.750   25.241  1.00 29.68 ? 423 HOH A O   1 
HETATM 1525 O O   . HOH C 3 .   ? 0.592   -18.336 -27.376 1.00 25.88 ? 424 HOH A O   1 
HETATM 1526 O O   . HOH C 3 .   ? -16.700 9.740   -3.853  1.00 39.14 ? 425 HOH A O   1 
HETATM 1527 O O   . HOH C 3 .   ? -1.905  3.474   -11.987 1.00 31.90 ? 426 HOH A O   1 
HETATM 1528 O O   . HOH C 3 .   ? -11.270 -3.747  -10.388 1.00 35.30 ? 427 HOH A O   1 
HETATM 1529 O O   . HOH C 3 .   ? 1.394   17.289  1.811   1.00 17.06 ? 428 HOH A O   1 
HETATM 1530 O O   . HOH C 3 .   ? 0.699   -1.338  23.236  1.00 32.02 ? 429 HOH A O   1 
HETATM 1531 O O   . HOH C 3 .   ? -10.310 -15.191 -15.063 1.00 30.32 ? 430 HOH A O   1 
HETATM 1532 O O   . HOH C 3 .   ? -3.528  17.618  -5.290  1.00 16.46 ? 431 HOH A O   1 
HETATM 1533 O O   . HOH C 3 .   ? -0.539  5.550   -10.669 1.00 24.41 ? 432 HOH A O   1 
HETATM 1534 O O   . HOH C 3 .   ? -17.853 9.137   0.806   1.00 32.51 ? 433 HOH A O   1 
HETATM 1535 O O   . HOH C 3 .   ? 10.349  17.202  14.955  1.00 30.09 ? 434 HOH A O   1 
HETATM 1536 O O   . HOH C 3 .   ? -9.700  2.024   3.333   1.00 28.51 ? 435 HOH A O   1 
HETATM 1537 O O   . HOH C 3 .   ? 2.843   -8.805  12.510  1.00 37.86 ? 436 HOH A O   1 
HETATM 1538 O O   . HOH C 3 .   ? -10.977 -1.356  -9.799  1.00 34.03 ? 437 HOH A O   1 
HETATM 1539 O O   . HOH C 3 .   ? -3.652  -20.682 -30.147 1.00 25.53 ? 438 HOH A O   1 
HETATM 1540 O O   . HOH C 3 .   ? -2.337  -5.859  13.930  1.00 26.81 ? 439 HOH A O   1 
HETATM 1541 O O   . HOH C 3 .   ? 3.298   15.629  -1.240  1.00 25.66 ? 440 HOH A O   1 
# 
